data_7ZE6
# 
_entry.id   7ZE6 
# 
_audit_conform.dict_name       mmcif_pdbx.dic 
_audit_conform.dict_version    5.384 
_audit_conform.dict_location   http://mmcif.pdb.org/dictionaries/ascii/mmcif_pdbx.dic 
# 
loop_
_database_2.database_id 
_database_2.database_code 
_database_2.pdbx_database_accession 
_database_2.pdbx_DOI 
PDB   7ZE6         pdb_00007ze6 10.2210/pdb7ze6/pdb 
WWPDB D_1292122093 ?            ?                   
# 
loop_
_pdbx_audit_revision_history.ordinal 
_pdbx_audit_revision_history.data_content_type 
_pdbx_audit_revision_history.major_revision 
_pdbx_audit_revision_history.minor_revision 
_pdbx_audit_revision_history.revision_date 
1 'Structure model' 1 0 2022-11-23 
2 'Structure model' 1 1 2022-12-07 
3 'Structure model' 1 2 2023-01-11 
4 'Structure model' 1 3 2024-01-31 
# 
_pdbx_audit_revision_details.ordinal             1 
_pdbx_audit_revision_details.revision_ordinal    1 
_pdbx_audit_revision_details.data_content_type   'Structure model' 
_pdbx_audit_revision_details.provider            repository 
_pdbx_audit_revision_details.type                'Initial release' 
_pdbx_audit_revision_details.description         ? 
_pdbx_audit_revision_details.details             ? 
# 
loop_
_pdbx_audit_revision_group.ordinal 
_pdbx_audit_revision_group.revision_ordinal 
_pdbx_audit_revision_group.data_content_type 
_pdbx_audit_revision_group.group 
1 2 'Structure model' 'Database references'    
2 3 'Structure model' 'Database references'    
3 4 'Structure model' 'Data collection'        
4 4 'Structure model' 'Refinement description' 
# 
loop_
_pdbx_audit_revision_category.ordinal 
_pdbx_audit_revision_category.revision_ordinal 
_pdbx_audit_revision_category.data_content_type 
_pdbx_audit_revision_category.category 
1 2 'Structure model' citation                      
2 2 'Structure model' citation_author               
3 3 'Structure model' citation_author               
4 4 'Structure model' chem_comp_atom                
5 4 'Structure model' chem_comp_bond                
6 4 'Structure model' pdbx_initial_refinement_model 
# 
loop_
_pdbx_audit_revision_item.ordinal 
_pdbx_audit_revision_item.revision_ordinal 
_pdbx_audit_revision_item.data_content_type 
_pdbx_audit_revision_item.item 
1 2 'Structure model' '_citation.journal_volume'          
2 2 'Structure model' '_citation.page_first'              
3 2 'Structure model' '_citation.page_last'               
4 2 'Structure model' '_citation_author.identifier_ORCID' 
5 3 'Structure model' '_citation_author.identifier_ORCID' 
# 
_pdbx_database_status.status_code                     REL 
_pdbx_database_status.status_code_sf                  REL 
_pdbx_database_status.status_code_mr                  ? 
_pdbx_database_status.entry_id                        7ZE6 
_pdbx_database_status.recvd_initial_deposition_date   2022-03-30 
_pdbx_database_status.SG_entry                        N 
_pdbx_database_status.deposit_site                    PDBE 
_pdbx_database_status.process_site                    PDBE 
_pdbx_database_status.status_code_cs                  ? 
_pdbx_database_status.status_code_nmr_data            ? 
_pdbx_database_status.methods_development_category    ? 
_pdbx_database_status.pdb_format_compatible           Y 
# 
_pdbx_contact_author.id                 2 
_pdbx_contact_author.email              martin.noble@ncl.ac.uk 
_pdbx_contact_author.name_first         Martin 
_pdbx_contact_author.name_last          Noble 
_pdbx_contact_author.name_mi            E.M. 
_pdbx_contact_author.role               'principal investigator/group leader' 
_pdbx_contact_author.identifier_ORCID   0000-0002-3595-9807 
# 
loop_
_audit_author.name 
_audit_author.pdbx_ordinal 
_audit_author.identifier_ORCID 
'Turberville, S.' 1 0000-0003-2173-9675 
'Martin, M.P.'    2 0000-0003-4810-3351 
'Hope, I.'        3 ?                   
'Noble, M.E.M.'   4 0000-0002-3595-9807 
# 
_citation.abstract                  ? 
_citation.abstract_id_CAS           ? 
_citation.book_id_ISBN              ? 
_citation.book_publisher            ? 
_citation.book_publisher_city       ? 
_citation.book_title                ? 
_citation.coordinate_linkage        ? 
_citation.country                   US 
_citation.database_id_Medline       ? 
_citation.details                   ? 
_citation.id                        primary 
_citation.journal_abbrev            J.Med.Chem. 
_citation.journal_id_ASTM           JMCMAR 
_citation.journal_id_CSD            0151 
_citation.journal_id_ISSN           0022-2623 
_citation.journal_full              ? 
_citation.journal_issue             ? 
_citation.journal_volume            65 
_citation.language                  ? 
_citation.page_first                15416 
_citation.page_last                 15432 
_citation.title                     
;Mapping Ligand Interactions of Bromodomains BRD4 and ATAD2 with FragLites and PepLites&#9472;Halogenated Probes of Druglike and Peptide-like Molecular Interactions.
;
_citation.year                      2022 
_citation.database_id_CSD           ? 
_citation.pdbx_database_id_DOI      10.1021/acs.jmedchem.2c01357 
_citation.pdbx_database_id_PubMed   36367089 
_citation.pdbx_database_id_patent   ? 
_citation.unpublished_flag          ? 
# 
loop_
_citation_author.citation_id 
_citation_author.name 
_citation_author.ordinal 
_citation_author.identifier_ORCID 
primary 'Davison, G.'       1  0000-0001-5466-2702 
primary 'Martin, M.P.'      2  ?                   
primary 'Turberville, S.'   3  ?                   
primary 'Dormen, S.'        4  ?                   
primary 'Heath, R.'         5  ?                   
primary 'Heptinstall, A.B.' 6  ?                   
primary 'Lawson, M.'        7  ?                   
primary 'Miller, D.C.'      8  0000-0001-6846-2007 
primary 'Ng, Y.M.'          9  ?                   
primary 'Sanderson, J.N.'   10 0000-0003-1000-2897 
primary 'Hope, I.'          11 0000-0002-8002-5026 
primary 'Wood, D.J.'        12 ?                   
primary 'Cano, C.'          13 0000-0002-2032-2272 
primary 'Endicott, J.A.'    14 ?                   
primary 'Hardcastle, I.R.'  15 0000-0001-7495-3769 
primary 'Noble, M.E.M.'     16 ?                   
primary 'Waring, M.J.'      17 0000-0002-9110-8783 
# 
loop_
_entity.id 
_entity.type 
_entity.src_method 
_entity.pdbx_description 
_entity.formula_weight 
_entity.pdbx_number_of_molecules 
_entity.pdbx_ec 
_entity.pdbx_mutation 
_entity.pdbx_fragment 
_entity.details 
1 polymer     man 'Bromodomain-containing protein 4' 15294.578 1   ? ? ? ? 
2 non-polymer syn GLYCEROL                           92.094    1   ? ? ? ? 
3 non-polymer syn 6-bromo-1,3-dihydro-2H-indol-2-one 212.043   1   ? ? ? ? 
4 water       nat water                              18.015    145 ? ? ? ? 
# 
_entity_name_com.entity_id   1 
_entity_name_com.name        'Protein HUNK1' 
# 
_entity_poly.entity_id                      1 
_entity_poly.type                           'polypeptide(L)' 
_entity_poly.nstd_linkage                   no 
_entity_poly.nstd_monomer                   no 
_entity_poly.pdbx_seq_one_letter_code       
;GSHMNPPPPETSNPNKPKRQTNQLQYLLRVVLKTLWKHQFAWPFQQPVDAVKLNLPDYYKIIKTPMDMGTIKKRLENNYY
WNAQECIQDFNTMFTNCYIYNKPGDDIVLMAEALEKLFLQKINELPTEE
;
_entity_poly.pdbx_seq_one_letter_code_can   
;GSHMNPPPPETSNPNKPKRQTNQLQYLLRVVLKTLWKHQFAWPFQQPVDAVKLNLPDYYKIIKTPMDMGTIKKRLENNYY
WNAQECIQDFNTMFTNCYIYNKPGDDIVLMAEALEKLFLQKINELPTEE
;
_entity_poly.pdbx_strand_id                 A 
_entity_poly.pdbx_target_identifier         ? 
# 
loop_
_pdbx_entity_nonpoly.entity_id 
_pdbx_entity_nonpoly.name 
_pdbx_entity_nonpoly.comp_id 
2 GLYCEROL                           GOL 
3 6-bromo-1,3-dihydro-2H-indol-2-one 1P8 
4 water                              HOH 
# 
loop_
_entity_poly_seq.entity_id 
_entity_poly_seq.num 
_entity_poly_seq.mon_id 
_entity_poly_seq.hetero 
1 1   GLY n 
1 2   SER n 
1 3   HIS n 
1 4   MET n 
1 5   ASN n 
1 6   PRO n 
1 7   PRO n 
1 8   PRO n 
1 9   PRO n 
1 10  GLU n 
1 11  THR n 
1 12  SER n 
1 13  ASN n 
1 14  PRO n 
1 15  ASN n 
1 16  LYS n 
1 17  PRO n 
1 18  LYS n 
1 19  ARG n 
1 20  GLN n 
1 21  THR n 
1 22  ASN n 
1 23  GLN n 
1 24  LEU n 
1 25  GLN n 
1 26  TYR n 
1 27  LEU n 
1 28  LEU n 
1 29  ARG n 
1 30  VAL n 
1 31  VAL n 
1 32  LEU n 
1 33  LYS n 
1 34  THR n 
1 35  LEU n 
1 36  TRP n 
1 37  LYS n 
1 38  HIS n 
1 39  GLN n 
1 40  PHE n 
1 41  ALA n 
1 42  TRP n 
1 43  PRO n 
1 44  PHE n 
1 45  GLN n 
1 46  GLN n 
1 47  PRO n 
1 48  VAL n 
1 49  ASP n 
1 50  ALA n 
1 51  VAL n 
1 52  LYS n 
1 53  LEU n 
1 54  ASN n 
1 55  LEU n 
1 56  PRO n 
1 57  ASP n 
1 58  TYR n 
1 59  TYR n 
1 60  LYS n 
1 61  ILE n 
1 62  ILE n 
1 63  LYS n 
1 64  THR n 
1 65  PRO n 
1 66  MET n 
1 67  ASP n 
1 68  MET n 
1 69  GLY n 
1 70  THR n 
1 71  ILE n 
1 72  LYS n 
1 73  LYS n 
1 74  ARG n 
1 75  LEU n 
1 76  GLU n 
1 77  ASN n 
1 78  ASN n 
1 79  TYR n 
1 80  TYR n 
1 81  TRP n 
1 82  ASN n 
1 83  ALA n 
1 84  GLN n 
1 85  GLU n 
1 86  CYS n 
1 87  ILE n 
1 88  GLN n 
1 89  ASP n 
1 90  PHE n 
1 91  ASN n 
1 92  THR n 
1 93  MET n 
1 94  PHE n 
1 95  THR n 
1 96  ASN n 
1 97  CYS n 
1 98  TYR n 
1 99  ILE n 
1 100 TYR n 
1 101 ASN n 
1 102 LYS n 
1 103 PRO n 
1 104 GLY n 
1 105 ASP n 
1 106 ASP n 
1 107 ILE n 
1 108 VAL n 
1 109 LEU n 
1 110 MET n 
1 111 ALA n 
1 112 GLU n 
1 113 ALA n 
1 114 LEU n 
1 115 GLU n 
1 116 LYS n 
1 117 LEU n 
1 118 PHE n 
1 119 LEU n 
1 120 GLN n 
1 121 LYS n 
1 122 ILE n 
1 123 ASN n 
1 124 GLU n 
1 125 LEU n 
1 126 PRO n 
1 127 THR n 
1 128 GLU n 
1 129 GLU n 
# 
_entity_src_gen.entity_id                          1 
_entity_src_gen.pdbx_src_id                        1 
_entity_src_gen.pdbx_alt_source_flag               sample 
_entity_src_gen.pdbx_seq_type                      'Biological sequence' 
_entity_src_gen.pdbx_beg_seq_num                   1 
_entity_src_gen.pdbx_end_seq_num                   129 
_entity_src_gen.gene_src_common_name               human 
_entity_src_gen.gene_src_genus                     ? 
_entity_src_gen.pdbx_gene_src_gene                 'BRD4, HUNK1' 
_entity_src_gen.gene_src_species                   ? 
_entity_src_gen.gene_src_strain                    ? 
_entity_src_gen.gene_src_tissue                    ? 
_entity_src_gen.gene_src_tissue_fraction           ? 
_entity_src_gen.gene_src_details                   ? 
_entity_src_gen.pdbx_gene_src_fragment             ? 
_entity_src_gen.pdbx_gene_src_scientific_name      'Homo sapiens' 
_entity_src_gen.pdbx_gene_src_ncbi_taxonomy_id     9606 
_entity_src_gen.pdbx_gene_src_variant              ? 
_entity_src_gen.pdbx_gene_src_cell_line            ? 
_entity_src_gen.pdbx_gene_src_atcc                 ? 
_entity_src_gen.pdbx_gene_src_organ                ? 
_entity_src_gen.pdbx_gene_src_organelle            ? 
_entity_src_gen.pdbx_gene_src_cell                 ? 
_entity_src_gen.pdbx_gene_src_cellular_location    ? 
_entity_src_gen.host_org_common_name               ? 
_entity_src_gen.pdbx_host_org_scientific_name      'Escherichia coli BL21(DE3)' 
_entity_src_gen.pdbx_host_org_ncbi_taxonomy_id     469008 
_entity_src_gen.host_org_genus                     ? 
_entity_src_gen.pdbx_host_org_gene                 ? 
_entity_src_gen.pdbx_host_org_organ                ? 
_entity_src_gen.host_org_species                   ? 
_entity_src_gen.pdbx_host_org_tissue               ? 
_entity_src_gen.pdbx_host_org_tissue_fraction      ? 
_entity_src_gen.pdbx_host_org_strain               ? 
_entity_src_gen.pdbx_host_org_variant              ? 
_entity_src_gen.pdbx_host_org_cell_line            ? 
_entity_src_gen.pdbx_host_org_atcc                 ? 
_entity_src_gen.pdbx_host_org_culture_collection   ? 
_entity_src_gen.pdbx_host_org_cell                 ? 
_entity_src_gen.pdbx_host_org_organelle            ? 
_entity_src_gen.pdbx_host_org_cellular_location    ? 
_entity_src_gen.pdbx_host_org_vector_type          ? 
_entity_src_gen.pdbx_host_org_vector               ? 
_entity_src_gen.host_org_details                   ? 
_entity_src_gen.expression_system_id               ? 
_entity_src_gen.plasmid_name                       pET28b 
_entity_src_gen.plasmid_details                    ? 
_entity_src_gen.pdbx_description                   ? 
# 
loop_
_chem_comp.id 
_chem_comp.type 
_chem_comp.mon_nstd_flag 
_chem_comp.name 
_chem_comp.pdbx_synonyms 
_chem_comp.formula 
_chem_comp.formula_weight 
1P8 non-polymer         . 6-bromo-1,3-dihydro-2H-indol-2-one ?                               'C8 H6 Br N O'   212.043 
ALA 'L-peptide linking' y ALANINE                            ?                               'C3 H7 N O2'     89.093  
ARG 'L-peptide linking' y ARGININE                           ?                               'C6 H15 N4 O2 1' 175.209 
ASN 'L-peptide linking' y ASPARAGINE                         ?                               'C4 H8 N2 O3'    132.118 
ASP 'L-peptide linking' y 'ASPARTIC ACID'                    ?                               'C4 H7 N O4'     133.103 
CYS 'L-peptide linking' y CYSTEINE                           ?                               'C3 H7 N O2 S'   121.158 
GLN 'L-peptide linking' y GLUTAMINE                          ?                               'C5 H10 N2 O3'   146.144 
GLU 'L-peptide linking' y 'GLUTAMIC ACID'                    ?                               'C5 H9 N O4'     147.129 
GLY 'peptide linking'   y GLYCINE                            ?                               'C2 H5 N O2'     75.067  
GOL non-polymer         . GLYCEROL                           'GLYCERIN; PROPANE-1,2,3-TRIOL' 'C3 H8 O3'       92.094  
HIS 'L-peptide linking' y HISTIDINE                          ?                               'C6 H10 N3 O2 1' 156.162 
HOH non-polymer         . WATER                              ?                               'H2 O'           18.015  
ILE 'L-peptide linking' y ISOLEUCINE                         ?                               'C6 H13 N O2'    131.173 
LEU 'L-peptide linking' y LEUCINE                            ?                               'C6 H13 N O2'    131.173 
LYS 'L-peptide linking' y LYSINE                             ?                               'C6 H15 N2 O2 1' 147.195 
MET 'L-peptide linking' y METHIONINE                         ?                               'C5 H11 N O2 S'  149.211 
PHE 'L-peptide linking' y PHENYLALANINE                      ?                               'C9 H11 N O2'    165.189 
PRO 'L-peptide linking' y PROLINE                            ?                               'C5 H9 N O2'     115.130 
SER 'L-peptide linking' y SERINE                             ?                               'C3 H7 N O3'     105.093 
THR 'L-peptide linking' y THREONINE                          ?                               'C4 H9 N O3'     119.119 
TRP 'L-peptide linking' y TRYPTOPHAN                         ?                               'C11 H12 N2 O2'  204.225 
TYR 'L-peptide linking' y TYROSINE                           ?                               'C9 H11 N O3'    181.189 
VAL 'L-peptide linking' y VALINE                             ?                               'C5 H11 N O2'    117.146 
# 
loop_
_pdbx_poly_seq_scheme.asym_id 
_pdbx_poly_seq_scheme.entity_id 
_pdbx_poly_seq_scheme.seq_id 
_pdbx_poly_seq_scheme.mon_id 
_pdbx_poly_seq_scheme.ndb_seq_num 
_pdbx_poly_seq_scheme.pdb_seq_num 
_pdbx_poly_seq_scheme.auth_seq_num 
_pdbx_poly_seq_scheme.pdb_mon_id 
_pdbx_poly_seq_scheme.auth_mon_id 
_pdbx_poly_seq_scheme.pdb_strand_id 
_pdbx_poly_seq_scheme.pdb_ins_code 
_pdbx_poly_seq_scheme.hetero 
A 1 1   GLY 1   40  40  GLY GLY A . n 
A 1 2   SER 2   41  41  SER SER A . n 
A 1 3   HIS 3   42  42  HIS HIS A . n 
A 1 4   MET 4   43  43  MET MET A . n 
A 1 5   ASN 5   44  44  ASN ASN A . n 
A 1 6   PRO 6   45  45  PRO PRO A . n 
A 1 7   PRO 7   46  46  PRO PRO A . n 
A 1 8   PRO 8   47  47  PRO PRO A . n 
A 1 9   PRO 9   48  48  PRO PRO A . n 
A 1 10  GLU 10  49  49  GLU GLU A . n 
A 1 11  THR 11  50  50  THR THR A . n 
A 1 12  SER 12  51  51  SER SER A . n 
A 1 13  ASN 13  52  52  ASN ASN A . n 
A 1 14  PRO 14  53  53  PRO PRO A . n 
A 1 15  ASN 15  54  54  ASN ASN A . n 
A 1 16  LYS 16  55  55  LYS LYS A . n 
A 1 17  PRO 17  56  56  PRO PRO A . n 
A 1 18  LYS 18  57  57  LYS LYS A . n 
A 1 19  ARG 19  58  58  ARG ARG A . n 
A 1 20  GLN 20  59  59  GLN GLN A . n 
A 1 21  THR 21  60  60  THR THR A . n 
A 1 22  ASN 22  61  61  ASN ASN A . n 
A 1 23  GLN 23  62  62  GLN GLN A . n 
A 1 24  LEU 24  63  63  LEU LEU A . n 
A 1 25  GLN 25  64  64  GLN GLN A . n 
A 1 26  TYR 26  65  65  TYR TYR A . n 
A 1 27  LEU 27  66  66  LEU LEU A . n 
A 1 28  LEU 28  67  67  LEU LEU A . n 
A 1 29  ARG 29  68  68  ARG ARG A . n 
A 1 30  VAL 30  69  69  VAL VAL A . n 
A 1 31  VAL 31  70  70  VAL VAL A . n 
A 1 32  LEU 32  71  71  LEU LEU A . n 
A 1 33  LYS 33  72  72  LYS LYS A . n 
A 1 34  THR 34  73  73  THR THR A . n 
A 1 35  LEU 35  74  74  LEU LEU A . n 
A 1 36  TRP 36  75  75  TRP TRP A . n 
A 1 37  LYS 37  76  76  LYS LYS A . n 
A 1 38  HIS 38  77  77  HIS HIS A . n 
A 1 39  GLN 39  78  78  GLN GLN A . n 
A 1 40  PHE 40  79  79  PHE PHE A . n 
A 1 41  ALA 41  80  80  ALA ALA A . n 
A 1 42  TRP 42  81  81  TRP TRP A . n 
A 1 43  PRO 43  82  82  PRO PRO A . n 
A 1 44  PHE 44  83  83  PHE PHE A . n 
A 1 45  GLN 45  84  84  GLN GLN A . n 
A 1 46  GLN 46  85  85  GLN GLN A . n 
A 1 47  PRO 47  86  86  PRO PRO A . n 
A 1 48  VAL 48  87  87  VAL VAL A . n 
A 1 49  ASP 49  88  88  ASP ASP A . n 
A 1 50  ALA 50  89  89  ALA ALA A . n 
A 1 51  VAL 51  90  90  VAL VAL A . n 
A 1 52  LYS 52  91  91  LYS LYS A . n 
A 1 53  LEU 53  92  92  LEU LEU A . n 
A 1 54  ASN 54  93  93  ASN ASN A . n 
A 1 55  LEU 55  94  94  LEU LEU A . n 
A 1 56  PRO 56  95  95  PRO PRO A . n 
A 1 57  ASP 57  96  96  ASP ASP A . n 
A 1 58  TYR 58  97  97  TYR TYR A . n 
A 1 59  TYR 59  98  98  TYR TYR A . n 
A 1 60  LYS 60  99  99  LYS LYS A . n 
A 1 61  ILE 61  100 100 ILE ILE A . n 
A 1 62  ILE 62  101 101 ILE ILE A . n 
A 1 63  LYS 63  102 102 LYS LYS A . n 
A 1 64  THR 64  103 103 THR THR A . n 
A 1 65  PRO 65  104 104 PRO PRO A . n 
A 1 66  MET 66  105 105 MET MET A . n 
A 1 67  ASP 67  106 106 ASP ASP A . n 
A 1 68  MET 68  107 107 MET MET A . n 
A 1 69  GLY 69  108 108 GLY GLY A . n 
A 1 70  THR 70  109 109 THR THR A . n 
A 1 71  ILE 71  110 110 ILE ILE A . n 
A 1 72  LYS 72  111 111 LYS LYS A . n 
A 1 73  LYS 73  112 112 LYS LYS A . n 
A 1 74  ARG 74  113 113 ARG ARG A . n 
A 1 75  LEU 75  114 114 LEU LEU A . n 
A 1 76  GLU 76  115 115 GLU GLU A . n 
A 1 77  ASN 77  116 116 ASN ASN A . n 
A 1 78  ASN 78  117 117 ASN ASN A . n 
A 1 79  TYR 79  118 118 TYR TYR A . n 
A 1 80  TYR 80  119 119 TYR TYR A . n 
A 1 81  TRP 81  120 120 TRP TRP A . n 
A 1 82  ASN 82  121 121 ASN ASN A . n 
A 1 83  ALA 83  122 122 ALA ALA A . n 
A 1 84  GLN 84  123 123 GLN GLN A . n 
A 1 85  GLU 85  124 124 GLU GLU A . n 
A 1 86  CYS 86  125 125 CYS CYS A . n 
A 1 87  ILE 87  126 126 ILE ILE A . n 
A 1 88  GLN 88  127 127 GLN GLN A . n 
A 1 89  ASP 89  128 128 ASP ASP A . n 
A 1 90  PHE 90  129 129 PHE PHE A . n 
A 1 91  ASN 91  130 130 ASN ASN A . n 
A 1 92  THR 92  131 131 THR THR A . n 
A 1 93  MET 93  132 132 MET MET A . n 
A 1 94  PHE 94  133 133 PHE PHE A . n 
A 1 95  THR 95  134 134 THR THR A . n 
A 1 96  ASN 96  135 135 ASN ASN A . n 
A 1 97  CYS 97  136 136 CYS CYS A . n 
A 1 98  TYR 98  137 137 TYR TYR A . n 
A 1 99  ILE 99  138 138 ILE ILE A . n 
A 1 100 TYR 100 139 139 TYR TYR A . n 
A 1 101 ASN 101 140 140 ASN ASN A . n 
A 1 102 LYS 102 141 141 LYS LYS A . n 
A 1 103 PRO 103 142 142 PRO PRO A . n 
A 1 104 GLY 104 143 143 GLY GLY A . n 
A 1 105 ASP 105 144 144 ASP ASP A . n 
A 1 106 ASP 106 145 145 ASP ASP A . n 
A 1 107 ILE 107 146 146 ILE ILE A . n 
A 1 108 VAL 108 147 147 VAL VAL A . n 
A 1 109 LEU 109 148 148 LEU LEU A . n 
A 1 110 MET 110 149 149 MET MET A . n 
A 1 111 ALA 111 150 150 ALA ALA A . n 
A 1 112 GLU 112 151 151 GLU GLU A . n 
A 1 113 ALA 113 152 152 ALA ALA A . n 
A 1 114 LEU 114 153 153 LEU LEU A . n 
A 1 115 GLU 115 154 154 GLU GLU A . n 
A 1 116 LYS 116 155 155 LYS LYS A . n 
A 1 117 LEU 117 156 156 LEU LEU A . n 
A 1 118 PHE 118 157 157 PHE PHE A . n 
A 1 119 LEU 119 158 158 LEU LEU A . n 
A 1 120 GLN 120 159 159 GLN GLN A . n 
A 1 121 LYS 121 160 160 LYS LYS A . n 
A 1 122 ILE 122 161 161 ILE ILE A . n 
A 1 123 ASN 123 162 162 ASN ASN A . n 
A 1 124 GLU 124 163 163 GLU GLU A . n 
A 1 125 LEU 125 164 164 LEU LEU A . n 
A 1 126 PRO 126 165 165 PRO PRO A . n 
A 1 127 THR 127 166 166 THR THR A . n 
A 1 128 GLU 128 167 167 GLU GLU A . n 
A 1 129 GLU 129 168 168 GLU GLU A . n 
# 
loop_
_pdbx_nonpoly_scheme.asym_id 
_pdbx_nonpoly_scheme.entity_id 
_pdbx_nonpoly_scheme.mon_id 
_pdbx_nonpoly_scheme.ndb_seq_num 
_pdbx_nonpoly_scheme.pdb_seq_num 
_pdbx_nonpoly_scheme.auth_seq_num 
_pdbx_nonpoly_scheme.pdb_mon_id 
_pdbx_nonpoly_scheme.auth_mon_id 
_pdbx_nonpoly_scheme.pdb_strand_id 
_pdbx_nonpoly_scheme.pdb_ins_code 
B 2 GOL 1   201 1   GOL GOL A . 
C 3 1P8 1   202 1   1P8 DRG A . 
D 4 HOH 1   301 83  HOH HOH A . 
D 4 HOH 2   302 99  HOH HOH A . 
D 4 HOH 3   303 68  HOH HOH A . 
D 4 HOH 4   304 145 HOH HOH A . 
D 4 HOH 5   305 89  HOH HOH A . 
D 4 HOH 6   306 43  HOH HOH A . 
D 4 HOH 7   307 106 HOH HOH A . 
D 4 HOH 8   308 23  HOH HOH A . 
D 4 HOH 9   309 59  HOH HOH A . 
D 4 HOH 10  310 84  HOH HOH A . 
D 4 HOH 11  311 116 HOH HOH A . 
D 4 HOH 12  312 149 HOH HOH A . 
D 4 HOH 13  313 58  HOH HOH A . 
D 4 HOH 14  314 142 HOH HOH A . 
D 4 HOH 15  315 33  HOH HOH A . 
D 4 HOH 16  316 47  HOH HOH A . 
D 4 HOH 17  317 94  HOH HOH A . 
D 4 HOH 18  318 12  HOH HOH A . 
D 4 HOH 19  319 133 HOH HOH A . 
D 4 HOH 20  320 44  HOH HOH A . 
D 4 HOH 21  321 141 HOH HOH A . 
D 4 HOH 22  322 132 HOH HOH A . 
D 4 HOH 23  323 69  HOH HOH A . 
D 4 HOH 24  324 48  HOH HOH A . 
D 4 HOH 25  325 28  HOH HOH A . 
D 4 HOH 26  326 21  HOH HOH A . 
D 4 HOH 27  327 70  HOH HOH A . 
D 4 HOH 28  328 19  HOH HOH A . 
D 4 HOH 29  329 8   HOH HOH A . 
D 4 HOH 30  330 35  HOH HOH A . 
D 4 HOH 31  331 6   HOH HOH A . 
D 4 HOH 32  332 16  HOH HOH A . 
D 4 HOH 33  333 52  HOH HOH A . 
D 4 HOH 34  334 22  HOH HOH A . 
D 4 HOH 35  335 112 HOH HOH A . 
D 4 HOH 36  336 88  HOH HOH A . 
D 4 HOH 37  337 9   HOH HOH A . 
D 4 HOH 38  338 86  HOH HOH A . 
D 4 HOH 39  339 46  HOH HOH A . 
D 4 HOH 40  340 42  HOH HOH A . 
D 4 HOH 41  341 143 HOH HOH A . 
D 4 HOH 42  342 117 HOH HOH A . 
D 4 HOH 43  343 49  HOH HOH A . 
D 4 HOH 44  344 45  HOH HOH A . 
D 4 HOH 45  345 120 HOH HOH A . 
D 4 HOH 46  346 74  HOH HOH A . 
D 4 HOH 47  347 113 HOH HOH A . 
D 4 HOH 48  348 40  HOH HOH A . 
D 4 HOH 49  349 15  HOH HOH A . 
D 4 HOH 50  350 107 HOH HOH A . 
D 4 HOH 51  351 90  HOH HOH A . 
D 4 HOH 52  352 146 HOH HOH A . 
D 4 HOH 53  353 37  HOH HOH A . 
D 4 HOH 54  354 135 HOH HOH A . 
D 4 HOH 55  355 138 HOH HOH A . 
D 4 HOH 56  356 65  HOH HOH A . 
D 4 HOH 57  357 10  HOH HOH A . 
D 4 HOH 58  358 57  HOH HOH A . 
D 4 HOH 59  359 11  HOH HOH A . 
D 4 HOH 60  360 53  HOH HOH A . 
D 4 HOH 61  361 131 HOH HOH A . 
D 4 HOH 62  362 140 HOH HOH A . 
D 4 HOH 63  363 79  HOH HOH A . 
D 4 HOH 64  364 4   HOH HOH A . 
D 4 HOH 65  365 17  HOH HOH A . 
D 4 HOH 66  366 29  HOH HOH A . 
D 4 HOH 67  367 130 HOH HOH A . 
D 4 HOH 68  368 24  HOH HOH A . 
D 4 HOH 69  369 137 HOH HOH A . 
D 4 HOH 70  370 7   HOH HOH A . 
D 4 HOH 71  371 100 HOH HOH A . 
D 4 HOH 72  372 103 HOH HOH A . 
D 4 HOH 73  373 34  HOH HOH A . 
D 4 HOH 74  374 20  HOH HOH A . 
D 4 HOH 75  375 1   HOH HOH A . 
D 4 HOH 76  376 67  HOH HOH A . 
D 4 HOH 77  377 3   HOH HOH A . 
D 4 HOH 78  378 56  HOH HOH A . 
D 4 HOH 79  379 76  HOH HOH A . 
D 4 HOH 80  380 5   HOH HOH A . 
D 4 HOH 81  381 109 HOH HOH A . 
D 4 HOH 82  382 81  HOH HOH A . 
D 4 HOH 83  383 32  HOH HOH A . 
D 4 HOH 84  384 118 HOH HOH A . 
D 4 HOH 85  385 54  HOH HOH A . 
D 4 HOH 86  386 27  HOH HOH A . 
D 4 HOH 87  387 110 HOH HOH A . 
D 4 HOH 88  388 31  HOH HOH A . 
D 4 HOH 89  389 97  HOH HOH A . 
D 4 HOH 90  390 129 HOH HOH A . 
D 4 HOH 91  391 36  HOH HOH A . 
D 4 HOH 92  392 30  HOH HOH A . 
D 4 HOH 93  393 80  HOH HOH A . 
D 4 HOH 94  394 38  HOH HOH A . 
D 4 HOH 95  395 55  HOH HOH A . 
D 4 HOH 96  396 2   HOH HOH A . 
D 4 HOH 97  397 119 HOH HOH A . 
D 4 HOH 98  398 75  HOH HOH A . 
D 4 HOH 99  399 136 HOH HOH A . 
D 4 HOH 100 400 85  HOH HOH A . 
D 4 HOH 101 401 139 HOH HOH A . 
D 4 HOH 102 402 39  HOH HOH A . 
D 4 HOH 103 403 18  HOH HOH A . 
D 4 HOH 104 404 92  HOH HOH A . 
D 4 HOH 105 405 41  HOH HOH A . 
D 4 HOH 106 406 73  HOH HOH A . 
D 4 HOH 107 407 144 HOH HOH A . 
D 4 HOH 108 408 82  HOH HOH A . 
D 4 HOH 109 409 125 HOH HOH A . 
D 4 HOH 110 410 87  HOH HOH A . 
D 4 HOH 111 411 101 HOH HOH A . 
D 4 HOH 112 412 62  HOH HOH A . 
D 4 HOH 113 413 127 HOH HOH A . 
D 4 HOH 114 414 13  HOH HOH A . 
D 4 HOH 115 415 78  HOH HOH A . 
D 4 HOH 116 416 64  HOH HOH A . 
D 4 HOH 117 417 104 HOH HOH A . 
D 4 HOH 118 418 63  HOH HOH A . 
D 4 HOH 119 419 51  HOH HOH A . 
D 4 HOH 120 420 111 HOH HOH A . 
D 4 HOH 121 421 61  HOH HOH A . 
D 4 HOH 122 422 77  HOH HOH A . 
D 4 HOH 123 423 121 HOH HOH A . 
D 4 HOH 124 424 60  HOH HOH A . 
D 4 HOH 125 425 122 HOH HOH A . 
D 4 HOH 126 426 98  HOH HOH A . 
D 4 HOH 127 427 115 HOH HOH A . 
D 4 HOH 128 428 26  HOH HOH A . 
D 4 HOH 129 429 105 HOH HOH A . 
D 4 HOH 130 430 95  HOH HOH A . 
D 4 HOH 131 431 50  HOH HOH A . 
D 4 HOH 132 432 126 HOH HOH A . 
D 4 HOH 133 433 91  HOH HOH A . 
D 4 HOH 134 434 25  HOH HOH A . 
D 4 HOH 135 435 96  HOH HOH A . 
D 4 HOH 136 436 108 HOH HOH A . 
D 4 HOH 137 437 147 HOH HOH A . 
D 4 HOH 138 438 71  HOH HOH A . 
D 4 HOH 139 439 123 HOH HOH A . 
D 4 HOH 140 440 124 HOH HOH A . 
D 4 HOH 141 441 148 HOH HOH A . 
D 4 HOH 142 442 102 HOH HOH A . 
D 4 HOH 143 443 66  HOH HOH A . 
D 4 HOH 144 444 128 HOH HOH A . 
D 4 HOH 145 445 72  HOH HOH A . 
# 
loop_
_software.citation_id 
_software.classification 
_software.compiler_name 
_software.compiler_version 
_software.contact_author 
_software.contact_author_email 
_software.date 
_software.description 
_software.dependencies 
_software.hardware 
_software.language 
_software.location 
_software.mods 
_software.name 
_software.os 
_software.os_version 
_software.type 
_software.version 
_software.pdbx_ordinal 
? refinement       ? ? ? ? ? ? ? ? ? ? ? REFMAC  ? ? ? 5.8.0314 1 
? refinement       ? ? ? ? ? ? ? ? ? ? ? REFMAC  ? ? ? 5.8.0314 2 
? 'data scaling'   ? ? ? ? ? ? ? ? ? ? ? Aimless ? ? ? .        3 
? 'data reduction' ? ? ? ? ? ? ? ? ? ? ? xia2    ? ? ? .        4 
? phasing          ? ? ? ? ? ? ? ? ? ? ? PHASER  ? ? ? .        5 
# 
_cell.angle_alpha                  90.000 
_cell.angle_alpha_esd              ? 
_cell.angle_beta                   90.000 
_cell.angle_beta_esd               ? 
_cell.angle_gamma                  90.000 
_cell.angle_gamma_esd              ? 
_cell.entry_id                     7ZE6 
_cell.details                      ? 
_cell.formula_units_Z              ? 
_cell.length_a                     37.589 
_cell.length_a_esd                 ? 
_cell.length_b                     42.962 
_cell.length_b_esd                 ? 
_cell.length_c                     78.767 
_cell.length_c_esd                 ? 
_cell.volume                       ? 
_cell.volume_esd                   ? 
_cell.Z_PDB                        4 
_cell.reciprocal_angle_alpha       ? 
_cell.reciprocal_angle_beta        ? 
_cell.reciprocal_angle_gamma       ? 
_cell.reciprocal_angle_alpha_esd   ? 
_cell.reciprocal_angle_beta_esd    ? 
_cell.reciprocal_angle_gamma_esd   ? 
_cell.reciprocal_length_a          ? 
_cell.reciprocal_length_b          ? 
_cell.reciprocal_length_c          ? 
_cell.reciprocal_length_a_esd      ? 
_cell.reciprocal_length_b_esd      ? 
_cell.reciprocal_length_c_esd      ? 
_cell.pdbx_unique_axis             ? 
# 
_symmetry.entry_id                         7ZE6 
_symmetry.cell_setting                     ? 
_symmetry.Int_Tables_number                19 
_symmetry.space_group_name_Hall            ? 
_symmetry.space_group_name_H-M             'P 21 21 21' 
_symmetry.pdbx_full_space_group_name_H-M   ? 
# 
_exptl.absorpt_coefficient_mu     ? 
_exptl.absorpt_correction_T_max   ? 
_exptl.absorpt_correction_T_min   ? 
_exptl.absorpt_correction_type    ? 
_exptl.absorpt_process_details    ? 
_exptl.entry_id                   7ZE6 
_exptl.crystals_number            1 
_exptl.details                    ? 
_exptl.method                     'X-RAY DIFFRACTION' 
_exptl.method_details             ? 
# 
_exptl_crystal.colour                      ? 
_exptl_crystal.density_diffrn              ? 
_exptl_crystal.density_Matthews            2.08 
_exptl_crystal.density_method              ? 
_exptl_crystal.density_percent_sol         40.84 
_exptl_crystal.description                 ? 
_exptl_crystal.F_000                       ? 
_exptl_crystal.id                          1 
_exptl_crystal.preparation                 ? 
_exptl_crystal.size_max                    ? 
_exptl_crystal.size_mid                    ? 
_exptl_crystal.size_min                    ? 
_exptl_crystal.size_rad                    ? 
_exptl_crystal.colour_lustre               ? 
_exptl_crystal.colour_modifier             ? 
_exptl_crystal.colour_primary              ? 
_exptl_crystal.density_meas                ? 
_exptl_crystal.density_meas_esd            ? 
_exptl_crystal.density_meas_gt             ? 
_exptl_crystal.density_meas_lt             ? 
_exptl_crystal.density_meas_temp           ? 
_exptl_crystal.density_meas_temp_esd       ? 
_exptl_crystal.density_meas_temp_gt        ? 
_exptl_crystal.density_meas_temp_lt        ? 
_exptl_crystal.pdbx_crystal_image_url      ? 
_exptl_crystal.pdbx_crystal_image_format   ? 
_exptl_crystal.pdbx_mosaicity              ? 
_exptl_crystal.pdbx_mosaicity_esd          ? 
# 
_exptl_crystal_grow.apparatus       ? 
_exptl_crystal_grow.atmosphere      ? 
_exptl_crystal_grow.crystal_id      1 
_exptl_crystal_grow.details         ? 
_exptl_crystal_grow.method          'VAPOR DIFFUSION, SITTING DROP' 
_exptl_crystal_grow.method_ref      ? 
_exptl_crystal_grow.pH              8.5 
_exptl_crystal_grow.pressure        ? 
_exptl_crystal_grow.pressure_esd    ? 
_exptl_crystal_grow.seeding         ? 
_exptl_crystal_grow.seeding_ref     ? 
_exptl_crystal_grow.temp            293 
_exptl_crystal_grow.temp_details    ? 
_exptl_crystal_grow.temp_esd        ? 
_exptl_crystal_grow.time            ? 
_exptl_crystal_grow.pdbx_details    
;0.1 M Buffer system 3 (1 M Tris, 1 M BICINE, pH 8.5), 34-44% Precipitant Solution 3 (20% PEG 4000, 40%) and 60-80 mM Halogens Mix (NaF, NaBr and NaI) solution
;
_exptl_crystal_grow.pdbx_pH_range   ? 
# 
_diffrn.ambient_environment              ? 
_diffrn.ambient_temp                     100 
_diffrn.ambient_temp_details             ? 
_diffrn.ambient_temp_esd                 ? 
_diffrn.crystal_id                       1 
_diffrn.crystal_support                  ? 
_diffrn.crystal_treatment                ? 
_diffrn.details                          ? 
_diffrn.id                               1 
_diffrn.ambient_pressure                 ? 
_diffrn.ambient_pressure_esd             ? 
_diffrn.ambient_pressure_gt              ? 
_diffrn.ambient_pressure_lt              ? 
_diffrn.ambient_temp_gt                  ? 
_diffrn.ambient_temp_lt                  ? 
_diffrn.pdbx_serial_crystal_experiment   N 
# 
_diffrn_detector.details                      ? 
_diffrn_detector.detector                     PIXEL 
_diffrn_detector.diffrn_id                    1 
_diffrn_detector.type                         'DECTRIS PILATUS 6M' 
_diffrn_detector.area_resol_mean              ? 
_diffrn_detector.dtime                        ? 
_diffrn_detector.pdbx_frames_total            ? 
_diffrn_detector.pdbx_collection_time_total   ? 
_diffrn_detector.pdbx_collection_date         2019-12-15 
_diffrn_detector.pdbx_frequency               ? 
# 
_diffrn_radiation.collimation                      ? 
_diffrn_radiation.diffrn_id                        1 
_diffrn_radiation.filter_edge                      ? 
_diffrn_radiation.inhomogeneity                    ? 
_diffrn_radiation.monochromator                    ? 
_diffrn_radiation.polarisn_norm                    ? 
_diffrn_radiation.polarisn_ratio                   ? 
_diffrn_radiation.probe                            ? 
_diffrn_radiation.type                             ? 
_diffrn_radiation.xray_symbol                      ? 
_diffrn_radiation.wavelength_id                    1 
_diffrn_radiation.pdbx_monochromatic_or_laue_m_l   M 
_diffrn_radiation.pdbx_wavelength_list             ? 
_diffrn_radiation.pdbx_wavelength                  ? 
_diffrn_radiation.pdbx_diffrn_protocol             'SINGLE WAVELENGTH' 
_diffrn_radiation.pdbx_analyzer                    ? 
_diffrn_radiation.pdbx_scattering_type             x-ray 
# 
_diffrn_radiation_wavelength.id           1 
_diffrn_radiation_wavelength.wavelength   0.91188 
_diffrn_radiation_wavelength.wt           1.0 
# 
_diffrn_source.current                     ? 
_diffrn_source.details                     ? 
_diffrn_source.diffrn_id                   1 
_diffrn_source.power                       ? 
_diffrn_source.size                        ? 
_diffrn_source.source                      SYNCHROTRON 
_diffrn_source.target                      ? 
_diffrn_source.type                        'DIAMOND BEAMLINE I04-1' 
_diffrn_source.voltage                     ? 
_diffrn_source.take-off_angle              ? 
_diffrn_source.pdbx_wavelength_list        0.91188 
_diffrn_source.pdbx_wavelength             ? 
_diffrn_source.pdbx_synchrotron_beamline   I04-1 
_diffrn_source.pdbx_synchrotron_site       Diamond 
# 
_reflns.B_iso_Wilson_estimate                          ? 
_reflns.entry_id                                       7ZE6 
_reflns.data_reduction_details                         ? 
_reflns.data_reduction_method                          ? 
_reflns.d_resolution_high                              1.04 
_reflns.d_resolution_low                               39.38 
_reflns.details                                        ? 
_reflns.limit_h_max                                    ? 
_reflns.limit_h_min                                    ? 
_reflns.limit_k_max                                    ? 
_reflns.limit_k_min                                    ? 
_reflns.limit_l_max                                    ? 
_reflns.limit_l_min                                    ? 
_reflns.number_all                                     ? 
_reflns.number_obs                                     62122 
_reflns.observed_criterion                             ? 
_reflns.observed_criterion_F_max                       ? 
_reflns.observed_criterion_F_min                       ? 
_reflns.observed_criterion_I_max                       ? 
_reflns.observed_criterion_I_min                       ? 
_reflns.observed_criterion_sigma_F                     ? 
_reflns.observed_criterion_sigma_I                     ? 
_reflns.percent_possible_obs                           100.0 
_reflns.R_free_details                                 ? 
_reflns.Rmerge_F_all                                   ? 
_reflns.Rmerge_F_obs                                   ? 
_reflns.Friedel_coverage                               ? 
_reflns.number_gt                                      ? 
_reflns.threshold_expression                           ? 
_reflns.pdbx_redundancy                                12.3 
_reflns.pdbx_Rmerge_I_obs                              0.082 
_reflns.pdbx_Rmerge_I_all                              ? 
_reflns.pdbx_Rsym_value                                ? 
_reflns.pdbx_netI_over_av_sigmaI                       ? 
_reflns.pdbx_netI_over_sigmaI                          11.3 
_reflns.pdbx_res_netI_over_av_sigmaI_2                 ? 
_reflns.pdbx_res_netI_over_sigmaI_2                    ? 
_reflns.pdbx_chi_squared                               ? 
_reflns.pdbx_scaling_rejects                           ? 
_reflns.pdbx_d_res_high_opt                            ? 
_reflns.pdbx_d_res_low_opt                             ? 
_reflns.pdbx_d_res_opt_method                          ? 
_reflns.phase_calculation_details                      ? 
_reflns.pdbx_Rrim_I_all                                0.089 
_reflns.pdbx_Rpim_I_all                                0.034 
_reflns.pdbx_d_opt                                     ? 
_reflns.pdbx_number_measured_all                       ? 
_reflns.pdbx_diffrn_id                                 1 
_reflns.pdbx_ordinal                                   1 
_reflns.pdbx_CC_half                                   0.999 
_reflns.pdbx_CC_star                                   ? 
_reflns.pdbx_R_split                                   ? 
_reflns.pdbx_aniso_diffraction_limit_axis_1_ortho[1]   ? 
_reflns.pdbx_aniso_diffraction_limit_axis_1_ortho[2]   ? 
_reflns.pdbx_aniso_diffraction_limit_axis_1_ortho[3]   ? 
_reflns.pdbx_aniso_diffraction_limit_axis_2_ortho[1]   ? 
_reflns.pdbx_aniso_diffraction_limit_axis_2_ortho[2]   ? 
_reflns.pdbx_aniso_diffraction_limit_axis_2_ortho[3]   ? 
_reflns.pdbx_aniso_diffraction_limit_axis_3_ortho[1]   ? 
_reflns.pdbx_aniso_diffraction_limit_axis_3_ortho[2]   ? 
_reflns.pdbx_aniso_diffraction_limit_axis_3_ortho[3]   ? 
_reflns.pdbx_aniso_diffraction_limit_1                 ? 
_reflns.pdbx_aniso_diffraction_limit_2                 ? 
_reflns.pdbx_aniso_diffraction_limit_3                 ? 
_reflns.pdbx_aniso_B_tensor_eigenvector_1_ortho[1]     ? 
_reflns.pdbx_aniso_B_tensor_eigenvector_1_ortho[2]     ? 
_reflns.pdbx_aniso_B_tensor_eigenvector_1_ortho[3]     ? 
_reflns.pdbx_aniso_B_tensor_eigenvector_2_ortho[1]     ? 
_reflns.pdbx_aniso_B_tensor_eigenvector_2_ortho[2]     ? 
_reflns.pdbx_aniso_B_tensor_eigenvector_2_ortho[3]     ? 
_reflns.pdbx_aniso_B_tensor_eigenvector_3_ortho[1]     ? 
_reflns.pdbx_aniso_B_tensor_eigenvector_3_ortho[2]     ? 
_reflns.pdbx_aniso_B_tensor_eigenvector_3_ortho[3]     ? 
_reflns.pdbx_aniso_B_tensor_eigenvalue_1               ? 
_reflns.pdbx_aniso_B_tensor_eigenvalue_2               ? 
_reflns.pdbx_aniso_B_tensor_eigenvalue_3               ? 
_reflns.pdbx_orthogonalization_convention              ? 
_reflns.pdbx_percent_possible_ellipsoidal              ? 
_reflns.pdbx_percent_possible_spherical                ? 
_reflns.pdbx_percent_possible_ellipsoidal_anomalous    ? 
_reflns.pdbx_percent_possible_spherical_anomalous      ? 
_reflns.pdbx_redundancy_anomalous                      ? 
_reflns.pdbx_CC_half_anomalous                         ? 
_reflns.pdbx_absDiff_over_sigma_anomalous              ? 
_reflns.pdbx_percent_possible_anomalous                ? 
_reflns.pdbx_observed_signal_threshold                 ? 
_reflns.pdbx_signal_type                               ? 
_reflns.pdbx_signal_details                            ? 
_reflns.pdbx_signal_software_id                        ? 
# 
loop_
_reflns_shell.d_res_high 
_reflns_shell.d_res_low 
_reflns_shell.meanI_over_sigI_all 
_reflns_shell.meanI_over_sigI_obs 
_reflns_shell.number_measured_all 
_reflns_shell.number_measured_obs 
_reflns_shell.number_possible 
_reflns_shell.number_unique_all 
_reflns_shell.number_unique_obs 
_reflns_shell.percent_possible_all 
_reflns_shell.percent_possible_obs 
_reflns_shell.Rmerge_F_all 
_reflns_shell.Rmerge_F_obs 
_reflns_shell.Rmerge_I_all 
_reflns_shell.Rmerge_I_obs 
_reflns_shell.meanI_over_sigI_gt 
_reflns_shell.meanI_over_uI_all 
_reflns_shell.meanI_over_uI_gt 
_reflns_shell.number_measured_gt 
_reflns_shell.number_unique_gt 
_reflns_shell.percent_possible_gt 
_reflns_shell.Rmerge_F_gt 
_reflns_shell.Rmerge_I_gt 
_reflns_shell.pdbx_redundancy 
_reflns_shell.pdbx_Rsym_value 
_reflns_shell.pdbx_chi_squared 
_reflns_shell.pdbx_netI_over_sigmaI_all 
_reflns_shell.pdbx_netI_over_sigmaI_obs 
_reflns_shell.pdbx_Rrim_I_all 
_reflns_shell.pdbx_Rpim_I_all 
_reflns_shell.pdbx_rejects 
_reflns_shell.pdbx_ordinal 
_reflns_shell.pdbx_diffrn_id 
_reflns_shell.pdbx_CC_half 
_reflns_shell.pdbx_CC_star 
_reflns_shell.pdbx_R_split 
_reflns_shell.pdbx_percent_possible_ellipsoidal 
_reflns_shell.pdbx_percent_possible_spherical 
_reflns_shell.pdbx_percent_possible_ellipsoidal_anomalous 
_reflns_shell.pdbx_percent_possible_spherical_anomalous 
_reflns_shell.pdbx_redundancy_anomalous 
_reflns_shell.pdbx_CC_half_anomalous 
_reflns_shell.pdbx_absDiff_over_sigma_anomalous 
_reflns_shell.pdbx_percent_possible_anomalous 
5.70 39.38 ? ? ? ? ? ? 462  ? ? ? ? ? 0.052 ? ? ? ? ? ? ? ? 11.9 ? ? ? ? 0.056 0.021 ? 1 1 0.995 ? ? ? ? ? ? ? ? ? ? 
1.04 1.06  ? ? ? ? ? ? 3029 ? ? ? ? ? 6.264 ? ? ? ? ? ? ? ? 10.1 ? ? ? ? 6.964 3.020 ? 2 1 0.410 ? ? ? ? ? ? ? ? ? ? 
# 
_refine.aniso_B[1][1]                            1.336 
_refine.aniso_B[1][2]                            0.000 
_refine.aniso_B[1][3]                            -0.000 
_refine.aniso_B[2][2]                            -1.173 
_refine.aniso_B[2][3]                            0.000 
_refine.aniso_B[3][3]                            -0.164 
_refine.B_iso_max                                ? 
_refine.B_iso_mean                               18.865 
_refine.B_iso_min                                ? 
_refine.correlation_coeff_Fo_to_Fc               0.968 
_refine.correlation_coeff_Fo_to_Fc_free          0.961 
_refine.details                                  'Hydrogens have not been used' 
_refine.diff_density_max                         ? 
_refine.diff_density_max_esd                     ? 
_refine.diff_density_min                         ? 
_refine.diff_density_min_esd                     ? 
_refine.diff_density_rms                         ? 
_refine.diff_density_rms_esd                     ? 
_refine.entry_id                                 7ZE6 
_refine.pdbx_refine_id                           'X-RAY DIFFRACTION' 
_refine.ls_abs_structure_details                 ? 
_refine.ls_abs_structure_Flack                   ? 
_refine.ls_abs_structure_Flack_esd               ? 
_refine.ls_abs_structure_Rogers                  ? 
_refine.ls_abs_structure_Rogers_esd              ? 
_refine.ls_d_res_high                            1.040 
_refine.ls_d_res_low                             39.38 
_refine.ls_extinction_coef                       ? 
_refine.ls_extinction_coef_esd                   ? 
_refine.ls_extinction_expression                 ? 
_refine.ls_extinction_method                     ? 
_refine.ls_goodness_of_fit_all                   ? 
_refine.ls_goodness_of_fit_all_esd               ? 
_refine.ls_goodness_of_fit_obs                   ? 
_refine.ls_goodness_of_fit_obs_esd               ? 
_refine.ls_hydrogen_treatment                    ? 
_refine.ls_matrix_type                           ? 
_refine.ls_number_constraints                    ? 
_refine.ls_number_parameters                     ? 
_refine.ls_number_reflns_all                     ? 
_refine.ls_number_reflns_obs                     62033 
_refine.ls_number_reflns_R_free                  3095 
_refine.ls_number_reflns_R_work                  58938 
_refine.ls_number_restraints                     ? 
_refine.ls_percent_reflns_obs                    99.942 
_refine.ls_percent_reflns_R_free                 4.989 
_refine.ls_R_factor_all                          0.212 
_refine.ls_R_factor_obs                          ? 
_refine.ls_R_factor_R_free                       0.2333 
_refine.ls_R_factor_R_free_error                 ? 
_refine.ls_R_factor_R_free_error_details         ? 
_refine.ls_R_factor_R_work                       0.2110 
_refine.ls_R_Fsqd_factor_obs                     ? 
_refine.ls_R_I_factor_obs                        ? 
_refine.ls_redundancy_reflns_all                 ? 
_refine.ls_redundancy_reflns_obs                 ? 
_refine.ls_restrained_S_all                      ? 
_refine.ls_restrained_S_obs                      ? 
_refine.ls_shift_over_esd_max                    ? 
_refine.ls_shift_over_esd_mean                   ? 
_refine.ls_structure_factor_coef                 ? 
_refine.ls_weighting_details                     ? 
_refine.ls_weighting_scheme                      ? 
_refine.ls_wR_factor_all                         ? 
_refine.ls_wR_factor_obs                         ? 
_refine.ls_wR_factor_R_free                      ? 
_refine.ls_wR_factor_R_work                      ? 
_refine.occupancy_max                            ? 
_refine.occupancy_min                            ? 
_refine.solvent_model_details                    'MASK BULK SOLVENT' 
_refine.solvent_model_param_bsol                 ? 
_refine.solvent_model_param_ksol                 ? 
_refine.pdbx_R_complete                          ? 
_refine.ls_R_factor_gt                           ? 
_refine.ls_goodness_of_fit_gt                    ? 
_refine.ls_goodness_of_fit_ref                   ? 
_refine.ls_shift_over_su_max                     ? 
_refine.ls_shift_over_su_max_lt                  ? 
_refine.ls_shift_over_su_mean                    ? 
_refine.ls_shift_over_su_mean_lt                 ? 
_refine.pdbx_ls_sigma_I                          ? 
_refine.pdbx_ls_sigma_F                          ? 
_refine.pdbx_ls_sigma_Fsqd                       ? 
_refine.pdbx_data_cutoff_high_absF               ? 
_refine.pdbx_data_cutoff_high_rms_absF           ? 
_refine.pdbx_data_cutoff_low_absF                ? 
_refine.pdbx_isotropic_thermal_model             ? 
_refine.pdbx_ls_cross_valid_method               'FREE R-VALUE' 
_refine.pdbx_method_to_determine_struct          'MOLECULAR REPLACEMENT' 
_refine.pdbx_starting_model                      5LRQ 
_refine.pdbx_stereochemistry_target_values       ? 
_refine.pdbx_R_Free_selection_details            ? 
_refine.pdbx_stereochem_target_val_spec_case     ? 
_refine.pdbx_overall_ESU_R                       0.034 
_refine.pdbx_overall_ESU_R_Free                  0.036 
_refine.pdbx_solvent_vdw_probe_radii             1.200 
_refine.pdbx_solvent_ion_probe_radii             0.800 
_refine.pdbx_solvent_shrinkage_radii             0.800 
_refine.pdbx_real_space_R                        ? 
_refine.pdbx_density_correlation                 ? 
_refine.pdbx_pd_number_of_powder_patterns        ? 
_refine.pdbx_pd_number_of_points                 ? 
_refine.pdbx_pd_meas_number_of_points            ? 
_refine.pdbx_pd_proc_ls_prof_R_factor            ? 
_refine.pdbx_pd_proc_ls_prof_wR_factor           ? 
_refine.pdbx_pd_Marquardt_correlation_coeff      ? 
_refine.pdbx_pd_Fsqrd_R_factor                   ? 
_refine.pdbx_pd_ls_matrix_band_width             ? 
_refine.pdbx_overall_phase_error                 ? 
_refine.pdbx_overall_SU_R_free_Cruickshank_DPI   ? 
_refine.pdbx_overall_SU_R_free_Blow_DPI          ? 
_refine.pdbx_overall_SU_R_Blow_DPI               ? 
_refine.pdbx_TLS_residual_ADP_flag               ? 
_refine.pdbx_diffrn_id                           1 
_refine.overall_SU_B                             0.793 
_refine.overall_SU_ML                            0.037 
_refine.overall_SU_R_Cruickshank_DPI             ? 
_refine.overall_SU_R_free                        ? 
_refine.overall_FOM_free_R_set                   ? 
_refine.overall_FOM_work_R_set                   ? 
_refine.pdbx_average_fsc_overall                 ? 
_refine.pdbx_average_fsc_work                    ? 
_refine.pdbx_average_fsc_free                    ? 
# 
_refine_hist.pdbx_refine_id                   'X-RAY DIFFRACTION' 
_refine_hist.cycle_id                         LAST 
_refine_hist.details                          ? 
_refine_hist.d_res_high                       1.040 
_refine_hist.d_res_low                        39.38 
_refine_hist.number_atoms_solvent             145 
_refine_hist.number_atoms_total               1238 
_refine_hist.number_reflns_all                ? 
_refine_hist.number_reflns_obs                ? 
_refine_hist.number_reflns_R_free             ? 
_refine_hist.number_reflns_R_work             ? 
_refine_hist.R_factor_all                     ? 
_refine_hist.R_factor_obs                     ? 
_refine_hist.R_factor_R_free                  ? 
_refine_hist.R_factor_R_work                  ? 
_refine_hist.pdbx_number_residues_total       ? 
_refine_hist.pdbx_B_iso_mean_ligand           ? 
_refine_hist.pdbx_B_iso_mean_solvent          ? 
_refine_hist.pdbx_number_atoms_protein        1076 
_refine_hist.pdbx_number_atoms_nucleic_acid   0 
_refine_hist.pdbx_number_atoms_ligand         17 
_refine_hist.pdbx_number_atoms_lipid          ? 
_refine_hist.pdbx_number_atoms_carb           ? 
_refine_hist.pdbx_pseudo_atom_details         ? 
# 
loop_
_refine_ls_restr.pdbx_refine_id 
_refine_ls_restr.criterion 
_refine_ls_restr.dev_ideal 
_refine_ls_restr.dev_ideal_target 
_refine_ls_restr.number 
_refine_ls_restr.rejects 
_refine_ls_restr.type 
_refine_ls_restr.weight 
_refine_ls_restr.pdbx_restraint_function 
'X-RAY DIFFRACTION' ? 0.012 0.012  1147 ? r_bond_refined_d               ? ? 
'X-RAY DIFFRACTION' ? 1.963 1.654  1565 ? r_angle_refined_deg            ? ? 
'X-RAY DIFFRACTION' ? 6.168 5.000  134  ? r_dihedral_angle_1_deg         ? ? 
'X-RAY DIFFRACTION' ? 3.805 10.000 3    ? r_dihedral_angle_2_deg         ? ? 
'X-RAY DIFFRACTION' ? 0.110 0.200  146  ? r_chiral_restr                 ? ? 
'X-RAY DIFFRACTION' ? 0.014 0.020  893  ? r_gen_planes_refined           ? ? 
'X-RAY DIFFRACTION' ? 0.263 0.200  550  ? r_nbd_refined                  ? ? 
'X-RAY DIFFRACTION' ? 0.333 0.200  805  ? r_nbtor_refined                ? ? 
'X-RAY DIFFRACTION' ? 0.166 0.200  110  ? r_xyhbond_nbd_refined          ? ? 
'X-RAY DIFFRACTION' ? 0.375 0.200  34   ? r_symmetry_nbd_refined         ? ? 
'X-RAY DIFFRACTION' ? 0.248 0.200  23   ? r_symmetry_xyhbond_nbd_refined ? ? 
'X-RAY DIFFRACTION' ? 1.725 1.493  527  ? r_mcbond_it                    ? ? 
'X-RAY DIFFRACTION' ? 2.352 2.243  661  ? r_mcangle_it                   ? ? 
'X-RAY DIFFRACTION' ? 3.447 1.860  620  ? r_scbond_it                    ? ? 
'X-RAY DIFFRACTION' ? 4.944 2.681  903  ? r_scangle_it                   ? ? 
'X-RAY DIFFRACTION' ? 7.326 37.930 1783 ? r_lrange_it                    ? ? 
# 
loop_
_refine_ls_shell.pdbx_refine_id 
_refine_ls_shell.d_res_high 
_refine_ls_shell.d_res_low 
_refine_ls_shell.number_reflns_all 
_refine_ls_shell.number_reflns_obs 
_refine_ls_shell.number_reflns_R_free 
_refine_ls_shell.number_reflns_R_work 
_refine_ls_shell.percent_reflns_obs 
_refine_ls_shell.percent_reflns_R_free 
_refine_ls_shell.R_factor_all 
_refine_ls_shell.R_factor_obs 
_refine_ls_shell.R_factor_R_free 
_refine_ls_shell.R_factor_R_free_error 
_refine_ls_shell.R_factor_R_work 
_refine_ls_shell.redundancy_reflns_all 
_refine_ls_shell.redundancy_reflns_obs 
_refine_ls_shell.wR_factor_all 
_refine_ls_shell.wR_factor_obs 
_refine_ls_shell.wR_factor_R_free 
_refine_ls_shell.wR_factor_R_work 
_refine_ls_shell.pdbx_R_complete 
_refine_ls_shell.pdbx_total_number_of_bins_used 
_refine_ls_shell.pdbx_phase_error 
_refine_ls_shell.pdbx_fsc_work 
_refine_ls_shell.pdbx_fsc_free 
'X-RAY DIFFRACTION' 1.040 1.067 . . 243 4273 99.9115  . . . 0.414 . 0.411 . . . . . . . . . . . 
'X-RAY DIFFRACTION' 1.067 1.096 . . 209 4197 100.0000 . . . 0.371 . 0.377 . . . . . . . . . . . 
'X-RAY DIFFRACTION' 1.096 1.128 . . 226 4059 100.0000 . . . 0.345 . 0.342 . . . . . . . . . . . 
'X-RAY DIFFRACTION' 1.128 1.163 . . 197 3982 100.0000 . . . 0.312 . 0.298 . . . . . . . . . . . 
'X-RAY DIFFRACTION' 1.163 1.201 . . 206 3845 100.0000 . . . 0.290 . 0.272 . . . . . . . . . . . 
'X-RAY DIFFRACTION' 1.201 1.243 . . 204 3712 100.0000 . . . 0.269 . 0.277 . . . . . . . . . . . 
'X-RAY DIFFRACTION' 1.243 1.290 . . 178 3603 100.0000 . . . 0.237 . 0.255 . . . . . . . . . . . 
'X-RAY DIFFRACTION' 1.290 1.342 . . 190 3481 100.0000 . . . 0.325 . 0.235 . . . . . . . . . . . 
'X-RAY DIFFRACTION' 1.342 1.402 . . 178 3328 100.0000 . . . 0.223 . 0.203 . . . . . . . . . . . 
'X-RAY DIFFRACTION' 1.402 1.470 . . 168 3186 100.0000 . . . 0.247 . 0.208 . . . . . . . . . . . 
'X-RAY DIFFRACTION' 1.470 1.550 . . 132 3077 100.0000 . . . 0.212 . 0.190 . . . . . . . . . . . 
'X-RAY DIFFRACTION' 1.550 1.644 . . 161 2880 100.0000 . . . 0.233 . 0.192 . . . . . . . . . . . 
'X-RAY DIFFRACTION' 1.644 1.757 . . 130 2710 100.0000 . . . 0.229 . 0.184 . . . . . . . . . . . 
'X-RAY DIFFRACTION' 1.757 1.897 . . 138 2544 99.8139  . . . 0.231 . 0.198 . . . . . . . . . . . 
'X-RAY DIFFRACTION' 1.897 2.078 . . 111 2363 99.7983  . . . 0.215 . 0.198 . . . . . . . . . . . 
'X-RAY DIFFRACTION' 2.078 2.322 . . 110 2130 99.8663  . . . 0.200 . 0.196 . . . . . . . . . . . 
'X-RAY DIFFRACTION' 2.322 2.680 . . 102 1906 100.0000 . . . 0.195 . 0.195 . . . . . . . . . . . 
'X-RAY DIFFRACTION' 2.680 3.278 . . 89  1611 100.0000 . . . 0.215 . 0.201 . . . . . . . . . . . 
'X-RAY DIFFRACTION' 3.278 4.621 . . 75  1289 100.0000 . . . 0.199 . 0.172 . . . . . . . . . . . 
'X-RAY DIFFRACTION' 4.621 39.38 . . 48  762  100.0000 . . . 0.271 . 0.215 . . . . . . . . . . . 
# 
_struct.entry_id                     7ZE6 
_struct.title                        'BRD4 in complex with FragLite10' 
_struct.pdbx_model_details           ? 
_struct.pdbx_formula_weight          ? 
_struct.pdbx_formula_weight_method   ? 
_struct.pdbx_model_type_details      ? 
_struct.pdbx_CASP_flag               N 
# 
_struct_keywords.entry_id        7ZE6 
_struct_keywords.text            'FragLites, anomalous, BRD4, Fragment screening, TRANSCRIPTION' 
_struct_keywords.pdbx_keywords   TRANSCRIPTION 
# 
loop_
_struct_asym.id 
_struct_asym.pdbx_blank_PDB_chainid_flag 
_struct_asym.pdbx_modified 
_struct_asym.entity_id 
_struct_asym.details 
A N N 1 ? 
B N N 2 ? 
C N N 3 ? 
D N N 4 ? 
# 
_struct_ref.id                         1 
_struct_ref.db_name                    UNP 
_struct_ref.db_code                    BRD4_HUMAN 
_struct_ref.pdbx_db_accession          O60885 
_struct_ref.pdbx_db_isoform            ? 
_struct_ref.entity_id                  1 
_struct_ref.pdbx_seq_one_letter_code   
;NPPPPETSNPNKPKRQTNQLQYLLRVVLKTLWKHQFAWPFQQPVDAVKLNLPDYYKIIKTPMDMGTIKKRLENNYYWNAQ
ECIQDFNTMFTNCYIYNKPGDDIVLMAEALEKLFLQKINELPTEE
;
_struct_ref.pdbx_align_begin           44 
# 
_struct_ref_seq.align_id                      1 
_struct_ref_seq.ref_id                        1 
_struct_ref_seq.pdbx_PDB_id_code              7ZE6 
_struct_ref_seq.pdbx_strand_id                A 
_struct_ref_seq.seq_align_beg                 5 
_struct_ref_seq.pdbx_seq_align_beg_ins_code   ? 
_struct_ref_seq.seq_align_end                 129 
_struct_ref_seq.pdbx_seq_align_end_ins_code   ? 
_struct_ref_seq.pdbx_db_accession             O60885 
_struct_ref_seq.db_align_beg                  44 
_struct_ref_seq.pdbx_db_align_beg_ins_code    ? 
_struct_ref_seq.db_align_end                  168 
_struct_ref_seq.pdbx_db_align_end_ins_code    ? 
_struct_ref_seq.pdbx_auth_seq_align_beg       44 
_struct_ref_seq.pdbx_auth_seq_align_end       168 
# 
loop_
_struct_ref_seq_dif.align_id 
_struct_ref_seq_dif.pdbx_pdb_id_code 
_struct_ref_seq_dif.mon_id 
_struct_ref_seq_dif.pdbx_pdb_strand_id 
_struct_ref_seq_dif.seq_num 
_struct_ref_seq_dif.pdbx_pdb_ins_code 
_struct_ref_seq_dif.pdbx_seq_db_name 
_struct_ref_seq_dif.pdbx_seq_db_accession_code 
_struct_ref_seq_dif.db_mon_id 
_struct_ref_seq_dif.pdbx_seq_db_seq_num 
_struct_ref_seq_dif.details 
_struct_ref_seq_dif.pdbx_auth_seq_num 
_struct_ref_seq_dif.pdbx_ordinal 
1 7ZE6 GLY A 1 ? UNP O60885 ? ? 'expression tag' 40 1 
1 7ZE6 SER A 2 ? UNP O60885 ? ? 'expression tag' 41 2 
1 7ZE6 HIS A 3 ? UNP O60885 ? ? 'expression tag' 42 3 
1 7ZE6 MET A 4 ? UNP O60885 ? ? 'expression tag' 43 4 
# 
_pdbx_struct_assembly.id                   1 
_pdbx_struct_assembly.details              author_and_software_defined_assembly 
_pdbx_struct_assembly.method_details       PISA 
_pdbx_struct_assembly.oligomeric_details   monomeric 
_pdbx_struct_assembly.oligomeric_count     1 
# 
loop_
_pdbx_struct_assembly_prop.biol_id 
_pdbx_struct_assembly_prop.type 
_pdbx_struct_assembly_prop.value 
_pdbx_struct_assembly_prop.details 
1 'ABSA (A^2)' 250  ? 
1 MORE         -0   ? 
1 'SSA (A^2)'  7690 ? 
# 
_pdbx_struct_assembly_gen.assembly_id       1 
_pdbx_struct_assembly_gen.oper_expression   1 
_pdbx_struct_assembly_gen.asym_id_list      A,B,C,D 
# 
_pdbx_struct_assembly_auth_evidence.id                     1 
_pdbx_struct_assembly_auth_evidence.assembly_id            1 
_pdbx_struct_assembly_auth_evidence.experimental_support   'gel filtration' 
_pdbx_struct_assembly_auth_evidence.details                ? 
# 
_pdbx_struct_oper_list.id                   1 
_pdbx_struct_oper_list.type                 'identity operation' 
_pdbx_struct_oper_list.name                 1_555 
_pdbx_struct_oper_list.symmetry_operation   x,y,z 
_pdbx_struct_oper_list.matrix[1][1]         1.0000000000 
_pdbx_struct_oper_list.matrix[1][2]         0.0000000000 
_pdbx_struct_oper_list.matrix[1][3]         0.0000000000 
_pdbx_struct_oper_list.vector[1]            0.0000000000 
_pdbx_struct_oper_list.matrix[2][1]         0.0000000000 
_pdbx_struct_oper_list.matrix[2][2]         1.0000000000 
_pdbx_struct_oper_list.matrix[2][3]         0.0000000000 
_pdbx_struct_oper_list.vector[2]            0.0000000000 
_pdbx_struct_oper_list.matrix[3][1]         0.0000000000 
_pdbx_struct_oper_list.matrix[3][2]         0.0000000000 
_pdbx_struct_oper_list.matrix[3][3]         1.0000000000 
_pdbx_struct_oper_list.vector[3]            0.0000000000 
# 
loop_
_struct_conf.conf_type_id 
_struct_conf.id 
_struct_conf.pdbx_PDB_helix_id 
_struct_conf.beg_label_comp_id 
_struct_conf.beg_label_asym_id 
_struct_conf.beg_label_seq_id 
_struct_conf.pdbx_beg_PDB_ins_code 
_struct_conf.end_label_comp_id 
_struct_conf.end_label_asym_id 
_struct_conf.end_label_seq_id 
_struct_conf.pdbx_end_PDB_ins_code 
_struct_conf.beg_auth_comp_id 
_struct_conf.beg_auth_asym_id 
_struct_conf.beg_auth_seq_id 
_struct_conf.end_auth_comp_id 
_struct_conf.end_auth_asym_id 
_struct_conf.end_auth_seq_id 
_struct_conf.pdbx_PDB_helix_class 
_struct_conf.details 
_struct_conf.pdbx_PDB_helix_length 
HELX_P HELX_P1 AA1 THR A 21  ? VAL A 30  ? THR A 60  VAL A 69  1 ? 10 
HELX_P HELX_P2 AA2 VAL A 30  ? LYS A 37  ? VAL A 69  LYS A 76  1 ? 8  
HELX_P HELX_P3 AA3 ALA A 41  ? GLN A 45  ? ALA A 80  GLN A 84  5 ? 5  
HELX_P HELX_P4 AA4 ASP A 57  ? ILE A 62  ? ASP A 96  ILE A 101 1 ? 6  
HELX_P HELX_P5 AA5 ASP A 67  ? ASN A 77  ? ASP A 106 ASN A 116 1 ? 11 
HELX_P HELX_P6 AA6 ASN A 82  ? ASN A 101 ? ASN A 121 ASN A 140 1 ? 20 
HELX_P HELX_P7 AA7 ASP A 105 ? GLU A 124 ? ASP A 144 GLU A 163 1 ? 20 
# 
_struct_conf_type.id          HELX_P 
_struct_conf_type.criteria    ? 
_struct_conf_type.reference   ? 
# 
loop_
_pdbx_validate_close_contact.id 
_pdbx_validate_close_contact.PDB_model_num 
_pdbx_validate_close_contact.auth_atom_id_1 
_pdbx_validate_close_contact.auth_asym_id_1 
_pdbx_validate_close_contact.auth_comp_id_1 
_pdbx_validate_close_contact.auth_seq_id_1 
_pdbx_validate_close_contact.PDB_ins_code_1 
_pdbx_validate_close_contact.label_alt_id_1 
_pdbx_validate_close_contact.auth_atom_id_2 
_pdbx_validate_close_contact.auth_asym_id_2 
_pdbx_validate_close_contact.auth_comp_id_2 
_pdbx_validate_close_contact.auth_seq_id_2 
_pdbx_validate_close_contact.PDB_ins_code_2 
_pdbx_validate_close_contact.label_alt_id_2 
_pdbx_validate_close_contact.dist 
1 1 C4  A 1P8 202 ? ? O   A HOH 352 ? ? 1.77 
2 1 NE2 A GLN 59  ? ? OD1 A ASN 117 ? B 1.88 
3 1 OD1 A ASN 135 ? ? O3  A GOL 201 ? ? 2.06 
4 1 NZ  A LYS 76  ? ? O   A HOH 301 ? ? 2.15 
# 
_pdbx_validate_symm_contact.id                1 
_pdbx_validate_symm_contact.PDB_model_num     1 
_pdbx_validate_symm_contact.auth_atom_id_1    O 
_pdbx_validate_symm_contact.auth_asym_id_1    A 
_pdbx_validate_symm_contact.auth_comp_id_1    HOH 
_pdbx_validate_symm_contact.auth_seq_id_1     330 
_pdbx_validate_symm_contact.PDB_ins_code_1    ? 
_pdbx_validate_symm_contact.label_alt_id_1    ? 
_pdbx_validate_symm_contact.site_symmetry_1   1_555 
_pdbx_validate_symm_contact.auth_atom_id_2    O 
_pdbx_validate_symm_contact.auth_asym_id_2    A 
_pdbx_validate_symm_contact.auth_comp_id_2    HOH 
_pdbx_validate_symm_contact.auth_seq_id_2     344 
_pdbx_validate_symm_contact.PDB_ins_code_2    ? 
_pdbx_validate_symm_contact.label_alt_id_2    ? 
_pdbx_validate_symm_contact.site_symmetry_2   2_454 
_pdbx_validate_symm_contact.dist              2.03 
# 
_pdbx_validate_rmsd_bond.id                        1 
_pdbx_validate_rmsd_bond.PDB_model_num             1 
_pdbx_validate_rmsd_bond.auth_atom_id_1            CD 
_pdbx_validate_rmsd_bond.auth_asym_id_1            A 
_pdbx_validate_rmsd_bond.auth_comp_id_1            GLU 
_pdbx_validate_rmsd_bond.auth_seq_id_1             124 
_pdbx_validate_rmsd_bond.PDB_ins_code_1            ? 
_pdbx_validate_rmsd_bond.label_alt_id_1            ? 
_pdbx_validate_rmsd_bond.auth_atom_id_2            OE2 
_pdbx_validate_rmsd_bond.auth_asym_id_2            A 
_pdbx_validate_rmsd_bond.auth_comp_id_2            GLU 
_pdbx_validate_rmsd_bond.auth_seq_id_2             124 
_pdbx_validate_rmsd_bond.PDB_ins_code_2            ? 
_pdbx_validate_rmsd_bond.label_alt_id_2            ? 
_pdbx_validate_rmsd_bond.bond_value                1.173 
_pdbx_validate_rmsd_bond.bond_target_value         1.252 
_pdbx_validate_rmsd_bond.bond_deviation            -0.079 
_pdbx_validate_rmsd_bond.bond_standard_deviation   0.011 
_pdbx_validate_rmsd_bond.linker_flag               N 
# 
loop_
_pdbx_validate_torsion.id 
_pdbx_validate_torsion.PDB_model_num 
_pdbx_validate_torsion.auth_comp_id 
_pdbx_validate_torsion.auth_asym_id 
_pdbx_validate_torsion.auth_seq_id 
_pdbx_validate_torsion.PDB_ins_code 
_pdbx_validate_torsion.label_alt_id 
_pdbx_validate_torsion.phi 
_pdbx_validate_torsion.psi 
1 1 ASN A 52  ? ? -161.61 103.72 
2 1 LEU A 94  ? ? -119.53 69.90  
3 1 ASN A 116 ? ? -108.99 46.25  
4 1 ASN A 117 ? A -20.22  102.84 
5 1 ASN A 117 ? B 42.34   77.43  
# 
_pdbx_entry_details.entry_id                 7ZE6 
_pdbx_entry_details.has_ligand_of_interest   Y 
_pdbx_entry_details.compound_details         ? 
_pdbx_entry_details.source_details           ? 
_pdbx_entry_details.nonpolymer_details       ? 
_pdbx_entry_details.sequence_details         ? 
# 
loop_
_chem_comp_atom.comp_id 
_chem_comp_atom.atom_id 
_chem_comp_atom.type_symbol 
_chem_comp_atom.pdbx_aromatic_flag 
_chem_comp_atom.pdbx_stereo_config 
_chem_comp_atom.pdbx_ordinal 
1P8 O8   O  N N 1   
1P8 C7   C  N N 2   
1P8 C6   C  N N 3   
1P8 N9   N  N N 4   
1P8 C10  C  Y N 5   
1P8 C11  C  Y N 6   
1P8 C2   C  Y N 7   
1P8 BR1  BR N N 8   
1P8 C5   C  Y N 9   
1P8 C4   C  Y N 10  
1P8 C3   C  Y N 11  
1P8 H1   H  N N 12  
1P8 H2   H  N N 13  
1P8 H3   H  N N 14  
1P8 H4   H  N N 15  
1P8 H5   H  N N 16  
1P8 H6   H  N N 17  
ALA N    N  N N 18  
ALA CA   C  N S 19  
ALA C    C  N N 20  
ALA O    O  N N 21  
ALA CB   C  N N 22  
ALA OXT  O  N N 23  
ALA H    H  N N 24  
ALA H2   H  N N 25  
ALA HA   H  N N 26  
ALA HB1  H  N N 27  
ALA HB2  H  N N 28  
ALA HB3  H  N N 29  
ALA HXT  H  N N 30  
ARG N    N  N N 31  
ARG CA   C  N S 32  
ARG C    C  N N 33  
ARG O    O  N N 34  
ARG CB   C  N N 35  
ARG CG   C  N N 36  
ARG CD   C  N N 37  
ARG NE   N  N N 38  
ARG CZ   C  N N 39  
ARG NH1  N  N N 40  
ARG NH2  N  N N 41  
ARG OXT  O  N N 42  
ARG H    H  N N 43  
ARG H2   H  N N 44  
ARG HA   H  N N 45  
ARG HB2  H  N N 46  
ARG HB3  H  N N 47  
ARG HG2  H  N N 48  
ARG HG3  H  N N 49  
ARG HD2  H  N N 50  
ARG HD3  H  N N 51  
ARG HE   H  N N 52  
ARG HH11 H  N N 53  
ARG HH12 H  N N 54  
ARG HH21 H  N N 55  
ARG HH22 H  N N 56  
ARG HXT  H  N N 57  
ASN N    N  N N 58  
ASN CA   C  N S 59  
ASN C    C  N N 60  
ASN O    O  N N 61  
ASN CB   C  N N 62  
ASN CG   C  N N 63  
ASN OD1  O  N N 64  
ASN ND2  N  N N 65  
ASN OXT  O  N N 66  
ASN H    H  N N 67  
ASN H2   H  N N 68  
ASN HA   H  N N 69  
ASN HB2  H  N N 70  
ASN HB3  H  N N 71  
ASN HD21 H  N N 72  
ASN HD22 H  N N 73  
ASN HXT  H  N N 74  
ASP N    N  N N 75  
ASP CA   C  N S 76  
ASP C    C  N N 77  
ASP O    O  N N 78  
ASP CB   C  N N 79  
ASP CG   C  N N 80  
ASP OD1  O  N N 81  
ASP OD2  O  N N 82  
ASP OXT  O  N N 83  
ASP H    H  N N 84  
ASP H2   H  N N 85  
ASP HA   H  N N 86  
ASP HB2  H  N N 87  
ASP HB3  H  N N 88  
ASP HD2  H  N N 89  
ASP HXT  H  N N 90  
CYS N    N  N N 91  
CYS CA   C  N R 92  
CYS C    C  N N 93  
CYS O    O  N N 94  
CYS CB   C  N N 95  
CYS SG   S  N N 96  
CYS OXT  O  N N 97  
CYS H    H  N N 98  
CYS H2   H  N N 99  
CYS HA   H  N N 100 
CYS HB2  H  N N 101 
CYS HB3  H  N N 102 
CYS HG   H  N N 103 
CYS HXT  H  N N 104 
GLN N    N  N N 105 
GLN CA   C  N S 106 
GLN C    C  N N 107 
GLN O    O  N N 108 
GLN CB   C  N N 109 
GLN CG   C  N N 110 
GLN CD   C  N N 111 
GLN OE1  O  N N 112 
GLN NE2  N  N N 113 
GLN OXT  O  N N 114 
GLN H    H  N N 115 
GLN H2   H  N N 116 
GLN HA   H  N N 117 
GLN HB2  H  N N 118 
GLN HB3  H  N N 119 
GLN HG2  H  N N 120 
GLN HG3  H  N N 121 
GLN HE21 H  N N 122 
GLN HE22 H  N N 123 
GLN HXT  H  N N 124 
GLU N    N  N N 125 
GLU CA   C  N S 126 
GLU C    C  N N 127 
GLU O    O  N N 128 
GLU CB   C  N N 129 
GLU CG   C  N N 130 
GLU CD   C  N N 131 
GLU OE1  O  N N 132 
GLU OE2  O  N N 133 
GLU OXT  O  N N 134 
GLU H    H  N N 135 
GLU H2   H  N N 136 
GLU HA   H  N N 137 
GLU HB2  H  N N 138 
GLU HB3  H  N N 139 
GLU HG2  H  N N 140 
GLU HG3  H  N N 141 
GLU HE2  H  N N 142 
GLU HXT  H  N N 143 
GLY N    N  N N 144 
GLY CA   C  N N 145 
GLY C    C  N N 146 
GLY O    O  N N 147 
GLY OXT  O  N N 148 
GLY H    H  N N 149 
GLY H2   H  N N 150 
GLY HA2  H  N N 151 
GLY HA3  H  N N 152 
GLY HXT  H  N N 153 
GOL C1   C  N N 154 
GOL O1   O  N N 155 
GOL C2   C  N N 156 
GOL O2   O  N N 157 
GOL C3   C  N N 158 
GOL O3   O  N N 159 
GOL H11  H  N N 160 
GOL H12  H  N N 161 
GOL HO1  H  N N 162 
GOL H2   H  N N 163 
GOL HO2  H  N N 164 
GOL H31  H  N N 165 
GOL H32  H  N N 166 
GOL HO3  H  N N 167 
HIS N    N  N N 168 
HIS CA   C  N S 169 
HIS C    C  N N 170 
HIS O    O  N N 171 
HIS CB   C  N N 172 
HIS CG   C  Y N 173 
HIS ND1  N  Y N 174 
HIS CD2  C  Y N 175 
HIS CE1  C  Y N 176 
HIS NE2  N  Y N 177 
HIS OXT  O  N N 178 
HIS H    H  N N 179 
HIS H2   H  N N 180 
HIS HA   H  N N 181 
HIS HB2  H  N N 182 
HIS HB3  H  N N 183 
HIS HD1  H  N N 184 
HIS HD2  H  N N 185 
HIS HE1  H  N N 186 
HIS HE2  H  N N 187 
HIS HXT  H  N N 188 
HOH O    O  N N 189 
HOH H1   H  N N 190 
HOH H2   H  N N 191 
ILE N    N  N N 192 
ILE CA   C  N S 193 
ILE C    C  N N 194 
ILE O    O  N N 195 
ILE CB   C  N S 196 
ILE CG1  C  N N 197 
ILE CG2  C  N N 198 
ILE CD1  C  N N 199 
ILE OXT  O  N N 200 
ILE H    H  N N 201 
ILE H2   H  N N 202 
ILE HA   H  N N 203 
ILE HB   H  N N 204 
ILE HG12 H  N N 205 
ILE HG13 H  N N 206 
ILE HG21 H  N N 207 
ILE HG22 H  N N 208 
ILE HG23 H  N N 209 
ILE HD11 H  N N 210 
ILE HD12 H  N N 211 
ILE HD13 H  N N 212 
ILE HXT  H  N N 213 
LEU N    N  N N 214 
LEU CA   C  N S 215 
LEU C    C  N N 216 
LEU O    O  N N 217 
LEU CB   C  N N 218 
LEU CG   C  N N 219 
LEU CD1  C  N N 220 
LEU CD2  C  N N 221 
LEU OXT  O  N N 222 
LEU H    H  N N 223 
LEU H2   H  N N 224 
LEU HA   H  N N 225 
LEU HB2  H  N N 226 
LEU HB3  H  N N 227 
LEU HG   H  N N 228 
LEU HD11 H  N N 229 
LEU HD12 H  N N 230 
LEU HD13 H  N N 231 
LEU HD21 H  N N 232 
LEU HD22 H  N N 233 
LEU HD23 H  N N 234 
LEU HXT  H  N N 235 
LYS N    N  N N 236 
LYS CA   C  N S 237 
LYS C    C  N N 238 
LYS O    O  N N 239 
LYS CB   C  N N 240 
LYS CG   C  N N 241 
LYS CD   C  N N 242 
LYS CE   C  N N 243 
LYS NZ   N  N N 244 
LYS OXT  O  N N 245 
LYS H    H  N N 246 
LYS H2   H  N N 247 
LYS HA   H  N N 248 
LYS HB2  H  N N 249 
LYS HB3  H  N N 250 
LYS HG2  H  N N 251 
LYS HG3  H  N N 252 
LYS HD2  H  N N 253 
LYS HD3  H  N N 254 
LYS HE2  H  N N 255 
LYS HE3  H  N N 256 
LYS HZ1  H  N N 257 
LYS HZ2  H  N N 258 
LYS HZ3  H  N N 259 
LYS HXT  H  N N 260 
MET N    N  N N 261 
MET CA   C  N S 262 
MET C    C  N N 263 
MET O    O  N N 264 
MET CB   C  N N 265 
MET CG   C  N N 266 
MET SD   S  N N 267 
MET CE   C  N N 268 
MET OXT  O  N N 269 
MET H    H  N N 270 
MET H2   H  N N 271 
MET HA   H  N N 272 
MET HB2  H  N N 273 
MET HB3  H  N N 274 
MET HG2  H  N N 275 
MET HG3  H  N N 276 
MET HE1  H  N N 277 
MET HE2  H  N N 278 
MET HE3  H  N N 279 
MET HXT  H  N N 280 
PHE N    N  N N 281 
PHE CA   C  N S 282 
PHE C    C  N N 283 
PHE O    O  N N 284 
PHE CB   C  N N 285 
PHE CG   C  Y N 286 
PHE CD1  C  Y N 287 
PHE CD2  C  Y N 288 
PHE CE1  C  Y N 289 
PHE CE2  C  Y N 290 
PHE CZ   C  Y N 291 
PHE OXT  O  N N 292 
PHE H    H  N N 293 
PHE H2   H  N N 294 
PHE HA   H  N N 295 
PHE HB2  H  N N 296 
PHE HB3  H  N N 297 
PHE HD1  H  N N 298 
PHE HD2  H  N N 299 
PHE HE1  H  N N 300 
PHE HE2  H  N N 301 
PHE HZ   H  N N 302 
PHE HXT  H  N N 303 
PRO N    N  N N 304 
PRO CA   C  N S 305 
PRO C    C  N N 306 
PRO O    O  N N 307 
PRO CB   C  N N 308 
PRO CG   C  N N 309 
PRO CD   C  N N 310 
PRO OXT  O  N N 311 
PRO H    H  N N 312 
PRO HA   H  N N 313 
PRO HB2  H  N N 314 
PRO HB3  H  N N 315 
PRO HG2  H  N N 316 
PRO HG3  H  N N 317 
PRO HD2  H  N N 318 
PRO HD3  H  N N 319 
PRO HXT  H  N N 320 
SER N    N  N N 321 
SER CA   C  N S 322 
SER C    C  N N 323 
SER O    O  N N 324 
SER CB   C  N N 325 
SER OG   O  N N 326 
SER OXT  O  N N 327 
SER H    H  N N 328 
SER H2   H  N N 329 
SER HA   H  N N 330 
SER HB2  H  N N 331 
SER HB3  H  N N 332 
SER HG   H  N N 333 
SER HXT  H  N N 334 
THR N    N  N N 335 
THR CA   C  N S 336 
THR C    C  N N 337 
THR O    O  N N 338 
THR CB   C  N R 339 
THR OG1  O  N N 340 
THR CG2  C  N N 341 
THR OXT  O  N N 342 
THR H    H  N N 343 
THR H2   H  N N 344 
THR HA   H  N N 345 
THR HB   H  N N 346 
THR HG1  H  N N 347 
THR HG21 H  N N 348 
THR HG22 H  N N 349 
THR HG23 H  N N 350 
THR HXT  H  N N 351 
TRP N    N  N N 352 
TRP CA   C  N S 353 
TRP C    C  N N 354 
TRP O    O  N N 355 
TRP CB   C  N N 356 
TRP CG   C  Y N 357 
TRP CD1  C  Y N 358 
TRP CD2  C  Y N 359 
TRP NE1  N  Y N 360 
TRP CE2  C  Y N 361 
TRP CE3  C  Y N 362 
TRP CZ2  C  Y N 363 
TRP CZ3  C  Y N 364 
TRP CH2  C  Y N 365 
TRP OXT  O  N N 366 
TRP H    H  N N 367 
TRP H2   H  N N 368 
TRP HA   H  N N 369 
TRP HB2  H  N N 370 
TRP HB3  H  N N 371 
TRP HD1  H  N N 372 
TRP HE1  H  N N 373 
TRP HE3  H  N N 374 
TRP HZ2  H  N N 375 
TRP HZ3  H  N N 376 
TRP HH2  H  N N 377 
TRP HXT  H  N N 378 
TYR N    N  N N 379 
TYR CA   C  N S 380 
TYR C    C  N N 381 
TYR O    O  N N 382 
TYR CB   C  N N 383 
TYR CG   C  Y N 384 
TYR CD1  C  Y N 385 
TYR CD2  C  Y N 386 
TYR CE1  C  Y N 387 
TYR CE2  C  Y N 388 
TYR CZ   C  Y N 389 
TYR OH   O  N N 390 
TYR OXT  O  N N 391 
TYR H    H  N N 392 
TYR H2   H  N N 393 
TYR HA   H  N N 394 
TYR HB2  H  N N 395 
TYR HB3  H  N N 396 
TYR HD1  H  N N 397 
TYR HD2  H  N N 398 
TYR HE1  H  N N 399 
TYR HE2  H  N N 400 
TYR HH   H  N N 401 
TYR HXT  H  N N 402 
VAL N    N  N N 403 
VAL CA   C  N S 404 
VAL C    C  N N 405 
VAL O    O  N N 406 
VAL CB   C  N N 407 
VAL CG1  C  N N 408 
VAL CG2  C  N N 409 
VAL OXT  O  N N 410 
VAL H    H  N N 411 
VAL H2   H  N N 412 
VAL HA   H  N N 413 
VAL HB   H  N N 414 
VAL HG11 H  N N 415 
VAL HG12 H  N N 416 
VAL HG13 H  N N 417 
VAL HG21 H  N N 418 
VAL HG22 H  N N 419 
VAL HG23 H  N N 420 
VAL HXT  H  N N 421 
# 
loop_
_chem_comp_bond.comp_id 
_chem_comp_bond.atom_id_1 
_chem_comp_bond.atom_id_2 
_chem_comp_bond.value_order 
_chem_comp_bond.pdbx_aromatic_flag 
_chem_comp_bond.pdbx_stereo_config 
_chem_comp_bond.pdbx_ordinal 
1P8 BR1 C2   sing N N 1   
1P8 C3  C2   doub Y N 2   
1P8 C3  C4   sing Y N 3   
1P8 C2  C11  sing Y N 4   
1P8 C4  C5   doub Y N 5   
1P8 C11 C10  doub Y N 6   
1P8 C5  C10  sing Y N 7   
1P8 C5  C6   sing N N 8   
1P8 C10 N9   sing N N 9   
1P8 C6  C7   sing N N 10  
1P8 N9  C7   sing N N 11  
1P8 C7  O8   doub N N 12  
1P8 C6  H1   sing N N 13  
1P8 C6  H2   sing N N 14  
1P8 N9  H3   sing N N 15  
1P8 C11 H4   sing N N 16  
1P8 C4  H5   sing N N 17  
1P8 C3  H6   sing N N 18  
ALA N   CA   sing N N 19  
ALA N   H    sing N N 20  
ALA N   H2   sing N N 21  
ALA CA  C    sing N N 22  
ALA CA  CB   sing N N 23  
ALA CA  HA   sing N N 24  
ALA C   O    doub N N 25  
ALA C   OXT  sing N N 26  
ALA CB  HB1  sing N N 27  
ALA CB  HB2  sing N N 28  
ALA CB  HB3  sing N N 29  
ALA OXT HXT  sing N N 30  
ARG N   CA   sing N N 31  
ARG N   H    sing N N 32  
ARG N   H2   sing N N 33  
ARG CA  C    sing N N 34  
ARG CA  CB   sing N N 35  
ARG CA  HA   sing N N 36  
ARG C   O    doub N N 37  
ARG C   OXT  sing N N 38  
ARG CB  CG   sing N N 39  
ARG CB  HB2  sing N N 40  
ARG CB  HB3  sing N N 41  
ARG CG  CD   sing N N 42  
ARG CG  HG2  sing N N 43  
ARG CG  HG3  sing N N 44  
ARG CD  NE   sing N N 45  
ARG CD  HD2  sing N N 46  
ARG CD  HD3  sing N N 47  
ARG NE  CZ   sing N N 48  
ARG NE  HE   sing N N 49  
ARG CZ  NH1  sing N N 50  
ARG CZ  NH2  doub N N 51  
ARG NH1 HH11 sing N N 52  
ARG NH1 HH12 sing N N 53  
ARG NH2 HH21 sing N N 54  
ARG NH2 HH22 sing N N 55  
ARG OXT HXT  sing N N 56  
ASN N   CA   sing N N 57  
ASN N   H    sing N N 58  
ASN N   H2   sing N N 59  
ASN CA  C    sing N N 60  
ASN CA  CB   sing N N 61  
ASN CA  HA   sing N N 62  
ASN C   O    doub N N 63  
ASN C   OXT  sing N N 64  
ASN CB  CG   sing N N 65  
ASN CB  HB2  sing N N 66  
ASN CB  HB3  sing N N 67  
ASN CG  OD1  doub N N 68  
ASN CG  ND2  sing N N 69  
ASN ND2 HD21 sing N N 70  
ASN ND2 HD22 sing N N 71  
ASN OXT HXT  sing N N 72  
ASP N   CA   sing N N 73  
ASP N   H    sing N N 74  
ASP N   H2   sing N N 75  
ASP CA  C    sing N N 76  
ASP CA  CB   sing N N 77  
ASP CA  HA   sing N N 78  
ASP C   O    doub N N 79  
ASP C   OXT  sing N N 80  
ASP CB  CG   sing N N 81  
ASP CB  HB2  sing N N 82  
ASP CB  HB3  sing N N 83  
ASP CG  OD1  doub N N 84  
ASP CG  OD2  sing N N 85  
ASP OD2 HD2  sing N N 86  
ASP OXT HXT  sing N N 87  
CYS N   CA   sing N N 88  
CYS N   H    sing N N 89  
CYS N   H2   sing N N 90  
CYS CA  C    sing N N 91  
CYS CA  CB   sing N N 92  
CYS CA  HA   sing N N 93  
CYS C   O    doub N N 94  
CYS C   OXT  sing N N 95  
CYS CB  SG   sing N N 96  
CYS CB  HB2  sing N N 97  
CYS CB  HB3  sing N N 98  
CYS SG  HG   sing N N 99  
CYS OXT HXT  sing N N 100 
GLN N   CA   sing N N 101 
GLN N   H    sing N N 102 
GLN N   H2   sing N N 103 
GLN CA  C    sing N N 104 
GLN CA  CB   sing N N 105 
GLN CA  HA   sing N N 106 
GLN C   O    doub N N 107 
GLN C   OXT  sing N N 108 
GLN CB  CG   sing N N 109 
GLN CB  HB2  sing N N 110 
GLN CB  HB3  sing N N 111 
GLN CG  CD   sing N N 112 
GLN CG  HG2  sing N N 113 
GLN CG  HG3  sing N N 114 
GLN CD  OE1  doub N N 115 
GLN CD  NE2  sing N N 116 
GLN NE2 HE21 sing N N 117 
GLN NE2 HE22 sing N N 118 
GLN OXT HXT  sing N N 119 
GLU N   CA   sing N N 120 
GLU N   H    sing N N 121 
GLU N   H2   sing N N 122 
GLU CA  C    sing N N 123 
GLU CA  CB   sing N N 124 
GLU CA  HA   sing N N 125 
GLU C   O    doub N N 126 
GLU C   OXT  sing N N 127 
GLU CB  CG   sing N N 128 
GLU CB  HB2  sing N N 129 
GLU CB  HB3  sing N N 130 
GLU CG  CD   sing N N 131 
GLU CG  HG2  sing N N 132 
GLU CG  HG3  sing N N 133 
GLU CD  OE1  doub N N 134 
GLU CD  OE2  sing N N 135 
GLU OE2 HE2  sing N N 136 
GLU OXT HXT  sing N N 137 
GLY N   CA   sing N N 138 
GLY N   H    sing N N 139 
GLY N   H2   sing N N 140 
GLY CA  C    sing N N 141 
GLY CA  HA2  sing N N 142 
GLY CA  HA3  sing N N 143 
GLY C   O    doub N N 144 
GLY C   OXT  sing N N 145 
GLY OXT HXT  sing N N 146 
GOL C1  O1   sing N N 147 
GOL C1  C2   sing N N 148 
GOL C1  H11  sing N N 149 
GOL C1  H12  sing N N 150 
GOL O1  HO1  sing N N 151 
GOL C2  O2   sing N N 152 
GOL C2  C3   sing N N 153 
GOL C2  H2   sing N N 154 
GOL O2  HO2  sing N N 155 
GOL C3  O3   sing N N 156 
GOL C3  H31  sing N N 157 
GOL C3  H32  sing N N 158 
GOL O3  HO3  sing N N 159 
HIS N   CA   sing N N 160 
HIS N   H    sing N N 161 
HIS N   H2   sing N N 162 
HIS CA  C    sing N N 163 
HIS CA  CB   sing N N 164 
HIS CA  HA   sing N N 165 
HIS C   O    doub N N 166 
HIS C   OXT  sing N N 167 
HIS CB  CG   sing N N 168 
HIS CB  HB2  sing N N 169 
HIS CB  HB3  sing N N 170 
HIS CG  ND1  sing Y N 171 
HIS CG  CD2  doub Y N 172 
HIS ND1 CE1  doub Y N 173 
HIS ND1 HD1  sing N N 174 
HIS CD2 NE2  sing Y N 175 
HIS CD2 HD2  sing N N 176 
HIS CE1 NE2  sing Y N 177 
HIS CE1 HE1  sing N N 178 
HIS NE2 HE2  sing N N 179 
HIS OXT HXT  sing N N 180 
HOH O   H1   sing N N 181 
HOH O   H2   sing N N 182 
ILE N   CA   sing N N 183 
ILE N   H    sing N N 184 
ILE N   H2   sing N N 185 
ILE CA  C    sing N N 186 
ILE CA  CB   sing N N 187 
ILE CA  HA   sing N N 188 
ILE C   O    doub N N 189 
ILE C   OXT  sing N N 190 
ILE CB  CG1  sing N N 191 
ILE CB  CG2  sing N N 192 
ILE CB  HB   sing N N 193 
ILE CG1 CD1  sing N N 194 
ILE CG1 HG12 sing N N 195 
ILE CG1 HG13 sing N N 196 
ILE CG2 HG21 sing N N 197 
ILE CG2 HG22 sing N N 198 
ILE CG2 HG23 sing N N 199 
ILE CD1 HD11 sing N N 200 
ILE CD1 HD12 sing N N 201 
ILE CD1 HD13 sing N N 202 
ILE OXT HXT  sing N N 203 
LEU N   CA   sing N N 204 
LEU N   H    sing N N 205 
LEU N   H2   sing N N 206 
LEU CA  C    sing N N 207 
LEU CA  CB   sing N N 208 
LEU CA  HA   sing N N 209 
LEU C   O    doub N N 210 
LEU C   OXT  sing N N 211 
LEU CB  CG   sing N N 212 
LEU CB  HB2  sing N N 213 
LEU CB  HB3  sing N N 214 
LEU CG  CD1  sing N N 215 
LEU CG  CD2  sing N N 216 
LEU CG  HG   sing N N 217 
LEU CD1 HD11 sing N N 218 
LEU CD1 HD12 sing N N 219 
LEU CD1 HD13 sing N N 220 
LEU CD2 HD21 sing N N 221 
LEU CD2 HD22 sing N N 222 
LEU CD2 HD23 sing N N 223 
LEU OXT HXT  sing N N 224 
LYS N   CA   sing N N 225 
LYS N   H    sing N N 226 
LYS N   H2   sing N N 227 
LYS CA  C    sing N N 228 
LYS CA  CB   sing N N 229 
LYS CA  HA   sing N N 230 
LYS C   O    doub N N 231 
LYS C   OXT  sing N N 232 
LYS CB  CG   sing N N 233 
LYS CB  HB2  sing N N 234 
LYS CB  HB3  sing N N 235 
LYS CG  CD   sing N N 236 
LYS CG  HG2  sing N N 237 
LYS CG  HG3  sing N N 238 
LYS CD  CE   sing N N 239 
LYS CD  HD2  sing N N 240 
LYS CD  HD3  sing N N 241 
LYS CE  NZ   sing N N 242 
LYS CE  HE2  sing N N 243 
LYS CE  HE3  sing N N 244 
LYS NZ  HZ1  sing N N 245 
LYS NZ  HZ2  sing N N 246 
LYS NZ  HZ3  sing N N 247 
LYS OXT HXT  sing N N 248 
MET N   CA   sing N N 249 
MET N   H    sing N N 250 
MET N   H2   sing N N 251 
MET CA  C    sing N N 252 
MET CA  CB   sing N N 253 
MET CA  HA   sing N N 254 
MET C   O    doub N N 255 
MET C   OXT  sing N N 256 
MET CB  CG   sing N N 257 
MET CB  HB2  sing N N 258 
MET CB  HB3  sing N N 259 
MET CG  SD   sing N N 260 
MET CG  HG2  sing N N 261 
MET CG  HG3  sing N N 262 
MET SD  CE   sing N N 263 
MET CE  HE1  sing N N 264 
MET CE  HE2  sing N N 265 
MET CE  HE3  sing N N 266 
MET OXT HXT  sing N N 267 
PHE N   CA   sing N N 268 
PHE N   H    sing N N 269 
PHE N   H2   sing N N 270 
PHE CA  C    sing N N 271 
PHE CA  CB   sing N N 272 
PHE CA  HA   sing N N 273 
PHE C   O    doub N N 274 
PHE C   OXT  sing N N 275 
PHE CB  CG   sing N N 276 
PHE CB  HB2  sing N N 277 
PHE CB  HB3  sing N N 278 
PHE CG  CD1  doub Y N 279 
PHE CG  CD2  sing Y N 280 
PHE CD1 CE1  sing Y N 281 
PHE CD1 HD1  sing N N 282 
PHE CD2 CE2  doub Y N 283 
PHE CD2 HD2  sing N N 284 
PHE CE1 CZ   doub Y N 285 
PHE CE1 HE1  sing N N 286 
PHE CE2 CZ   sing Y N 287 
PHE CE2 HE2  sing N N 288 
PHE CZ  HZ   sing N N 289 
PHE OXT HXT  sing N N 290 
PRO N   CA   sing N N 291 
PRO N   CD   sing N N 292 
PRO N   H    sing N N 293 
PRO CA  C    sing N N 294 
PRO CA  CB   sing N N 295 
PRO CA  HA   sing N N 296 
PRO C   O    doub N N 297 
PRO C   OXT  sing N N 298 
PRO CB  CG   sing N N 299 
PRO CB  HB2  sing N N 300 
PRO CB  HB3  sing N N 301 
PRO CG  CD   sing N N 302 
PRO CG  HG2  sing N N 303 
PRO CG  HG3  sing N N 304 
PRO CD  HD2  sing N N 305 
PRO CD  HD3  sing N N 306 
PRO OXT HXT  sing N N 307 
SER N   CA   sing N N 308 
SER N   H    sing N N 309 
SER N   H2   sing N N 310 
SER CA  C    sing N N 311 
SER CA  CB   sing N N 312 
SER CA  HA   sing N N 313 
SER C   O    doub N N 314 
SER C   OXT  sing N N 315 
SER CB  OG   sing N N 316 
SER CB  HB2  sing N N 317 
SER CB  HB3  sing N N 318 
SER OG  HG   sing N N 319 
SER OXT HXT  sing N N 320 
THR N   CA   sing N N 321 
THR N   H    sing N N 322 
THR N   H2   sing N N 323 
THR CA  C    sing N N 324 
THR CA  CB   sing N N 325 
THR CA  HA   sing N N 326 
THR C   O    doub N N 327 
THR C   OXT  sing N N 328 
THR CB  OG1  sing N N 329 
THR CB  CG2  sing N N 330 
THR CB  HB   sing N N 331 
THR OG1 HG1  sing N N 332 
THR CG2 HG21 sing N N 333 
THR CG2 HG22 sing N N 334 
THR CG2 HG23 sing N N 335 
THR OXT HXT  sing N N 336 
TRP N   CA   sing N N 337 
TRP N   H    sing N N 338 
TRP N   H2   sing N N 339 
TRP CA  C    sing N N 340 
TRP CA  CB   sing N N 341 
TRP CA  HA   sing N N 342 
TRP C   O    doub N N 343 
TRP C   OXT  sing N N 344 
TRP CB  CG   sing N N 345 
TRP CB  HB2  sing N N 346 
TRP CB  HB3  sing N N 347 
TRP CG  CD1  doub Y N 348 
TRP CG  CD2  sing Y N 349 
TRP CD1 NE1  sing Y N 350 
TRP CD1 HD1  sing N N 351 
TRP CD2 CE2  doub Y N 352 
TRP CD2 CE3  sing Y N 353 
TRP NE1 CE2  sing Y N 354 
TRP NE1 HE1  sing N N 355 
TRP CE2 CZ2  sing Y N 356 
TRP CE3 CZ3  doub Y N 357 
TRP CE3 HE3  sing N N 358 
TRP CZ2 CH2  doub Y N 359 
TRP CZ2 HZ2  sing N N 360 
TRP CZ3 CH2  sing Y N 361 
TRP CZ3 HZ3  sing N N 362 
TRP CH2 HH2  sing N N 363 
TRP OXT HXT  sing N N 364 
TYR N   CA   sing N N 365 
TYR N   H    sing N N 366 
TYR N   H2   sing N N 367 
TYR CA  C    sing N N 368 
TYR CA  CB   sing N N 369 
TYR CA  HA   sing N N 370 
TYR C   O    doub N N 371 
TYR C   OXT  sing N N 372 
TYR CB  CG   sing N N 373 
TYR CB  HB2  sing N N 374 
TYR CB  HB3  sing N N 375 
TYR CG  CD1  doub Y N 376 
TYR CG  CD2  sing Y N 377 
TYR CD1 CE1  sing Y N 378 
TYR CD1 HD1  sing N N 379 
TYR CD2 CE2  doub Y N 380 
TYR CD2 HD2  sing N N 381 
TYR CE1 CZ   doub Y N 382 
TYR CE1 HE1  sing N N 383 
TYR CE2 CZ   sing Y N 384 
TYR CE2 HE2  sing N N 385 
TYR CZ  OH   sing N N 386 
TYR OH  HH   sing N N 387 
TYR OXT HXT  sing N N 388 
VAL N   CA   sing N N 389 
VAL N   H    sing N N 390 
VAL N   H2   sing N N 391 
VAL CA  C    sing N N 392 
VAL CA  CB   sing N N 393 
VAL CA  HA   sing N N 394 
VAL C   O    doub N N 395 
VAL C   OXT  sing N N 396 
VAL CB  CG1  sing N N 397 
VAL CB  CG2  sing N N 398 
VAL CB  HB   sing N N 399 
VAL CG1 HG11 sing N N 400 
VAL CG1 HG12 sing N N 401 
VAL CG1 HG13 sing N N 402 
VAL CG2 HG21 sing N N 403 
VAL CG2 HG22 sing N N 404 
VAL CG2 HG23 sing N N 405 
VAL OXT HXT  sing N N 406 
# 
loop_
_pdbx_audit_support.funding_organization 
_pdbx_audit_support.country 
_pdbx_audit_support.grant_number 
_pdbx_audit_support.ordinal 
'Cancer Research UK' 'United Kingdom' C57659/A27310 1 
'Cancer Research UK' 'United Kingdom' C1362/A20263  2 
'Cancer Research UK' 'United Kingdom' C2215/A21421  3 
# 
_pdbx_entity_instance_feature.ordinal        1 
_pdbx_entity_instance_feature.comp_id        1P8 
_pdbx_entity_instance_feature.asym_id        ? 
_pdbx_entity_instance_feature.seq_num        ? 
_pdbx_entity_instance_feature.auth_comp_id   1P8 
_pdbx_entity_instance_feature.auth_asym_id   ? 
_pdbx_entity_instance_feature.auth_seq_num   ? 
_pdbx_entity_instance_feature.feature_type   'SUBJECT OF INVESTIGATION' 
_pdbx_entity_instance_feature.details        ? 
# 
_pdbx_initial_refinement_model.id               1 
_pdbx_initial_refinement_model.entity_id_list   ? 
_pdbx_initial_refinement_model.type             'experimental model' 
_pdbx_initial_refinement_model.source_name      PDB 
_pdbx_initial_refinement_model.accession_code   5LRQ 
_pdbx_initial_refinement_model.details          ? 
# 
_atom_sites.entry_id                    7ZE6 
_atom_sites.Cartn_transf_matrix[1][1]   ? 
_atom_sites.Cartn_transf_matrix[1][2]   ? 
_atom_sites.Cartn_transf_matrix[1][3]   ? 
_atom_sites.Cartn_transf_matrix[2][1]   ? 
_atom_sites.Cartn_transf_matrix[2][2]   ? 
_atom_sites.Cartn_transf_matrix[2][3]   ? 
_atom_sites.Cartn_transf_matrix[3][1]   ? 
_atom_sites.Cartn_transf_matrix[3][2]   ? 
_atom_sites.Cartn_transf_matrix[3][3]   ? 
_atom_sites.Cartn_transf_vector[1]      ? 
_atom_sites.Cartn_transf_vector[2]      ? 
_atom_sites.Cartn_transf_vector[3]      ? 
_atom_sites.fract_transf_matrix[1][1]   -0.00710568 
_atom_sites.fract_transf_matrix[1][2]   -0.01995550 
_atom_sites.fract_transf_matrix[1][3]   0.01609535 
_atom_sites.fract_transf_matrix[2][1]   -0.00720502 
_atom_sites.fract_transf_matrix[2][2]   0.01539275 
_atom_sites.fract_transf_matrix[2][3]   0.01590356 
_atom_sites.fract_transf_matrix[3][1]   -0.01158640 
_atom_sites.fract_transf_matrix[3][2]   -0.00006073 
_atom_sites.fract_transf_matrix[3][3]   -0.00519038 
_atom_sites.fract_transf_vector[1]      -0.314774 
_atom_sites.fract_transf_vector[2]      0.068936 
_atom_sites.fract_transf_vector[3]      -0.119345 
_atom_sites.solution_primary            ? 
_atom_sites.solution_secondary          ? 
_atom_sites.solution_hydrogens          ? 
_atom_sites.special_details             ? 
# 
loop_
_atom_type.symbol 
_atom_type.pdbx_scat_Z 
_atom_type.pdbx_N_electrons 
_atom_type.scat_Cromer_Mann_a1 
_atom_type.scat_Cromer_Mann_b1 
_atom_type.scat_Cromer_Mann_a2 
_atom_type.scat_Cromer_Mann_b2 
_atom_type.scat_Cromer_Mann_a3 
_atom_type.scat_Cromer_Mann_b3 
_atom_type.scat_Cromer_Mann_a4 
_atom_type.scat_Cromer_Mann_b4 
_atom_type.scat_Cromer_Mann_c 
BR 35 35 17.182 2.172  5.237 16.580 5.639 0.261  3.986 41.433 -1.176  
C  6  6  2.310  20.844 1.020 10.208 1.589 0.569  0.865 51.651 0.216   
N  7  7  12.222 0.006  3.135 9.893  2.014 28.997 1.167 0.583  -11.538 
O  8  8  3.049  13.277 2.287 5.701  1.546 0.324  0.867 32.909 0.251   
S  16 16 6.905  1.468  5.203 22.215 1.438 0.254  1.586 56.172 1.030   
# 
loop_
_atom_site.group_PDB 
_atom_site.id 
_atom_site.type_symbol 
_atom_site.label_atom_id 
_atom_site.label_alt_id 
_atom_site.label_comp_id 
_atom_site.label_asym_id 
_atom_site.label_entity_id 
_atom_site.label_seq_id 
_atom_site.pdbx_PDB_ins_code 
_atom_site.Cartn_x 
_atom_site.Cartn_y 
_atom_site.Cartn_z 
_atom_site.occupancy 
_atom_site.B_iso_or_equiv 
_atom_site.pdbx_formal_charge 
_atom_site.auth_seq_id 
_atom_site.auth_comp_id 
_atom_site.auth_asym_id 
_atom_site.auth_atom_id 
_atom_site.pdbx_PDB_model_num 
_atom_site.calc_flag 
ATOM   1    N  N   . GLY A 1 1   ? 8.480   -16.488 -8.534  1.000 43.230  0 40  GLY A N   1 ? 
ATOM   2    C  CA  . GLY A 1 1   ? 7.987   -15.218 -9.147  1.000 24.007  0 40  GLY A CA  1 ? 
ATOM   3    C  C   . GLY A 1 1   ? 8.439   -15.080 -10.602 1.000 22.464  0 40  GLY A C   1 ? 
ATOM   4    O  O   . GLY A 1 1   ? 9.612   -15.260 -10.880 1.000 22.523  0 40  GLY A O   1 ? 
ATOM   5    N  N   . SER A 1 2   ? 7.526   -14.689 -11.490 1.000 21.323  0 41  SER A N   1 ? 
ATOM   6    C  CA  . SER A 1 2   ? 7.836   -14.562 -12.907 1.000 19.292  0 41  SER A CA  1 ? 
ATOM   7    C  C   . SER A 1 2   ? 8.796   -13.417 -13.170 1.000 16.468  0 41  SER A C   1 ? 
ATOM   8    O  O   . SER A 1 2   ? 8.617   -12.302 -12.650 1.000 16.608  0 41  SER A O   1 ? 
ATOM   9    C  CB  . SER A 1 2   ? 6.580   -14.325 -13.674 1.000 19.241  0 41  SER A CB  1 ? 
ATOM   10   O  OG  . SER A 1 2   ? 6.946   -13.969 -15.003 1.000 17.170  0 41  SER A OG  1 ? 
ATOM   11   N  N   . HIS A 1 3   ? 9.751   -13.623 -14.105 1.000 15.649  0 42  HIS A N   1 ? 
ATOM   12   C  CA  . HIS A 1 3   ? 10.594  -12.573 -14.614 1.000 15.872  0 42  HIS A CA  1 ? 
ATOM   13   C  C   . HIS A 1 3   ? 9.830   -11.456 -15.328 1.000 14.979  0 42  HIS A C   1 ? 
ATOM   14   O  O   . HIS A 1 3   ? 10.337  -10.360 -15.614 1.000 19.024  0 42  HIS A O   1 ? 
ATOM   15   C  CB  . HIS A 1 3   ? 11.669  -13.150 -15.559 1.000 19.020  0 42  HIS A CB  1 ? 
ATOM   16   C  CG  . HIS A 1 3   ? 11.125  -13.443 -16.920 1.000 19.309  0 42  HIS A CG  1 ? 
ATOM   17   N  ND1 . HIS A 1 3   ? 10.232  -14.453 -17.143 1.000 18.423  0 42  HIS A ND1 1 ? 
ATOM   18   C  CD2 . HIS A 1 3   ? 11.343  -12.872 -18.125 1.000 23.689  0 42  HIS A CD2 1 ? 
ATOM   19   C  CE1 . HIS A 1 3   ? 9.946   -14.525 -18.451 1.000 20.613  0 42  HIS A CE1 1 ? 
ATOM   20   N  NE2 . HIS A 1 3   ? 10.595  -13.547 -19.058 1.000 22.350  0 42  HIS A NE2 1 ? 
ATOM   21   N  N   . MET A 1 4   ? 8.551   -11.697 -15.668 1.000 14.143  0 43  MET A N   1 ? 
ATOM   22   C  CA  . MET A 1 4   ? 7.793   -10.665 -16.334 1.000 14.499  0 43  MET A CA  1 ? 
ATOM   23   C  C   . MET A 1 4   ? 7.079   -9.721  -15.375 1.000 14.348  0 43  MET A C   1 ? 
ATOM   24   O  O   . MET A 1 4   ? 6.460   -8.770  -15.827 1.000 17.494  0 43  MET A O   1 ? 
ATOM   25   C  CB  . MET A 1 4   ? 6.749   -11.314 -17.221 1.000 16.768  0 43  MET A CB  1 ? 
ATOM   26   C  CG  . MET A 1 4   ? 7.407   -12.164 -18.300 1.000 16.534  0 43  MET A CG  1 ? 
ATOM   27   S  SD  . MET A 1 4   ? 6.403   -12.571 -19.670 1.000 23.462  0 43  MET A SD  1 ? 
ATOM   28   C  CE  . MET A 1 4   ? 4.811   -12.883 -18.948 1.000 24.613  0 43  MET A CE  1 ? 
ATOM   29   N  N   . ASN A 1 5   ? 7.159   -9.979  -14.080 1.000 13.016  0 44  ASN A N   1 ? 
ATOM   30   C  CA  . ASN A 1 5   ? 6.719   -8.994  -13.098 1.000 12.747  0 44  ASN A CA  1 ? 
ATOM   31   C  C   . ASN A 1 5   ? 7.941   -8.254  -12.628 1.000 14.169  0 44  ASN A C   1 ? 
ATOM   32   O  O   . ASN A 1 5   ? 9.027   -8.839  -12.554 1.000 15.738  0 44  ASN A O   1 ? 
ATOM   33   C  CB  . ASN A 1 5   ? 6.068   -9.686  -11.912 1.000 13.505  0 44  ASN A CB  1 ? 
ATOM   34   C  CG  . ASN A 1 5   ? 4.685   -10.199 -12.206 1.000 14.041  0 44  ASN A CG  1 ? 
ATOM   35   O  OD1 . ASN A 1 5   ? 3.899   -9.513  -12.863 1.000 14.939  0 44  ASN A OD1 1 ? 
ATOM   36   N  ND2 . ASN A 1 5   ? 4.426   -11.419 -11.771 1.000 14.834  0 44  ASN A ND2 1 ? 
ATOM   37   N  N   . PRO A 1 6   ? 7.831   -6.978  -12.290 1.000 13.619  0 45  PRO A N   1 ? 
ATOM   38   C  CA  . PRO A 1 6   ? 8.974   -6.244  -11.773 1.000 14.044  0 45  PRO A CA  1 ? 
ATOM   39   C  C   . PRO A 1 6   ? 9.333   -6.784  -10.400 1.000 13.947  0 45  PRO A C   1 ? 
ATOM   40   O  O   . PRO A 1 6   ? 8.500   -7.350  -9.704  1.000 14.690  0 45  PRO A O   1 ? 
ATOM   41   C  CB  . PRO A 1 6   ? 8.446   -4.809  -11.704 1.000 14.607  0 45  PRO A CB  1 ? 
ATOM   42   C  CG  . PRO A 1 6   ? 6.970   -4.988  -11.424 1.000 15.389  0 45  PRO A CG  1 ? 
ATOM   43   C  CD  . PRO A 1 6   ? 6.577   -6.206  -12.242 1.000 14.451  0 45  PRO A CD  1 ? 
ATOM   44   N  N   . PRO A 1 7   ? 10.561  -6.517  -9.897  1.000 15.992  0 46  PRO A N   1 ? 
ATOM   45   C  CA  . PRO A 1 7   ? 10.790  -6.793  -8.488  1.000 15.752  0 46  PRO A CA  1 ? 
ATOM   46   C  C   . PRO A 1 7   ? 9.860   -5.903  -7.677  1.000 15.190  0 46  PRO A C   1 ? 
ATOM   47   O  O   . PRO A 1 7   ? 9.464   -4.839  -8.128  1.000 14.799  0 46  PRO A O   1 ? 
ATOM   48   C  CB  . PRO A 1 7   ? 12.237  -6.285  -8.268  1.000 17.305  0 46  PRO A CB  1 ? 
ATOM   49   C  CG  . PRO A 1 7   ? 12.383  -5.287  -9.306  1.000 19.882  0 46  PRO A CG  1 ? 
ATOM   50   C  CD  . PRO A 1 7   ? 11.668  -5.802  -10.549 1.000 18.006  0 46  PRO A CD  1 ? 
ATOM   51   N  N   . PRO A 1 8   ? 9.525   -6.362  -6.480  1.000 15.719  0 47  PRO A N   1 ? 
ATOM   52   C  CA  . PRO A 1 8   ? 8.610   -5.611  -5.635  1.000 16.508  0 47  PRO A CA  1 ? 
ATOM   53   C  C   . PRO A 1 8   ? 9.289   -4.333  -5.173  1.000 15.178  0 47  PRO A C   1 ? 
ATOM   54   O  O   . PRO A 1 8   ? 10.517  -4.182  -5.273  1.000 17.152  0 47  PRO A O   1 ? 
ATOM   55   C  CB  . PRO A 1 8   ? 8.386   -6.587  -4.490  1.000 20.201  0 47  PRO A CB  1 ? 
ATOM   56   C  CG  . PRO A 1 8   ? 9.663   -7.404  -4.455  1.000 21.749  0 47  PRO A CG  1 ? 
ATOM   57   C  CD  . PRO A 1 8   ? 9.944   -7.644  -5.909  1.000 20.502  0 47  PRO A CD  1 ? 
ATOM   58   N  N   . PRO A 1 9   ? 8.574   -3.371  -4.586  1.000 14.393  0 48  PRO A N   1 ? 
ATOM   59   C  CA  . PRO A 1 9   ? 9.222   -2.214  -3.996  1.000 13.872  0 48  PRO A CA  1 ? 
ATOM   60   C  C   . PRO A 1 9   ? 10.171  -2.673  -2.896  1.000 14.771  0 48  PRO A C   1 ? 
ATOM   61   O  O   . PRO A 1 9   ? 9.919   -3.628  -2.233  1.000 14.324  0 48  PRO A O   1 ? 
ATOM   62   C  CB  . PRO A 1 9   ? 8.027   -1.409  -3.438  1.000 13.487  0 48  PRO A CB  1 ? 
ATOM   63   C  CG  . PRO A 1 9   ? 6.858   -1.890  -4.281  1.000 14.591  0 48  PRO A CG  1 ? 
ATOM   64   C  CD  . PRO A 1 9   ? 7.091   -3.368  -4.425  1.000 13.548  0 48  PRO A CD  1 ? 
ATOM   65   N  N   . GLU A 1 10  ? 11.191  -1.821  -2.711  1.000 16.250  0 49  GLU A N   1 ? 
ATOM   66   C  CA  . GLU A 1 10  ? 12.206  -2.026  -1.690  1.000 17.430  0 49  GLU A CA  1 ? 
ATOM   67   C  C   . GLU A 1 10  ? 11.537  -2.175  -0.312  1.000 15.901  0 49  GLU A C   1 ? 
ATOM   68   O  O   . GLU A 1 10  ? 10.713  -1.318  0.060   1.000 13.948  0 49  GLU A O   1 ? 
ATOM   69   C  CB  . GLU A 1 10  ? 13.100  -0.787  -1.625  1.000 17.504  0 49  GLU A CB  1 ? 
ATOM   70   C  CG  . GLU A 1 10  ? 14.330  -1.031  -0.811  1.000 20.191  0 49  GLU A CG  1 ? 
ATOM   71   C  CD  . GLU A 1 10  ? 15.250  0.132   -0.944  1.000 22.285  0 49  GLU A CD  1 ? 
ATOM   72   O  OE1 . GLU A 1 10  ? 16.304  -0.038  -1.601  1.000 26.970  0 49  GLU A OE1 1 ? 
ATOM   73   O  OE2 . GLU A 1 10  ? 14.919  1.169   -0.390  1.000 20.490  0 49  GLU A OE2 1 ? 
ATOM   74   N  N   . THR A 1 11  ? 11.939  -3.146  0.512   1.000 16.317  0 50  THR A N   1 ? 
ATOM   75   C  CA  . THR A 1 11  ? 11.457  -3.262  1.881   1.000 17.163  0 50  THR A CA  1 ? 
ATOM   76   C  C   . THR A 1 11  ? 12.605  -3.286  2.901   1.000 15.178  0 50  THR A C   1 ? 
ATOM   77   O  O   . THR A 1 11  ? 12.311  -3.288  4.071   1.000 17.995  0 50  THR A O   1 ? 
ATOM   78   C  CB  . THR A 1 11  ? 10.547  -4.467  2.087   1.000 17.360  0 50  THR A CB  1 ? 
ATOM   79   O  OG1 . THR A 1 11  ? 11.286  -5.559  1.521   1.000 20.677  0 50  THR A OG1 1 ? 
ATOM   80   C  CG2 . THR A 1 11  ? 9.295   -4.297  1.259   1.000 17.941  0 50  THR A CG2 1 ? 
ATOM   81   N  N   . SER A 1 12  ? 13.819  -3.429  2.405   1.000 16.400  0 51  SER A N   1 ? 
ATOM   82   C  CA  . SER A 1 12  ? 14.970  -3.497  3.287   1.000 17.584  0 51  SER A CA  1 ? 
ATOM   83   C  C   . SER A 1 12  ? 16.061  -2.740  2.557   1.000 18.576  0 51  SER A C   1 ? 
ATOM   84   O  O   . SER A 1 12  ? 16.367  -2.960  1.389   1.000 20.521  0 51  SER A O   1 ? 
ATOM   85   C  CB  . SER A 1 12  ? 15.325  -4.957  3.479   1.000 21.698  0 51  SER A CB  1 ? 
ATOM   86   O  OG  . SER A 1 12  ? 16.644  -5.046  3.973   1.000 24.149  0 51  SER A OG  1 ? 
ATOM   87   N  N   . ASN A 1 13  ? 16.716  -1.825  3.274   1.000 15.286  0 52  ASN A N   1 ? 
ATOM   88   C  CA  . ASN A 1 13  ? 17.858  -1.127  2.746   1.000 16.110  0 52  ASN A CA  1 ? 
ATOM   89   C  C   . ASN A 1 13  ? 18.599  -0.543  3.937   1.000 14.199  0 52  ASN A C   1 ? 
ATOM   90   O  O   . ASN A 1 13  ? 18.163  0.473   4.490   1.000 13.575  0 52  ASN A O   1 ? 
ATOM   91   C  CB  . ASN A 1 13  ? 17.568  0.014   1.771   1.000 19.969  0 52  ASN A CB  1 ? 
ATOM   92   C  CG  . ASN A 1 13  ? 18.847  0.591   1.199   1.000 19.732  0 52  ASN A CG  1 ? 
ATOM   93   O  OD1 . ASN A 1 13  ? 19.930  0.493   1.755   1.000 21.394  0 52  ASN A OD1 1 ? 
ATOM   94   N  ND2 . ASN A 1 13  ? 18.732  1.174   0.020   1.000 29.664  0 52  ASN A ND2 1 ? 
ATOM   95   N  N   . PRO A 1 14  ? 19.738  -1.116  4.386   1.000 13.553  0 53  PRO A N   1 ? 
ATOM   96   C  CA  . PRO A 1 14  ? 20.434  -0.580  5.534   1.000 13.960  0 53  PRO A CA  1 ? 
ATOM   97   C  C   . PRO A 1 14  ? 20.949  0.836   5.349   1.000 14.588  0 53  PRO A C   1 ? 
ATOM   98   O  O   . PRO A 1 14  ? 21.264  1.463   6.338   1.000 18.224  0 53  PRO A O   1 ? 
ATOM   99   C  CB  . PRO A 1 14  ? 21.629  -1.523  5.716   1.000 15.140  0 53  PRO A CB  1 ? 
ATOM   100  C  CG  . PRO A 1 14  ? 21.072  -2.781  5.218   1.000 15.668  0 53  PRO A CG  1 ? 
ATOM   101  C  CD  . PRO A 1 14  ? 20.272  -2.427  3.971   1.000 15.027  0 53  PRO A CD  1 ? 
ATOM   102  N  N   . ASN A 1 15  ? 21.066  1.319   4.130   1.000 15.992  0 54  ASN A N   1 ? 
ATOM   103  C  CA  . ASN A 1 15  ? 21.585  2.679   3.986   1.000 17.510  0 54  ASN A CA  1 ? 
ATOM   104  C  C   . ASN A 1 15  ? 20.524  3.732   4.280   1.000 16.608  0 54  ASN A C   1 ? 
ATOM   105  O  O   . ASN A 1 15  ? 20.855  4.916   4.384   1.000 18.615  0 54  ASN A O   1 ? 
ATOM   106  C  CB  . ASN A 1 15  ? 22.178  2.929   2.624   1.000 18.455  0 54  ASN A CB  1 ? 
ATOM   107  C  CG  . ASN A 1 15  ? 23.433  2.109   2.430   1.000 19.147  0 54  ASN A CG  1 ? 
ATOM   108  O  OD1 . ASN A 1 15  ? 24.289  2.019   3.326   1.000 22.638  0 54  ASN A OD1 1 ? 
ATOM   109  N  ND2 . ASN A 1 15  ? 23.515  1.488   1.270   1.000 24.852  0 54  ASN A ND2 1 ? 
ATOM   110  N  N   . LYS A 1 16  ? 19.245  3.352   4.260   1.000 15.561  0 55  LYS A N   1 ? 
ATOM   111  C  CA  . LYS A 1 16  ? 18.192  4.326   4.502   1.000 14.764  0 55  LYS A CA  1 ? 
ATOM   112  C  C   . LYS A 1 16  ? 17.988  4.479   6.004   1.000 15.389  0 55  LYS A C   1 ? 
ATOM   113  O  O   . LYS A 1 16  ? 17.725  3.558   6.693   1.000 15.414  0 55  LYS A O   1 ? 
ATOM   114  C  CB  . LYS A 1 16  ? 16.955  3.787   3.807   1.000 13.140  0 55  LYS A CB  1 ? 
ATOM   115  C  CG  . LYS A 1 16  ? 15.719  4.678   4.011   1.000 15.283  0 55  LYS A CG  1 ? 
ATOM   116  C  CD  . LYS A 1 16  ? 14.430  4.102   3.426   1.000 14.421  0 55  LYS A CD  1 ? 
ATOM   117  C  CE  . LYS A 1 16  ? 13.211  5.033   3.393   1.000 16.632  0 55  LYS A CE  1 ? 
ATOM   118  N  NZ  . LYS A 1 16  ? 12.788  5.548   4.721   1.000 12.598  0 55  LYS A NZ  1 ? 
ATOM   119  N  N   . PRO A 1 17  ? 18.083  5.706   6.593   1.000 16.144  0 56  PRO A N   1 ? 
ATOM   120  C  CA  . PRO A 1 17  ? 17.884  5.858   8.038   1.000 16.746  0 56  PRO A CA  1 ? 
ATOM   121  C  C   . PRO A 1 17  ? 16.459  5.561   8.477   1.000 16.416  0 56  PRO A C   1 ? 
ATOM   122  O  O   . PRO A 1 17  ? 15.575  5.811   7.688   1.000 14.630  0 56  PRO A O   1 ? 
ATOM   123  C  CB  . PRO A 1 17  ? 18.223  7.338   8.295   1.000 17.990  0 56  PRO A CB  1 ? 
ATOM   124  C  CG  . PRO A 1 17  ? 18.939  7.804   7.093   1.000 23.271  0 56  PRO A CG  1 ? 
ATOM   125  C  CD  . PRO A 1 17  ? 18.489  6.937   5.920   1.000 16.966  0 56  PRO A CD  1 ? 
ATOM   126  N  N   . LYS A 1 18  ? 16.296  4.939   9.633   1.000 16.760  0 57  LYS A N   1 ? 
ATOM   127  C  CA  . LYS A 1 18  ? 15.016  4.409   10.053  1.000 17.413  0 57  LYS A CA  1 ? 
ATOM   128  C  C   . LYS A 1 18  ? 14.675  5.079   11.354  1.000 16.437  0 57  LYS A C   1 ? 
ATOM   129  O  O   . LYS A 1 18  ? 15.579  5.339   12.149  1.000 17.388  0 57  LYS A O   1 ? 
ATOM   130  C  CB  . LYS A 1 18  ? 15.105  2.900   10.325  1.000 16.008  0 57  LYS A CB  1 ? 
ATOM   131  C  CG  . LYS A 1 18  ? 15.790  2.203   9.187   1.000 15.824  0 57  LYS A CG  1 ? 
ATOM   132  C  CD  . LYS A 1 18  ? 14.962  2.335   7.929   1.000 15.607  0 57  LYS A CD  1 ? 
ATOM   133  C  CE  . LYS A 1 18  ? 15.259  1.169   7.037   1.000 17.149  0 57  LYS A CE  1 ? 
ATOM   134  N  NZ  . LYS A 1 18  ? 16.727  1.092   6.756   1.000 13.305  0 57  LYS A NZ  1 ? 
ATOM   135  N  N   . ARG A 1 19  ? 13.382  5.202   11.601  1.000 15.318  0 58  ARG A N   1 ? 
ATOM   136  C  CA  . ARG A 1 19  ? 13.033  5.654   12.925  1.000 16.410  0 58  ARG A CA  1 ? 
ATOM   137  C  C   . ARG A 1 19  ? 11.668  5.111   13.233  1.000 18.002  0 58  ARG A C   1 ? 
ATOM   138  O  O   . ARG A 1 19  ? 10.803  5.246   12.386  1.000 22.024  0 58  ARG A O   1 ? 
ATOM   139  C  CB  . ARG A 1 19  ? 12.992  7.190   12.850  1.000 20.440  0 58  ARG A CB  1 ? 
ATOM   140  C  CG  . ARG A 1 19  ? 12.497  7.944   14.070  1.000 22.558  0 58  ARG A CG  1 ? 
ATOM   141  C  CD  . ARG A 1 19  ? 12.713  9.373   13.590  1.000 17.311  0 58  ARG A CD  1 ? 
ATOM   142  N  NE  . ARG A 1 19  ? 11.714  9.864   12.675  1.000 15.383  0 58  ARG A NE  1 ? 
ATOM   143  C  CZ  . ARG A 1 19  ? 11.184  11.049  12.757  1.000 15.263  0 58  ARG A CZ  1 ? 
ATOM   144  N  NH1 . ARG A 1 19  ? 11.556  11.918  13.694  1.000 19.521  0 58  ARG A NH1 1 ? 
ATOM   145  N  NH2 . ARG A 1 19  ? 10.211  11.350  11.910  1.000 16.560  0 58  ARG A NH2 1 ? 
ATOM   146  N  N   . GLN A 1 20  ? 11.471  4.752   14.494  1.000 17.524  0 59  GLN A N   1 ? 
ATOM   147  C  CA  . GLN A 1 20  ? 10.132  4.532   14.994  1.000 20.760  0 59  GLN A CA  1 ? 
ATOM   148  C  C   . GLN A 1 20  ? 9.538   5.871   15.415  1.000 17.944  0 59  GLN A C   1 ? 
ATOM   149  O  O   . GLN A 1 20  ? 10.249  6.743   15.954  1.000 21.700  0 59  GLN A O   1 ? 
ATOM   150  C  CB  . GLN A 1 20  ? 10.215  3.698   16.248  1.000 24.770  0 59  GLN A CB  1 ? 
ATOM   151  C  CG  . GLN A 1 20  ? 10.053  2.225   15.941  1.000 29.870  0 59  GLN A CG  1 ? 
ATOM   152  C  CD  . GLN A 1 20  ? 8.871   1.899   15.041  1.000 33.572  0 59  GLN A CD  1 ? 
ATOM   153  O  OE1 . GLN A 1 20  ? 7.825   2.582   14.973  1.000 33.993  0 59  GLN A OE1 1 ? 
ATOM   154  N  NE2 . GLN A 1 20  ? 9.042   0.824   14.296  1.000 36.584  0 59  GLN A NE2 1 ? 
ATOM   155  N  N   . THR A 1 21  ? 8.256   6.079   15.074  1.000 17.818  0 60  THR A N   1 ? 
ATOM   156  C  CA  . THR A 1 21  ? 7.525   7.184   15.662  1.000 15.207  0 60  THR A CA  1 ? 
ATOM   157  C  C   . THR A 1 21  ? 6.195   6.643   16.162  1.000 14.919  0 60  THR A C   1 ? 
ATOM   158  O  O   . THR A 1 21  ? 5.724   5.587   15.725  1.000 15.255  0 60  THR A O   1 ? 
ATOM   159  C  CB  . THR A 1 21  ? 7.336   8.384   14.733  1.000 15.878  0 60  THR A CB  1 ? 
ATOM   160  O  OG1 . THR A 1 21  ? 6.347   8.029   13.750  1.000 16.141  0 60  THR A OG1 1 ? 
ATOM   161  C  CG2 . THR A 1 21  ? 8.599   8.794   14.006  1.000 16.054  0 60  THR A CG2 1 ? 
ATOM   162  N  N   . ASN A 1 22  ? 5.571   7.426   17.048  1.000 15.058  0 61  ASN A N   1 ? 
ATOM   163  C  CA  . ASN A 1 22  ? 4.253   7.046   17.514  1.000 15.357  0 61  ASN A CA  1 ? 
ATOM   164  C  C   . ASN A 1 22  ? 3.251   6.983   16.344  1.000 13.597  0 61  ASN A C   1 ? 
ATOM   165  O  O   . ASN A 1 22  ? 2.302   6.206   16.385  1.000 14.108  0 61  ASN A O   1 ? 
ATOM   166  C  CB  . ASN A 1 22  ? 3.766   7.936   18.670  1.000 15.288  0 61  ASN A CB  1 ? 
ATOM   167  C  CG  . ASN A 1 22  ? 3.532   9.362   18.226  1.000 16.568  0 61  ASN A CG  1 ? 
ATOM   168  O  OD1 . ASN A 1 22  ? 4.363   9.951   17.566  1.000 18.272  0 61  ASN A OD1 1 ? 
ATOM   169  N  ND2 . ASN A 1 22  ? 2.342   9.878   18.508  1.000 18.718  0 61  ASN A ND2 1 ? 
ATOM   170  N  N   . GLN A 1 23  ? 3.459   7.883   15.373  1.000 13.420  0 62  GLN A N   1 ? 
ATOM   171  C  CA  . GLN A 1 23  ? 2.570   7.852   14.213  1.000 12.605  0 62  GLN A CA  1 ? 
ATOM   172  C  C   . GLN A 1 23  ? 2.761   6.579   13.400  1.000 12.844  0 62  GLN A C   1 ? 
ATOM   173  O  O   . GLN A 1 23  ? 1.777   6.006   12.938  1.000 12.673  0 62  GLN A O   1 ? 
ATOM   174  C  CB  . GLN A 1 23  ? 2.813   9.054   13.327  1.000 13.714  0 62  GLN A CB  1 ? 
ATOM   175  C  CG  . GLN A 1 23  ? 2.502   10.348  14.081  1.000 15.085  0 62  GLN A CG  1 ? 
ATOM   176  C  CD  . GLN A 1 23  ? 2.635   11.527  13.165  1.000 16.417  0 62  GLN A CD  1 ? 
ATOM   177  O  OE1 . GLN A 1 23  ? 3.511   11.565  12.300  1.000 16.609  0 62  GLN A OE1 1 ? 
ATOM   178  N  NE2 . GLN A 1 23  ? 1.813   12.546  13.432  1.000 17.472  0 62  GLN A NE2 1 ? 
ATOM   179  N  N   . LEU A 1 24  ? 4.018   6.166   13.192  1.000 12.556  0 63  LEU A N   1 ? 
ATOM   180  C  CA  . LEU A 1 24  ? 4.265   4.912   12.468  1.000 11.855  0 63  LEU A CA  1 ? 
ATOM   181  C  C   . LEU A 1 24  ? 3.691   3.724   13.222  1.000 12.967  0 63  LEU A C   1 ? 
ATOM   182  O  O   . LEU A 1 24  ? 3.145   2.804   12.622  1.000 13.607  0 63  LEU A O   1 ? 
ATOM   183  C  CB  . LEU A 1 24  ? 5.745   4.708   12.164  1.000 13.100  0 63  LEU A CB  1 ? 
ATOM   184  C  CG  . LEU A 1 24  ? 6.192   5.626   11.041  1.000 13.880  0 63  LEU A CG  1 ? 
ATOM   185  C  CD1 . LEU A 1 24  ? 7.720   5.744   11.048  1.000 16.263  0 63  LEU A CD1 1 ? 
ATOM   186  C  CD2 . LEU A 1 24  ? 5.679   5.030   9.706   1.000 13.615  0 63  LEU A CD2 1 ? 
ATOM   187  N  N   . GLN A 1 25  ? 3.768   3.751   14.576  1.000 13.545  0 64  GLN A N   1 ? 
ATOM   188  C  CA  . GLN A 1 25  ? 3.205   2.688   15.385  1.000 15.355  0 64  GLN A CA  1 ? 
ATOM   189  C  C   . GLN A 1 25  ? 1.695   2.617   15.199  1.000 13.896  0 64  GLN A C   1 ? 
ATOM   190  O  O   . GLN A 1 25  ? 1.149   1.530   15.024  1.000 15.612  0 64  GLN A O   1 ? 
ATOM   191  C  CB  . GLN A 1 25  ? 3.622   2.944   16.830  1.000 16.252  0 64  GLN A CB  1 ? 
ATOM   192  C  CG  . GLN A 1 25  ? 5.056   2.516   17.116  1.000 22.272  0 64  GLN A CG  1 ? 
ATOM   193  C  CD  . GLN A 1 25  ? 5.628   3.087   18.400  0.500 21.515  0 64  GLN A CD  1 ? 
ATOM   194  O  OE1 . GLN A 1 25  ? 5.030   3.932   19.056  0.500 24.084  0 64  GLN A OE1 1 ? 
ATOM   195  N  NE2 . GLN A 1 25  ? 6.832   2.655   18.743  0.500 24.250  0 64  GLN A NE2 1 ? 
ATOM   196  N  N   . TYR A 1 26  ? 1.060   3.785   15.124  1.000 14.081  0 65  TYR A N   1 ? 
ATOM   197  C  CA  . TYR A 1 26  ? -0.372  3.836   14.869  1.000 14.809  0 65  TYR A CA  1 ? 
ATOM   198  C  C   . TYR A 1 26  ? -0.692  3.281   13.477  1.000 14.505  0 65  TYR A C   1 ? 
ATOM   199  O  O   . TYR A 1 26  ? -1.693  2.602   13.272  1.000 14.886  0 65  TYR A O   1 ? 
ATOM   200  C  CB  . TYR A 1 26  ? -0.841  5.271   15.062  1.000 14.686  0 65  TYR A CB  1 ? 
ATOM   201  C  CG  . TYR A 1 26  ? -2.280  5.546   14.710  1.000 15.070  0 65  TYR A CG  1 ? 
ATOM   202  C  CD1 . TYR A 1 26  ? -2.624  5.935   13.417  1.000 15.761  0 65  TYR A CD1 1 ? 
ATOM   203  C  CD2 . TYR A 1 26  ? -3.275  5.512   15.682  1.000 16.347  0 65  TYR A CD2 1 ? 
ATOM   204  C  CE1 . TYR A 1 26  ? -3.926  6.263   13.081  1.000 16.649  0 65  TYR A CE1 1 ? 
ATOM   205  C  CE2 . TYR A 1 26  ? -4.588  5.818   15.351  1.000 16.936  0 65  TYR A CE2 1 ? 
ATOM   206  C  CZ  . TYR A 1 26  ? -4.921  6.204   14.055  1.000 16.139  0 65  TYR A CZ  1 ? 
ATOM   207  O  OH  . TYR A 1 26  ? -6.216  6.562   13.740  1.000 18.032  0 65  TYR A OH  1 ? 
ATOM   208  N  N   . LEU A 1 27  ? 0.132   3.668   12.489  1.000 13.207  0 66  LEU A N   1 ? 
ATOM   209  C  CA  . LEU A 1 27  ? -0.109  3.139   11.145  1.000 13.322  0 66  LEU A CA  1 ? 
ATOM   210  C  C   . LEU A 1 27  ? -0.069  1.629   11.113  1.000 13.581  0 66  LEU A C   1 ? 
ATOM   211  O  O   . LEU A 1 27  ? -0.812  1.036   10.316  1.000 15.893  0 66  LEU A O   1 ? 
ATOM   212  C  CB  . LEU A 1 27  ? 0.895   3.771   10.204  1.000 13.199  0 66  LEU A CB  1 ? 
ATOM   213  C  CG  . LEU A 1 27  ? 0.502   5.161   9.777   1.000 14.863  0 66  LEU A CG  1 ? 
ATOM   214  C  CD1 . LEU A 1 27  ? 1.678   5.909   9.194   1.000 16.985  0 66  LEU A CD1 1 ? 
ATOM   215  C  CD2 . LEU A 1 27  ? -0.584  5.035   8.722   1.000 20.251  0 66  LEU A CD2 1 ? 
ATOM   216  N  N   . LEU A 1 28  ? 0.789   0.999   11.881  1.000 13.033  0 67  LEU A N   1 ? 
ATOM   217  C  CA  . LEU A 1 28  ? 0.803   -0.454  11.880  1.000 13.878  0 67  LEU A CA  1 ? 
ATOM   218  C  C   . LEU A 1 28  ? -0.332  -1.041  12.713  1.000 15.271  0 67  LEU A C   1 ? 
ATOM   219  O  O   . LEU A 1 28  ? -1.075  -1.913  12.254  1.000 16.716  0 67  LEU A O   1 ? 
ATOM   220  C  CB  . LEU A 1 28  ? 2.142   -0.950  12.407  1.000 15.767  0 67  LEU A CB  1 ? 
ATOM   221  C  CG  . LEU A 1 28  ? 2.267   -2.482  12.492  1.000 16.351  0 67  LEU A CG  1 ? 
ATOM   222  C  CD1 . LEU A 1 28  ? 1.999   -3.137  11.148  1.000 19.059  0 67  LEU A CD1 1 ? 
ATOM   223  C  CD2 . LEU A 1 28  ? 3.651   -2.866  12.974  1.000 21.095  0 67  LEU A CD2 1 ? 
ATOM   224  N  N   . ARG A 1 29  ? -0.460  -0.560  13.958  1.000 16.357  0 68  ARG A N   1 ? 
ATOM   225  C  CA  . ARG A 1 29  ? -1.323  -1.176  14.958  1.000 17.885  0 68  ARG A CA  1 ? 
ATOM   226  C  C   . ARG A 1 29  ? -2.780  -0.861  14.658  1.000 17.102  0 68  ARG A C   1 ? 
ATOM   227  O  O   . ARG A 1 29  ? -3.642  -1.664  15.018  1.000 21.758  0 68  ARG A O   1 ? 
ATOM   228  C  CB  . ARG A 1 29  ? -0.892  -0.677  16.338  1.000 19.416  0 68  ARG A CB  1 ? 
ATOM   229  C  CG  . ARG A 1 29  ? 0.441   -1.260  16.777  1.000 23.172  0 68  ARG A CG  1 ? 
ATOM   230  C  CD  . ARG A 1 29  ? 0.744   -0.833  18.198  1.000 28.359  0 68  ARG A CD  1 ? 
ATOM   231  N  NE  . ARG A 1 29  ? 2.131   -1.082  18.536  0.500 28.166  0 68  ARG A NE  1 ? 
ATOM   232  C  CZ  . ARG A 1 29  ? 2.547   -2.071  19.317  0.500 32.891  0 68  ARG A CZ  1 ? 
ATOM   233  N  NH1 . ARG A 1 29  ? 1.678   -2.920  19.844  0.500 34.827  0 68  ARG A NH1 1 ? 
ATOM   234  N  NH2 . ARG A 1 29  ? 3.838   -2.204  19.571  0.500 32.318  0 68  ARG A NH2 1 ? 
ATOM   235  N  N   . VAL A 1 30  ? -3.072  0.311   14.113  1.000 17.195  0 69  VAL A N   1 ? 
ATOM   236  C  CA  . VAL A 1 30  ? -4.457  0.680   13.888  1.000 17.674  0 69  VAL A CA  1 ? 
ATOM   237  C  C   . VAL A 1 30  ? -4.769  0.629   12.394  1.000 17.877  0 69  VAL A C   1 ? 
ATOM   238  O  O   . VAL A 1 30  ? -5.739  -0.025  11.968  1.000 19.861  0 69  VAL A O   1 ? 
ATOM   239  C  CB  . VAL A 1 30  ? -4.783  2.065   14.465  1.000 17.433  0 69  VAL A CB  1 ? 
ATOM   240  C  CG1 . VAL A 1 30  ? -6.187  2.517   14.103  1.000 17.993  0 69  VAL A CG1 1 ? 
ATOM   241  C  CG2 . VAL A 1 30  ? -4.578  2.064   15.965  1.000 18.511  0 69  VAL A CG2 1 ? 
ATOM   242  N  N   . VAL A 1 31  ? -4.012  1.359   11.576  1.000 16.377  0 70  VAL A N   1 ? 
ATOM   243  C  CA  . VAL A 1 31  ? -4.420  1.537   10.192  1.000 16.133  0 70  VAL A CA  1 ? 
ATOM   244  C  C   . VAL A 1 31  ? -4.258  0.243   9.409   1.000 15.207  0 70  VAL A C   1 ? 
ATOM   245  O  O   . VAL A 1 31  ? -5.209  -0.251  8.824   1.000 16.763  0 70  VAL A O   1 ? 
ATOM   246  C  CB  . VAL A 1 31  ? -3.705  2.714   9.535   1.000 15.077  0 70  VAL A CB  1 ? 
ATOM   247  C  CG1 . VAL A 1 31  ? -4.126  2.927   8.082   1.000 18.542  0 70  VAL A CG1 1 ? 
ATOM   248  C  CG2 . VAL A 1 31  ? -3.848  3.965   10.387  1.000 16.753  0 70  VAL A CG2 1 ? 
ATOM   249  N  N   . LEU A 1 32  ? -3.046  -0.295  9.369   1.000 15.967  0 71  LEU A N   1 ? 
ATOM   250  C  CA  . LEU A 1 32  ? -2.787  -1.481  8.562   1.000 16.749  0 71  LEU A CA  1 ? 
ATOM   251  C  C   . LEU A 1 32  ? -3.644  -2.620  9.098   1.000 17.711  0 71  LEU A C   1 ? 
ATOM   252  O  O   . LEU A 1 32  ? -4.307  -3.328  8.314   1.000 18.253  0 71  LEU A O   1 ? 
ATOM   253  C  CB  . LEU A 1 32  ? -1.316  -1.873  8.594   1.000 17.361  0 71  LEU A CB  1 ? 
ATOM   254  C  CG  . LEU A 1 32  ? -1.028  -3.107  7.730   1.000 19.228  0 71  LEU A CG  1 ? 
ATOM   255  C  CD1 . LEU A 1 32  ? -1.139  -2.798  6.248   1.000 19.212  0 71  LEU A CD1 1 ? 
ATOM   256  C  CD2 . LEU A 1 32  ? 0.260   -3.784  8.133   1.000 23.162  0 71  LEU A CD2 1 ? 
ATOM   257  N  N   . LYS A 1 33  ? -3.717  -2.763  10.413  1.000 19.208  0 72  LYS A N   1 ? 
ATOM   258  C  CA  . LYS A 1 33  ? -4.519  -3.813  11.048  1.000 21.231  0 72  LYS A CA  1 ? 
ATOM   259  C  C   . LYS A 1 33  ? -5.974  -3.766  10.573  1.000 19.319  0 72  LYS A C   1 ? 
ATOM   260  O  O   . LYS A 1 33  ? -6.538  -4.820  10.233  1.000 22.513  0 72  LYS A O   1 ? 
ATOM   261  C  CB  . LYS A 1 33  ? -4.559  -3.610  12.570  1.000 24.253  0 72  LYS A CB  1 ? 
ATOM   262  C  CG  . LYS A 1 33  ? -5.230  -4.749  13.338  0.500 24.401  0 72  LYS A CG  1 ? 
ATOM   263  C  CD  . LYS A 1 33  ? -5.518  -4.425  14.802  0.500 25.810  0 72  LYS A CD  1 ? 
ATOM   264  C  CE  . LYS A 1 33  ? -6.432  -3.234  15.021  0.500 26.438  0 72  LYS A CE  1 ? 
ATOM   265  N  NZ  . LYS A 1 33  ? -7.817  -3.642  15.364  0.500 25.359  0 72  LYS A NZ  1 ? 
ATOM   266  N  N   . THR A 1 34  ? -6.537  -2.566  10.521  1.000 18.238  0 73  THR A N   1 ? 
ATOM   267  C  CA  . THR A 1 34  ? -7.947  -2.362  10.214  1.000 20.917  0 73  THR A CA  1 ? 
ATOM   268  C  C   . THR A 1 34  ? -8.166  -2.732  8.745   1.000 17.594  0 73  THR A C   1 ? 
ATOM   269  O  O   . THR A 1 34  ? -9.098  -3.439  8.358   1.000 19.723  0 73  THR A O   1 ? 
ATOM   270  C  CB  . THR A 1 34  ? -8.316  -0.893  10.431  1.000 21.018  0 73  THR A CB  1 ? 
ATOM   271  O  OG1 . THR A 1 34  ? -8.316  -0.691  11.848  1.000 28.572  0 73  THR A OG1 1 ? 
ATOM   272  C  CG2 . THR A 1 34  ? -9.686  -0.540  9.899   1.000 28.907  0 73  THR A CG2 1 ? 
ATOM   273  N  N   . LEU A 1 35  ? -7.296  -2.210  7.869   1.000 16.724  0 74  LEU A N   1 ? 
ATOM   274  C  CA  . LEU A 1 35  ? -7.502  -2.406  6.443   1.000 15.668  0 74  LEU A CA  1 ? 
ATOM   275  C  C   . LEU A 1 35  ? -7.199  -3.858  6.068   1.000 15.418  0 74  LEU A C   1 ? 
ATOM   276  O  O   . LEU A 1 35  ? -7.846  -4.406  5.171   1.000 17.203  0 74  LEU A O   1 ? 
ATOM   277  C  CB  . LEU A 1 35  ? -6.580  -1.457  5.659   1.000 15.244  0 74  LEU A CB  1 ? 
ATOM   278  C  CG  . LEU A 1 35  ? -7.195  -0.113  5.277   1.000 18.324  0 74  LEU A CG  1 ? 
ATOM   279  C  CD1 . LEU A 1 35  ? -7.562  0.769   6.458   1.000 20.121  0 74  LEU A CD1 1 ? 
ATOM   280  C  CD2 . LEU A 1 35  ? -6.346  0.653   4.269   1.000 19.547  0 74  LEU A CD2 1 ? 
ATOM   281  N  N   . TRP A 1 36  ? -6.232  -4.500  6.691   1.000 15.402  0 75  TRP A N   1 ? 
ATOM   282  C  CA  . TRP A 1 36  ? -5.804  -5.815  6.264   1.000 16.035  0 75  TRP A CA  1 ? 
ATOM   283  C  C   . TRP A 1 36  ? -6.941  -6.817  6.413   1.000 17.900  0 75  TRP A C   1 ? 
ATOM   284  O  O   . TRP A 1 36  ? -7.041  -7.721  5.590   1.000 19.662  0 75  TRP A O   1 ? 
ATOM   285  C  CB  . TRP A 1 36  ? -4.613  -6.275  7.103   1.000 16.848  0 75  TRP A CB  1 ? 
ATOM   286  C  CG  . TRP A 1 36  ? -3.946  -7.520  6.623   1.000 18.271  0 75  TRP A CG  1 ? 
ATOM   287  C  CD1 . TRP A 1 36  ? -4.218  -8.811  6.987   1.000 19.960  0 75  TRP A CD1 1 ? 
ATOM   288  C  CD2 . TRP A 1 36  ? -2.929  -7.612  5.618   1.000 16.510  0 75  TRP A CD2 1 ? 
ATOM   289  N  NE1 . TRP A 1 36  ? -3.410  -9.674  6.301   1.000 21.250  0 75  TRP A NE1 1 ? 
ATOM   290  C  CE2 . TRP A 1 36  ? -2.559  -8.954  5.482   1.000 17.709  0 75  TRP A CE2 1 ? 
ATOM   291  C  CE3 . TRP A 1 36  ? -2.248  -6.666  4.853   1.000 15.826  0 75  TRP A CE3 1 ? 
ATOM   292  C  CZ2 . TRP A 1 36  ? -1.594  -9.392  4.588   1.000 18.095  0 75  TRP A CZ2 1 ? 
ATOM   293  C  CZ3 . TRP A 1 36  ? -1.288  -7.085  3.972   1.000 16.822  0 75  TRP A CZ3 1 ? 
ATOM   294  C  CH2 . TRP A 1 36  ? -0.942  -8.428  3.835   1.000 17.025  0 75  TRP A CH2 1 ? 
ATOM   295  N  N   . LYS A 1 37  ? -7.771  -6.649  7.452   1.000 18.393  0 76  LYS A N   1 ? 
ATOM   296  C  CA  . LYS A 1 37  ? -8.796  -7.648  7.756   1.000 18.112  0 76  LYS A CA  1 ? 
ATOM   297  C  C   . LYS A 1 37  ? -10.084 -7.335  7.032   1.000 20.509  0 76  LYS A C   1 ? 
ATOM   298  O  O   . LYS A 1 37  ? -11.052 -8.097  7.153   1.000 24.541  0 76  LYS A O   1 ? 
ATOM   299  C  CB  . LYS A 1 37  ? -9.018  -7.800  9.267   1.000 21.777  0 76  LYS A CB  1 ? 
ATOM   300  C  CG  . LYS A 1 37  ? -9.618  -6.599  9.962   1.000 22.291  0 76  LYS A CG  1 ? 
ATOM   301  C  CD  . LYS A 1 37  ? -9.679  -6.899  11.469  1.000 26.914  0 76  LYS A CD  1 ? 
ATOM   302  C  CE  . LYS A 1 37  ? -10.036 -5.731  12.365  1.000 34.905  0 76  LYS A CE  1 ? 
ATOM   303  N  NZ  . LYS A 1 37  ? -11.280 -5.055  11.942  1.000 40.270  0 76  LYS A NZ  1 ? 
ATOM   304  N  N   . HIS A 1 38  ? -10.138 -6.240  6.303   1.000 19.521  0 77  HIS A N   1 ? 
ATOM   305  C  CA  . HIS A 1 38  ? -11.338 -5.887  5.573   1.000 18.271  0 77  HIS A CA  1 ? 
ATOM   306  C  C   . HIS A 1 38  ? -11.669 -6.915  4.496   1.000 17.607  0 77  HIS A C   1 ? 
ATOM   307  O  O   . HIS A 1 38  ? -10.812 -7.564  3.963   1.000 17.584  0 77  HIS A O   1 ? 
ATOM   308  C  CB  . HIS A 1 38  ? -11.174 -4.511  4.938   1.000 18.222  0 77  HIS A CB  1 ? 
ATOM   309  C  CG  . HIS A 1 38  ? -12.443 -3.919  4.473   1.000 20.097  0 77  HIS A CG  1 ? 
ATOM   310  N  ND1 . HIS A 1 38  ? -13.068 -4.271  3.272   1.000 17.519  0 77  HIS A ND1 1 ? 
ATOM   311  C  CD2 . HIS A 1 38  ? -13.236 -2.998  5.042   1.000 22.969  0 77  HIS A CD2 1 ? 
ATOM   312  C  CE1 . HIS A 1 38  ? -14.167 -3.591  3.127   1.000 19.519  0 77  HIS A CE1 1 ? 
ATOM   313  N  NE2 . HIS A 1 38  ? -14.280 -2.780  4.211   1.000 22.301  0 77  HIS A NE2 1 ? 
ATOM   314  N  N   . GLN A 1 39  ? -12.989 -7.116  4.290   1.000 17.218  0 78  GLN A N   1 ? 
ATOM   315  C  CA  . GLN A 1 39  ? -13.486 -8.123  3.357   1.000 18.483  0 78  GLN A CA  1 ? 
ATOM   316  C  C   . GLN A 1 39  ? -12.907 -7.882  1.971   1.000 16.046  0 78  GLN A C   1 ? 
ATOM   317  O  O   . GLN A 1 39  ? -12.686 -8.818  1.223   1.000 15.848  0 78  GLN A O   1 ? 
ATOM   318  C  CB  . GLN A 1 39  ? -15.017 -8.123  3.286   1.000 19.205  0 78  GLN A CB  1 ? 
ATOM   319  C  CG  . GLN A 1 39  ? -15.638 -9.020  2.209   1.000 23.567  0 78  GLN A CG  1 ? 
ATOM   320  C  CD  . GLN A 1 39  ? -17.146 -8.979  2.236   1.000 26.296  0 78  GLN A CD  1 ? 
ATOM   321  O  OE1 . GLN A 1 39  ? -17.815 -10.011 2.457   1.000 27.840  0 78  GLN A OE1 1 ? 
ATOM   322  N  NE2 . GLN A 1 39  ? -17.700 -7.786  2.060   1.000 20.259  0 78  GLN A NE2 1 ? 
ATOM   323  N  N   . PHE A 1 40  ? -12.594 -6.622  1.670   1.000 15.343  0 79  PHE A N   1 ? 
ATOM   324  C  CA  . PHE A 1 40  ? -12.116 -6.294  0.344   1.000 14.793  0 79  PHE A CA  1 ? 
ATOM   325  C  C   . PHE A 1 40  ? -10.600 -6.093  0.283   1.000 14.280  0 79  PHE A C   1 ? 
ATOM   326  O  O   . PHE A 1 40  ? -10.099 -5.600  -0.753  1.000 13.756  0 79  PHE A O   1 ? 
ATOM   327  C  CB  . PHE A 1 40  ? -12.771 -4.999  -0.104  1.000 14.741  0 79  PHE A CB  1 ? 
ATOM   328  C  CG  . PHE A 1 40  ? -14.242 -5.065  -0.380  1.000 14.888  0 79  PHE A CG  1 ? 
ATOM   329  C  CD1 . PHE A 1 40  ? -14.885 -6.264  -0.626  1.000 15.820  0 79  PHE A CD1 1 ? 
ATOM   330  C  CD2 . PHE A 1 40  ? -14.982 -3.886  -0.386  1.000 16.284  0 79  PHE A CD2 1 ? 
ATOM   331  C  CE1 . PHE A 1 40  ? -16.237 -6.258  -0.945  1.000 16.872  0 79  PHE A CE1 1 ? 
ATOM   332  C  CE2 . PHE A 1 40  ? -16.328 -3.903  -0.705  1.000 18.517  0 79  PHE A CE2 1 ? 
ATOM   333  C  CZ  . PHE A 1 40  ? -16.966 -5.094  -0.958  1.000 17.977  0 79  PHE A CZ  1 ? 
ATOM   334  N  N   . ALA A 1 41  ? -9.857  -6.528  1.316   1.000 14.391  0 80  ALA A N   1 ? 
ATOM   335  C  CA  . ALA A 1 41  ? -8.412  -6.333  1.306   1.000 14.242  0 80  ALA A CA  1 ? 
ATOM   336  C  C   . ALA A 1 41  ? -7.648  -7.223  0.342   1.000 14.755  0 80  ALA A C   1 ? 
ATOM   337  O  O   . ALA A 1 41  ? -6.532  -6.869  -0.054  1.000 13.812  0 80  ALA A O   1 ? 
ATOM   338  C  CB  . ALA A 1 41  ? -7.855  -6.542  2.686   1.000 15.497  0 80  ALA A CB  1 ? 
ATOM   339  N  N   . TRP A 1 42  ? -8.172  -8.428  0.032   1.000 14.451  0 81  TRP A N   1 ? 
ATOM   340  C  CA  . TRP A 1 42  ? -7.353  -9.457  -0.569  1.000 13.181  0 81  TRP A CA  1 ? 
ATOM   341  C  C   . TRP A 1 42  ? -6.666  -9.025  -1.855  1.000 13.158  0 81  TRP A C   1 ? 
ATOM   342  O  O   . TRP A 1 42  ? -5.517  -9.405  -2.070  1.000 14.582  0 81  TRP A O   1 ? 
ATOM   343  C  CB  . TRP A 1 42  ? -8.118  -10.794 -0.739  1.000 13.914  0 81  TRP A CB  1 ? 
ATOM   344  C  CG  . TRP A 1 42  ? -9.296  -10.736 -1.647  1.000 14.624  0 81  TRP A CG  1 ? 
ATOM   345  C  CD1 . TRP A 1 42  ? -10.581 -10.467 -1.259  1.000 15.968  0 81  TRP A CD1 1 ? 
ATOM   346  C  CD2 . TRP A 1 42  ? -9.323  -10.868 -3.074  1.000 15.370  0 81  TRP A CD2 1 ? 
ATOM   347  N  NE1 . TRP A 1 42  ? -11.409 -10.424 -2.343  1.000 15.535  0 81  TRP A NE1 1 ? 
ATOM   348  C  CE2 . TRP A 1 42  ? -10.677 -10.679 -3.465  1.000 15.700  0 81  TRP A CE2 1 ? 
ATOM   349  C  CE3 . TRP A 1 42  ? -8.368  -11.175 -4.052  1.000 16.766  0 81  TRP A CE3 1 ? 
ATOM   350  C  CZ2 . TRP A 1 42  ? -11.088 -10.774 -4.787  1.000 18.565  0 81  TRP A CZ2 1 ? 
ATOM   351  C  CZ3 . TRP A 1 42  ? -8.776  -11.218 -5.360  1.000 18.993  0 81  TRP A CZ3 1 ? 
ATOM   352  C  CH2 . TRP A 1 42  ? -10.104 -10.998 -5.715  1.000 18.711  0 81  TRP A CH2 1 ? 
ATOM   353  N  N   . PRO A 1 43  ? -7.249  -8.239  -2.762  1.000 12.590  0 82  PRO A N   1 ? 
ATOM   354  C  CA  . PRO A 1 43  ? -6.501  -7.873  -3.973  1.000 12.321  0 82  PRO A CA  1 ? 
ATOM   355  C  C   . PRO A 1 43  ? -5.292  -6.989  -3.674  1.000 11.902  0 82  PRO A C   1 ? 
ATOM   356  O  O   . PRO A 1 43  ? -4.491  -6.797  -4.594  1.000 13.261  0 82  PRO A O   1 ? 
ATOM   357  C  CB  . PRO A 1 43  ? -7.492  -7.051  -4.810  1.000 13.294  0 82  PRO A CB  1 ? 
ATOM   358  C  CG  . PRO A 1 43  ? -8.846  -7.463  -4.259  1.000 13.996  0 82  PRO A CG  1 ? 
ATOM   359  C  CD  . PRO A 1 43  ? -8.606  -7.701  -2.769  1.000 13.066  0 82  PRO A CD  1 ? 
ATOM   360  N  N   . PHE A 1 44  ? -5.256  -6.412  -2.481  1.000 11.902  0 83  PHE A N   1 ? 
ATOM   361  C  CA  . PHE A 1 44  ? -4.266  -5.391  -2.168  1.000 11.432  0 83  PHE A CA  1 ? 
ATOM   362  C  C   . PHE A 1 44  ? -3.257  -5.941  -1.196  1.000 12.385  0 83  PHE A C   1 ? 
ATOM   363  O  O   . PHE A 1 44  ? -2.378  -5.178  -0.759  1.000 12.893  0 83  PHE A O   1 ? 
ATOM   364  C  CB  . PHE A 1 44  ? -4.988  -4.197  -1.550  1.000 12.027  0 83  PHE A CB  1 ? 
ATOM   365  C  CG  . PHE A 1 44  ? -6.029  -3.641  -2.443  1.000 12.015  0 83  PHE A CG  1 ? 
ATOM   366  C  CD1 . PHE A 1 44  ? -5.665  -2.898  -3.577  1.000 13.042  0 83  PHE A CD1 1 ? 
ATOM   367  C  CD2 . PHE A 1 44  ? -7.366  -3.946  -2.221  1.000 12.591  0 83  PHE A CD2 1 ? 
ATOM   368  C  CE1 . PHE A 1 44  ? -6.653  -2.462  -4.466  1.000 15.390  0 83  PHE A CE1 1 ? 
ATOM   369  C  CE2 . PHE A 1 44  ? -8.322  -3.494  -3.122  1.000 13.456  0 83  PHE A CE2 1 ? 
ATOM   370  C  CZ  . PHE A 1 44  ? -7.979  -2.733  -4.217  1.000 14.989  0 83  PHE A CZ  1 ? 
ATOM   371  N  N   . GLN A 1 45  ? -3.274  -7.235  -0.858  1.000 12.122  0 84  GLN A N   1 ? 
ATOM   372  C  CA  . GLN A 1 45  ? -2.384  -7.763  0.162   1.000 12.433  0 84  GLN A CA  1 ? 
ATOM   373  C  C   . GLN A 1 45  ? -1.032  -8.238  -0.368  1.000 12.156  0 84  GLN A C   1 ? 
ATOM   374  O  O   . GLN A 1 45  ? -0.195  -8.663  0.395   1.000 13.519  0 84  GLN A O   1 ? 
ATOM   375  C  CB  . GLN A 1 45  ? -3.040  -8.934  0.877   1.000 13.621  0 84  GLN A CB  1 ? 
ATOM   376  C  CG  . GLN A 1 45  ? -4.109  -8.453  1.853   1.000 14.865  0 84  GLN A CG  1 ? 
ATOM   377  C  CD  . GLN A 1 45  ? -4.940  -9.580  2.444   1.000 15.190  0 84  GLN A CD  1 ? 
ATOM   378  O  OE1 . GLN A 1 45  ? -5.005  -10.633 1.847   1.000 17.261  0 84  GLN A OE1 1 ? 
ATOM   379  N  NE2 . GLN A 1 45  ? -5.518  -9.390  3.621   1.000 18.783  0 84  GLN A NE2 1 ? 
ATOM   380  N  N   . GLN A 1 46  ? -0.805  -8.080  -1.659  1.000 12.029  0 85  GLN A N   1 ? 
ATOM   381  C  CA  . GLN A 1 46  ? 0.440   -8.463  -2.299  1.000 12.624  0 85  GLN A CA  1 ? 
ATOM   382  C  C   . GLN A 1 46  ? 0.570   -7.678  -3.578  1.000 12.207  0 85  GLN A C   1 ? 
ATOM   383  O  O   . GLN A 1 46  ? -0.403  -7.168  -4.093  1.000 11.961  0 85  GLN A O   1 ? 
ATOM   384  C  CB  . GLN A 1 46  ? 0.476   -9.968  -2.563  1.000 13.793  0 85  GLN A CB  1 ? 
ATOM   385  C  CG  . GLN A 1 46  ? -0.639  -10.453 -3.483  1.000 15.469  0 85  GLN A CG  1 ? 
ATOM   386  C  CD  . GLN A 1 46  ? -2.003  -10.483 -2.826  1.000 14.900  0 85  GLN A CD  1 ? 
ATOM   387  O  OE1 . GLN A 1 46  ? -2.174  -11.041 -1.735  1.000 17.466  0 85  GLN A OE1 1 ? 
ATOM   388  N  NE2 . GLN A 1 46  ? -2.980  -9.849  -3.458  1.000 15.304  0 85  GLN A NE2 1 ? 
ATOM   389  N  N   . PRO A 1 47  ? 1.789   -7.571  -4.138  1.000 11.985  0 86  PRO A N   1 ? 
ATOM   390  C  CA  . PRO A 1 47  ? 1.977   -6.929  -5.441  1.000 12.758  0 86  PRO A CA  1 ? 
ATOM   391  C  C   . PRO A 1 47  ? 1.050   -7.542  -6.490  1.000 12.402  0 86  PRO A C   1 ? 
ATOM   392  O  O   . PRO A 1 47  ? 0.782   -8.747  -6.488  1.000 13.826  0 86  PRO A O   1 ? 
ATOM   393  C  CB  . PRO A 1 47  ? 3.465   -7.160  -5.791  1.000 14.410  0 86  PRO A CB  1 ? 
ATOM   394  C  CG  . PRO A 1 47  ? 4.099   -7.313  -4.413  1.000 15.636  0 86  PRO A CG  1 ? 
ATOM   395  C  CD  . PRO A 1 47  ? 3.072   -8.028  -3.569  1.000 14.526  0 86  PRO A CD  1 ? 
ATOM   396  N  N   . VAL A 1 48  ? 0.612   -6.707  -7.410  1.000 12.544  0 87  VAL A N   1 ? 
ATOM   397  C  CA  . VAL A 1 48  ? -0.154  -7.196  -8.536  1.000 14.083  0 87  VAL A CA  1 ? 
ATOM   398  C  C   . VAL A 1 48  ? 0.723   -8.152  -9.340  1.000 14.253  0 87  VAL A C   1 ? 
ATOM   399  O  O   . VAL A 1 48  ? 1.782   -7.800  -9.839  1.000 14.349  0 87  VAL A O   1 ? 
ATOM   400  C  CB  . VAL A 1 48  ? -0.660  -6.048  -9.390  1.000 14.145  0 87  VAL A CB  1 ? 
ATOM   401  C  CG1 . VAL A 1 48  ? -1.327  -6.554  -10.662 1.000 16.914  0 87  VAL A CG1 1 ? 
ATOM   402  C  CG2 . VAL A 1 48  ? -1.653  -5.211  -8.614  1.000 15.504  0 87  VAL A CG2 1 ? 
ATOM   403  N  N   . ASP A 1 49  ? 0.211   -9.367  -9.497  1.000 14.365  0 88  ASP A N   1 ? 
ATOM   404  C  CA  . ASP A 1 49  ? 0.919   -10.348 -10.319 1.000 14.360  0 88  ASP A CA  1 ? 
ATOM   405  C  C   . ASP A 1 49  ? 0.262   -10.260 -11.689 1.000 13.300  0 88  ASP A C   1 ? 
ATOM   406  O  O   . ASP A 1 49  ? -0.768  -10.886 -11.947 1.000 13.865  0 88  ASP A O   1 ? 
ATOM   407  C  CB  . ASP A 1 49  ? 0.834   -11.746 -9.716  1.000 16.572  0 88  ASP A CB  1 ? 
ATOM   408  C  CG  . ASP A 1 49  ? 1.536   -12.821 -10.533 1.000 16.847  0 88  ASP A CG  1 ? 
ATOM   409  O  OD1 . ASP A 1 49  ? 1.800   -12.606 -11.696 1.000 16.169  0 88  ASP A OD1 1 ? 
ATOM   410  O  OD2 . ASP A 1 49  ? 1.704   -13.933 -9.957  1.000 23.564  0 88  ASP A OD2 1 ? 
ATOM   411  N  N   . ALA A 1 50  ? 0.848   -9.435  -12.538 1.000 13.676  0 89  ALA A N   1 ? 
ATOM   412  C  CA  . ALA A 1 50  ? 0.293   -9.133  -13.841 1.000 14.561  0 89  ALA A CA  1 ? 
ATOM   413  C  C   . ALA A 1 50  ? 0.310   -10.371 -14.736 1.000 14.961  0 89  ALA A C   1 ? 
ATOM   414  O  O   . ALA A 1 50  ? -0.490  -10.424 -15.676 1.000 15.229  0 89  ALA A O   1 ? 
ATOM   415  C  CB  . ALA A 1 50  ? 1.050   -7.989  -14.455 1.000 17.092  0 89  ALA A CB  1 ? 
ATOM   416  N  N   . VAL A 1 51  ? 1.191   -11.341 -14.474 1.000 14.471  0 90  VAL A N   1 ? 
ATOM   417  C  CA  . VAL A 1 51  ? 1.216   -12.542 -15.305 1.000 15.752  0 90  VAL A CA  1 ? 
ATOM   418  C  C   . VAL A 1 51  ? 0.017   -13.399 -14.958 1.000 15.548  0 90  VAL A C   1 ? 
ATOM   419  O  O   . VAL A 1 51  ? -0.772  -13.773 -15.832 1.000 15.711  0 90  VAL A O   1 ? 
ATOM   420  C  CB  . VAL A 1 51  ? 2.530   -13.308 -15.099 1.000 16.612  0 90  VAL A CB  1 ? 
ATOM   421  C  CG1 . VAL A 1 51  ? 2.527   -14.613 -15.906 1.000 19.500  0 90  VAL A CG1 1 ? 
ATOM   422  C  CG2 . VAL A 1 51  ? 3.720   -12.436 -15.458 1.000 19.658  0 90  VAL A CG2 1 ? 
ATOM   423  N  N   . LYS A 1 52  ? -0.165  -13.627 -13.669 1.000 14.515  0 91  LYS A N   1 ? 
ATOM   424  C  CA  . LYS A 1 52  ? -1.256  -14.509 -13.303 1.000 15.888  0 91  LYS A CA  1 ? 
ATOM   425  C  C   . LYS A 1 52  ? -2.599  -13.866 -13.676 1.000 16.400  0 91  LYS A C   1 ? 
ATOM   426  O  O   . LYS A 1 52  ? -3.540  -14.567 -14.040 1.000 16.395  0 91  LYS A O   1 ? 
ATOM   427  C  CB  . LYS A 1 52  ? -1.170  -14.863 -11.818 1.000 19.754  0 91  LYS A CB  1 ? 
ATOM   428  C  CG  . LYS A 1 52  ? -2.086  -16.038 -11.465 1.000 22.794  0 91  LYS A CG  1 ? 
ATOM   429  C  CD  . LYS A 1 52  ? -1.900  -16.577 -10.054 1.000 25.414  0 91  LYS A CD  1 ? 
ATOM   430  C  CE  . LYS A 1 52  ? -2.494  -17.972 -9.849  1.000 25.981  0 91  LYS A CE  1 ? 
ATOM   431  N  NZ  . LYS A 1 52  ? -2.406  -18.351 -8.418  1.000 28.539  0 91  LYS A NZ  1 ? 
ATOM   432  N  N   . LEU A 1 53  ? -2.732  -12.558 -13.517 1.000 14.222  0 92  LEU A N   1 ? 
ATOM   433  C  CA  . LEU A 1 53  ? -3.979  -11.877 -13.840 1.000 16.431  0 92  LEU A CA  1 ? 
ATOM   434  C  C   . LEU A 1 53  ? -4.141  -11.592 -15.327 1.000 17.460  0 92  LEU A C   1 ? 
ATOM   435  O  O   . LEU A 1 53  ? -5.141  -10.979 -15.709 1.000 18.805  0 92  LEU A O   1 ? 
ATOM   436  C  CB  . LEU A 1 53  ? -4.070  -10.568 -13.055 1.000 17.664  0 92  LEU A CB  1 ? 
ATOM   437  C  CG  . LEU A 1 53  ? -4.140  -10.758 -11.554 1.000 17.737  0 92  LEU A CG  1 ? 
ATOM   438  C  CD1 . LEU A 1 53  ? -3.991  -9.447  -10.831 1.000 20.538  0 92  LEU A CD1 1 ? 
ATOM   439  C  CD2 . LEU A 1 53  ? -5.424  -11.452 -11.129 1.000 21.407  0 92  LEU A CD2 1 ? 
ATOM   440  N  N   . ASN A 1 54  ? -3.164  -11.964 -16.153 1.000 16.448  0 93  ASN A N   1 ? 
ATOM   441  C  CA  . ASN A 1 54  ? -3.197  -11.673 -17.583 1.000 17.626  0 93  ASN A CA  1 ? 
ATOM   442  C  C   . ASN A 1 54  ? -3.423  -10.184 -17.846 1.000 18.170  0 93  ASN A C   1 ? 
ATOM   443  O  O   . ASN A 1 54  ? -4.293  -9.785  -18.639 1.000 20.887  0 93  ASN A O   1 ? 
ATOM   444  C  CB  . ASN A 1 54  ? -4.251  -12.508 -18.318 1.000 22.344  0 93  ASN A CB  1 ? 
ATOM   445  C  CG  . ASN A 1 54  ? -4.199  -12.265 -19.812 1.000 26.265  0 93  ASN A CG  1 ? 
ATOM   446  O  OD1 . ASN A 1 54  ? -3.126  -12.024 -20.378 1.000 28.855  0 93  ASN A OD1 1 ? 
ATOM   447  N  ND2 . ASN A 1 54  ? -5.361  -12.290 -20.451 1.000 31.419  0 93  ASN A ND2 1 ? 
ATOM   448  N  N   . LEU A 1 55  ? -2.627  -9.336  -17.185 1.000 15.727  0 94  LEU A N   1 ? 
ATOM   449  C  CA  . LEU A 1 55  ? -2.687  -7.892  -17.385 1.000 15.121  0 94  LEU A CA  1 ? 
ATOM   450  C  C   . LEU A 1 55  ? -1.319  -7.471  -17.883 1.000 14.775  0 94  LEU A C   1 ? 
ATOM   451  O  O   . LEU A 1 55  ? -0.568  -6.842  -17.159 1.000 13.792  0 94  LEU A O   1 ? 
ATOM   452  C  CB  . LEU A 1 55  ? -3.000  -7.221  -16.045 1.000 15.462  0 94  LEU A CB  1 ? 
ATOM   453  C  CG  . LEU A 1 55  ? -4.352  -7.586  -15.444 1.000 19.168  0 94  LEU A CG  1 ? 
ATOM   454  C  CD1 . LEU A 1 55  ? -4.495  -6.959  -14.042 1.000 20.674  0 94  LEU A CD1 1 ? 
ATOM   455  C  CD2 . LEU A 1 55  ? -5.515  -7.204  -16.337 1.000 22.854  0 94  LEU A CD2 1 ? 
ATOM   456  N  N   . PRO A 1 56  ? -0.912  -7.825  -19.131 1.000 14.758  0 95  PRO A N   1 ? 
ATOM   457  C  CA  . PRO A 1 56  ? 0.459   -7.597  -19.537 1.000 14.819  0 95  PRO A CA  1 ? 
ATOM   458  C  C   . PRO A 1 56  ? 0.787   -6.126  -19.617 1.000 14.661  0 95  PRO A C   1 ? 
ATOM   459  O  O   . PRO A 1 56  ? 1.945   -5.773  -19.533 1.000 17.314  0 95  PRO A O   1 ? 
ATOM   460  C  CB  . PRO A 1 56  ? 0.565   -8.244  -20.939 1.000 16.663  0 95  PRO A CB  1 ? 
ATOM   461  C  CG  . PRO A 1 56  ? -0.862  -8.274  -21.371 1.000 16.837  0 95  PRO A CG  1 ? 
ATOM   462  C  CD  . PRO A 1 56  ? -1.684  -8.598  -20.123 1.000 17.024  0 95  PRO A CD  1 ? 
ATOM   463  N  N   . ASP A 1 57  ? -0.222  -5.254  -19.697 1.000 13.617  0 96  ASP A N   1 ? 
ATOM   464  C  CA  . ASP A 1 57  ? 0.077   -3.835  -19.731 1.000 13.544  0 96  ASP A CA  1 ? 
ATOM   465  C  C   . ASP A 1 57  ? 0.104   -3.190  -18.331 1.000 14.194  0 96  ASP A C   1 ? 
ATOM   466  O  O   . ASP A 1 57  ? 0.370   -1.997  -18.275 1.000 15.773  0 96  ASP A O   1 ? 
ATOM   467  C  CB  . ASP A 1 57  ? -0.932  -3.032  -20.560 1.000 16.623  0 96  ASP A CB  1 ? 
ATOM   468  C  CG  . ASP A 1 57  ? -2.312  -3.000  -19.944 1.000 18.632  0 96  ASP A CG  1 ? 
ATOM   469  O  OD1 . ASP A 1 57  ? -2.620  -3.842  -19.060 1.000 18.011  0 96  ASP A OD1 1 ? 
ATOM   470  O  OD2 . ASP A 1 57  ? -3.079  -2.093  -20.335 1.000 23.033  0 96  ASP A OD2 1 ? 
ATOM   471  N  N   . TYR A 1 58  ? -0.085  -3.958  -17.241 1.000 13.893  0 97  TYR A N   1 ? 
ATOM   472  C  CA  . TYR A 1 58  ? -0.241  -3.313  -15.937 1.000 12.940  0 97  TYR A CA  1 ? 
ATOM   473  C  C   . TYR A 1 58  ? 0.970   -2.459  -15.611 1.000 13.421  0 97  TYR A C   1 ? 
ATOM   474  O  O   . TYR A 1 58  ? 0.823   -1.288  -15.247 1.000 13.218  0 97  TYR A O   1 ? 
ATOM   475  C  CB  . TYR A 1 58  ? -0.484  -4.386  -14.874 1.000 13.211  0 97  TYR A CB  1 ? 
ATOM   476  C  CG  . TYR A 1 58  ? -0.756  -3.753  -13.532 1.000 13.313  0 97  TYR A CG  1 ? 
ATOM   477  C  CD1 . TYR A 1 58  ? -2.031  -3.261  -13.245 1.000 13.211  0 97  TYR A CD1 1 ? 
ATOM   478  C  CD2 . TYR A 1 58  ? 0.247   -3.567  -12.611 1.000 13.486  0 97  TYR A CD2 1 ? 
ATOM   479  C  CE1 . TYR A 1 58  ? -2.277  -2.603  -12.045 1.000 12.989  0 97  TYR A CE1 1 ? 
ATOM   480  C  CE2 . TYR A 1 58  ? 0.027   -2.899  -11.412 1.000 13.393  0 97  TYR A CE2 1 ? 
ATOM   481  C  CZ  . TYR A 1 58  ? -1.240  -2.443  -11.130 1.000 13.553  0 97  TYR A CZ  1 ? 
ATOM   482  O  OH  . TYR A 1 58  ? -1.501  -1.775  -9.938  1.000 14.660  0 97  TYR A OH  1 ? 
ATOM   483  N  N   . TYR A 1 59  ? 2.171   -3.059  -15.744 1.000 13.596  0 98  TYR A N   1 ? 
ATOM   484  C  CA  . TYR A 1 59  ? 3.394   -2.386  -15.334 1.000 14.374  0 98  TYR A CA  1 ? 
ATOM   485  C  C   . TYR A 1 59  ? 3.925   -1.495  -16.451 1.000 15.731  0 98  TYR A C   1 ? 
ATOM   486  O  O   . TYR A 1 59  ? 4.920   -0.819  -16.242 1.000 17.963  0 98  TYR A O   1 ? 
ATOM   487  C  CB  . TYR A 1 59  ? 4.413   -3.377  -14.781 1.000 14.349  0 98  TYR A CB  1 ? 
ATOM   488  C  CG  . TYR A 1 59  ? 3.976   -3.933  -13.458 1.000 13.621  0 98  TYR A CG  1 ? 
ATOM   489  C  CD1 . TYR A 1 59  ? 3.919   -3.111  -12.328 1.000 14.508  0 98  TYR A CD1 1 ? 
ATOM   490  C  CD2 . TYR A 1 59  ? 3.602   -5.265  -13.321 1.000 12.282  0 98  TYR A CD2 1 ? 
ATOM   491  C  CE1 . TYR A 1 59  ? 3.606   -3.640  -11.093 1.000 14.113  0 98  TYR A CE1 1 ? 
ATOM   492  C  CE2 . TYR A 1 59  ? 3.234   -5.793  -12.099 1.000 13.829  0 98  TYR A CE2 1 ? 
ATOM   493  C  CZ  . TYR A 1 59  ? 3.205   -4.951  -10.983 1.000 13.145  0 98  TYR A CZ  1 ? 
ATOM   494  O  OH  . TYR A 1 59  ? 2.884   -5.429  -9.746  1.000 14.091  0 98  TYR A OH  1 ? 
ATOM   495  N  N   . LYS A 1 60  ? 3.217   -1.428  -17.571 1.000 15.769  0 99  LYS A N   1 ? 
ATOM   496  C  CA  . LYS A 1 60  ? 3.422   -0.404  -18.570 1.000 17.744  0 99  LYS A CA  1 ? 
ATOM   497  C  C   . LYS A 1 60  ? 2.758   0.887   -18.092 1.000 17.125  0 99  LYS A C   1 ? 
ATOM   498  O  O   . LYS A 1 60  ? 3.249   1.969   -18.351 1.000 20.938  0 99  LYS A O   1 ? 
ATOM   499  C  CB  . LYS A 1 60  ? 2.807   -0.869  -19.898 1.000 19.590  0 99  LYS A CB  1 ? 
ATOM   500  C  CG  . LYS A 1 60  ? 3.054   0.036   -21.084 1.000 22.592  0 99  LYS A CG  1 ? 
ATOM   501  C  CD  . LYS A 1 60  ? 4.551   0.245   -21.332 1.000 30.648  0 99  LYS A CD  1 ? 
ATOM   502  C  CE  . LYS A 1 60  ? 4.869   0.971   -22.630 1.000 32.964  0 99  LYS A CE  1 ? 
ATOM   503  N  NZ  . LYS A 1 60  ? 6.102   1.792   -22.561 1.000 33.812  0 99  LYS A NZ  1 ? 
ATOM   504  N  N   A ILE A 1 61  ? 1.589   0.749   -17.450 0.500 15.520  0 100 ILE A N   1 ? 
ATOM   505  N  N   B ILE A 1 61  ? 1.621   0.768   -17.392 0.500 15.562  0 100 ILE A N   1 ? 
ATOM   506  C  CA  A ILE A 1 61  ? 0.766   1.861   -16.991 0.500 15.556  0 100 ILE A CA  1 ? 
ATOM   507  C  CA  B ILE A 1 61  ? 0.805   1.914   -17.009 0.500 15.579  0 100 ILE A CA  1 ? 
ATOM   508  C  C   A ILE A 1 61  ? 1.253   2.308   -15.603 0.500 14.500  0 100 ILE A C   1 ? 
ATOM   509  C  C   B ILE A 1 61  ? 1.074   2.323   -15.557 0.500 14.812  0 100 ILE A C   1 ? 
ATOM   510  O  O   A ILE A 1 61  ? 1.552   3.479   -15.359 0.500 15.715  0 100 ILE A O   1 ? 
ATOM   511  O  O   B ILE A 1 61  ? 0.931   3.490   -15.210 0.500 14.899  0 100 ILE A O   1 ? 
ATOM   512  C  CB  A ILE A 1 61  ? -0.710  1.391   -16.981 0.500 15.753  0 100 ILE A CB  1 ? 
ATOM   513  C  CB  B ILE A 1 61  ? -0.679  1.567   -17.220 0.500 15.811  0 100 ILE A CB  1 ? 
ATOM   514  C  CG1 A ILE A 1 61  ? -1.141  0.844   -18.347 0.500 16.906  0 100 ILE A CG1 1 ? 
ATOM   515  C  CG1 B ILE A 1 61  ? -1.026  1.422   -18.710 0.500 16.866  0 100 ILE A CG1 1 ? 
ATOM   516  C  CG2 A ILE A 1 61  ? -1.650  2.497   -16.509 0.500 16.710  0 100 ILE A CG2 1 ? 
ATOM   517  C  CG2 B ILE A 1 61  ? -1.597  2.568   -16.527 0.500 16.696  0 100 ILE A CG2 1 ? 
ATOM   518  C  CD1 A ILE A 1 61  ? -0.723  1.743   -19.470 0.500 19.467  0 100 ILE A CD1 1 ? 
ATOM   519  C  CD1 B ILE A 1 61  ? -2.270  0.643   -18.970 0.500 16.881  0 100 ILE A CD1 1 ? 
ATOM   520  N  N   . ILE A 1 62  ? 1.360   1.337   -14.700 1.000 13.601  0 101 ILE A N   1 ? 
ATOM   521  C  CA  . ILE A 1 62  ? 1.623   1.623   -13.288 1.000 12.471  0 101 ILE A CA  1 ? 
ATOM   522  C  C   . ILE A 1 62  ? 3.131   1.498   -13.070 1.000 12.745  0 101 ILE A C   1 ? 
ATOM   523  O  O   . ILE A 1 62  ? 3.694   0.408   -13.004 1.000 15.251  0 101 ILE A O   1 ? 
ATOM   524  C  CB  . ILE A 1 62  ? 0.832   0.642   -12.432 1.000 12.462  0 101 ILE A CB  1 ? 
ATOM   525  C  CG1 . ILE A 1 62  ? -0.680  0.828   -12.642 1.000 13.749  0 101 ILE A CG1 1 ? 
ATOM   526  C  CG2 . ILE A 1 62  ? 1.214   0.800   -10.956 1.000 13.955  0 101 ILE A CG2 1 ? 
ATOM   527  C  CD1 . ILE A 1 62  ? -1.170  2.238   -12.412 1.000 14.899  0 101 ILE A CD1 1 ? 
ATOM   528  N  N   . LYS A 1 63  ? 3.754   2.667   -12.980 1.000 13.356  0 102 LYS A N   1 ? 
ATOM   529  C  CA  . LYS A 1 63  ? 5.196   2.736   -12.805 1.000 14.209  0 102 LYS A CA  1 ? 
ATOM   530  C  C   . LYS A 1 63  ? 5.575   2.964   -11.363 1.000 14.877  0 102 LYS A C   1 ? 
ATOM   531  O  O   . LYS A 1 63  ? 6.768   2.945   -11.062 1.000 17.962  0 102 LYS A O   1 ? 
ATOM   532  C  CB  . LYS A 1 63  ? 5.770   3.863   -13.634 1.000 16.145  0 102 LYS A CB  1 ? 
ATOM   533  C  CG  . LYS A 1 63  ? 5.566   3.670   -15.112 1.000 19.138  0 102 LYS A CG  1 ? 
ATOM   534  C  CD  . LYS A 1 63  ? 6.231   2.407   -15.603 1.000 23.084  0 102 LYS A CD  1 ? 
ATOM   535  C  CE  . LYS A 1 63  ? 6.253   2.282   -17.107 1.000 27.514  0 102 LYS A CE  1 ? 
ATOM   536  N  NZ  . LYS A 1 63  ? 6.706   0.904   -17.405 1.000 23.940  0 102 LYS A NZ  1 ? 
ATOM   537  N  N   . THR A 1 64  ? 4.626   3.172   -10.464 1.000 15.931  0 103 THR A N   1 ? 
ATOM   538  C  CA  . THR A 1 64  ? 4.929   3.302   -9.054  1.000 17.230  0 103 THR A CA  1 ? 
ATOM   539  C  C   . THR A 1 64  ? 4.051   2.332   -8.307  1.000 14.241  0 103 THR A C   1 ? 
ATOM   540  O  O   . THR A 1 64  ? 3.124   2.705   -7.590  1.000 15.822  0 103 THR A O   1 ? 
ATOM   541  C  CB  . THR A 1 64  ? 4.732   4.730   -8.551  1.000 22.378  0 103 THR A CB  1 ? 
ATOM   542  O  OG1 . THR A 1 64  ? 3.365   5.066   -8.795  1.000 34.703  0 103 THR A OG1 1 ? 
ATOM   543  C  CG2 . THR A 1 64  ? 5.647   5.699   -9.249  1.000 20.355  0 103 THR A CG2 1 ? 
ATOM   544  N  N   . PRO A 1 65  ? 4.289   1.036   -8.385  1.000 13.244  0 104 PRO A N   1 ? 
ATOM   545  C  CA  . PRO A 1 65  ? 3.378   0.082   -7.781  1.000 14.188  0 104 PRO A CA  1 ? 
ATOM   546  C  C   . PRO A 1 65  ? 3.499   0.125   -6.274  1.000 13.064  0 104 PRO A C   1 ? 
ATOM   547  O  O   . PRO A 1 65  ? 4.565   0.393   -5.721  1.000 12.655  0 104 PRO A O   1 ? 
ATOM   548  C  CB  . PRO A 1 65  ? 3.834   -1.291  -8.268  1.000 15.845  0 104 PRO A CB  1 ? 
ATOM   549  C  CG  . PRO A 1 65  ? 5.092   -1.044  -9.090  1.000 15.876  0 104 PRO A CG  1 ? 
ATOM   550  C  CD  . PRO A 1 65  ? 5.433   0.410   -9.096  1.000 15.698  0 104 PRO A CD  1 ? 
ATOM   551  N  N   . MET A 1 66  ? 2.416   -0.230  -5.579  1.000 11.918  0 105 MET A N   1 ? 
ATOM   552  C  CA  . MET A 1 66  ? 2.475   -0.359  -4.129  1.000 10.732  0 105 MET A CA  1 ? 
ATOM   553  C  C   . MET A 1 66  ? 1.300   -1.217  -3.725  1.000 11.190  0 105 MET A C   1 ? 
ATOM   554  O  O   . MET A 1 66  ? 0.242   -1.195  -4.398  1.000 12.483  0 105 MET A O   1 ? 
ATOM   555  C  CB  . MET A 1 66  ? 2.376   1.016   -3.465  1.000 10.918  0 105 MET A CB  1 ? 
ATOM   556  C  CG  . MET A 1 66  ? 2.580   1.038   -1.966  1.000 12.325  0 105 MET A CG  1 ? 
ATOM   557  S  SD  . MET A 1 66  ? 4.051   0.117   -1.391  1.000 11.325  0 105 MET A SD  1 ? 
ATOM   558  C  CE  . MET A 1 66  ? 5.348   0.977   -2.269  1.000 14.019  0 105 MET A CE  1 ? 
ATOM   559  N  N   . ASP A 1 67  ? 1.458   -1.901  -2.645  1.000 10.860  0 106 ASP A N   1 ? 
ATOM   560  C  CA  . ASP A 1 67  ? 0.467   -2.831  -2.122  1.000 10.862  0 106 ASP A CA  1 ? 
ATOM   561  C  C   . ASP A 1 67  ? 0.596   -2.908  -0.617  1.000 10.675  0 106 ASP A C   1 ? 
ATOM   562  O  O   . ASP A 1 67  ? 1.643   -2.523  -0.084  1.000 10.465  0 106 ASP A O   1 ? 
ATOM   563  C  CB  . ASP A 1 67  ? 0.615   -4.217  -2.772  1.000 12.552  0 106 ASP A CB  1 ? 
ATOM   564  C  CG  . ASP A 1 67  ? 1.919   -4.862  -2.328  1.000 11.509  0 106 ASP A CG  1 ? 
ATOM   565  O  OD1 . ASP A 1 67  ? 2.975   -4.457  -2.912  1.000 12.483  0 106 ASP A OD1 1 ? 
ATOM   566  O  OD2 . ASP A 1 67  ? 1.885   -5.625  -1.391  1.000 12.074  0 106 ASP A OD2 1 ? 
ATOM   567  N  N   . MET A 1 68  ? -0.414  -3.455  0.063   1.000 11.452  0 107 MET A N   1 ? 
ATOM   568  C  CA  . MET A 1 68  ? -0.370  -3.525  1.502   1.000 11.381  0 107 MET A CA  1 ? 
ATOM   569  C  C   . MET A 1 68  ? 0.539   -4.605  2.021   1.000 11.873  0 107 MET A C   1 ? 
ATOM   570  O  O   . MET A 1 68  ? 0.973   -4.507  3.157   1.000 13.381  0 107 MET A O   1 ? 
ATOM   571  C  CB  . MET A 1 68  ? -1.738  -3.781  2.126   1.000 13.391  0 107 MET A CB  1 ? 
ATOM   572  C  CG  . MET A 1 68  ? -2.703  -2.646  1.916   1.000 15.053  0 107 MET A CG  1 ? 
ATOM   573  S  SD  . MET A 1 68  ? -4.071  -2.636  3.081   1.000 14.944  0 107 MET A SD  1 ? 
ATOM   574  C  CE  . MET A 1 68  ? -4.905  -4.164  2.621   1.000 14.839  0 107 MET A CE  1 ? 
ATOM   575  N  N   . GLY A 1 69  ? 0.879   -5.599  1.200   1.000 11.636  0 108 GLY A N   1 ? 
ATOM   576  C  CA  . GLY A 1 69  ? 1.882   -6.550  1.675   1.000 13.599  0 108 GLY A CA  1 ? 
ATOM   577  C  C   . GLY A 1 69  ? 3.242   -5.865  1.824   1.000 12.788  0 108 GLY A C   1 ? 
ATOM   578  O  O   . GLY A 1 69  ? 3.940   -6.068  2.831   1.000 13.116  0 108 GLY A O   1 ? 
ATOM   579  N  N   . THR A 1 70  ? 3.579   -5.044  0.837   1.000 11.446  0 109 THR A N   1 ? 
ATOM   580  C  CA  . THR A 1 70  ? 4.793   -4.246  0.919   1.000 11.163  0 109 THR A CA  1 ? 
ATOM   581  C  C   . THR A 1 70  ? 4.724   -3.295  2.098   1.000 11.085  0 109 THR A C   1 ? 
ATOM   582  O  O   . THR A 1 70  ? 5.688   -3.146  2.821   1.000 11.649  0 109 THR A O   1 ? 
ATOM   583  C  CB  . THR A 1 70  ? 4.987   -3.506  -0.390  1.000 11.491  0 109 THR A CB  1 ? 
ATOM   584  O  OG1 . THR A 1 70  ? 5.151   -4.492  -1.419  1.000 13.103  0 109 THR A OG1 1 ? 
ATOM   585  C  CG2 . THR A 1 70  ? 6.220   -2.613  -0.322  1.000 12.128  0 109 THR A CG2 1 ? 
ATOM   586  N  N   . ILE A 1 71  ? 3.610   -2.613  2.273   1.000 10.852  0 110 ILE A N   1 ? 
ATOM   587  C  CA  . ILE A 1 71  ? 3.498   -1.648  3.362   1.000 11.065  0 110 ILE A CA  1 ? 
ATOM   588  C  C   . ILE A 1 71  ? 3.622   -2.380  4.686   1.000 11.736  0 110 ILE A C   1 ? 
ATOM   589  O  O   . ILE A 1 71  ? 4.313   -1.898  5.597   1.000 12.226  0 110 ILE A O   1 ? 
ATOM   590  C  CB  . ILE A 1 71  ? 2.160   -0.892  3.277   1.000 11.275  0 110 ILE A CB  1 ? 
ATOM   591  C  CG1 . ILE A 1 71  ? 2.173   -0.005  2.050   1.000 10.348  0 110 ILE A CG1 1 ? 
ATOM   592  C  CG2 . ILE A 1 71  ? 1.946   -0.041  4.550   1.000 13.185  0 110 ILE A CG2 1 ? 
ATOM   593  C  CD1 . ILE A 1 71  ? 0.801   0.553   1.715   1.000 11.744  0 110 ILE A CD1 1 ? 
ATOM   594  N  N   . LYS A 1 72  ? 2.991   -3.563  4.815   1.000 13.071  0 111 LYS A N   1 ? 
ATOM   595  C  CA  . LYS A 1 72  ? 3.102   -4.315  6.051   1.000 14.829  0 111 LYS A CA  1 ? 
ATOM   596  C  C   . LYS A 1 72  ? 4.552   -4.651  6.350   1.000 15.228  0 111 LYS A C   1 ? 
ATOM   597  O  O   . LYS A 1 72  ? 4.975   -4.499  7.490   1.000 15.724  0 111 LYS A O   1 ? 
ATOM   598  C  CB  . LYS A 1 72  ? 2.227   -5.553  5.936   1.000 15.918  0 111 LYS A CB  1 ? 
ATOM   599  C  CG  . LYS A 1 72  ? 2.328   -6.512  7.106   1.000 20.228  0 111 LYS A CG  1 ? 
ATOM   600  C  CD  . LYS A 1 72  ? 1.267   -7.597  6.925   1.000 21.826  0 111 LYS A CD  1 ? 
ATOM   601  C  CE  . LYS A 1 72  ? 1.077   -8.402  8.194   1.000 31.363  0 111 LYS A CE  1 ? 
ATOM   602  N  NZ  . LYS A 1 72  ? 2.112   -9.448  8.210   1.000 31.691  0 111 LYS A NZ  1 ? 
ATOM   603  N  N   . LYS A 1 73  ? 5.287   -5.083  5.352   1.000 13.983  0 112 LYS A N   1 ? 
ATOM   604  C  CA  . LYS A 1 73  ? 6.696   -5.400  5.569   1.000 16.445  0 112 LYS A CA  1 ? 
ATOM   605  C  C   . LYS A 1 73  ? 7.489   -4.146  5.928   1.000 12.767  0 112 LYS A C   1 ? 
ATOM   606  O  O   . LYS A 1 73  ? 8.349   -4.167  6.810   1.000 15.028  0 112 LYS A O   1 ? 
ATOM   607  C  CB  . LYS A 1 73  ? 7.287   -5.980  4.275   1.000 16.580  0 112 LYS A CB  1 ? 
ATOM   608  C  CG  . LYS A 1 73  ? 6.947   -7.437  3.973   1.000 21.293  0 112 LYS A CG  1 ? 
ATOM   609  C  CD  . LYS A 1 73  ? 7.609   -7.856  2.634   1.000 23.658  0 112 LYS A CD  1 ? 
ATOM   610  C  CE  . LYS A 1 73  ? 7.077   -9.133  2.015   1.000 30.048  0 112 LYS A CE  1 ? 
ATOM   611  N  NZ  . LYS A 1 73  ? 5.735   -8.943  1.413   1.000 43.048  0 112 LYS A NZ  1 ? 
ATOM   612  N  N   . ARG A 1 74  ? 7.233   -3.041  5.251   1.000 13.202  0 113 ARG A N   1 ? 
ATOM   613  C  CA  . ARG A 1 74  ? 7.890   -1.785  5.573   1.000 12.229  0 113 ARG A CA  1 ? 
ATOM   614  C  C   . ARG A 1 74  ? 7.586   -1.372  7.003   1.000 12.212  0 113 ARG A C   1 ? 
ATOM   615  O  O   . ARG A 1 74  ? 8.477   -0.839  7.666   1.000 13.567  0 113 ARG A O   1 ? 
ATOM   616  C  CB  . ARG A 1 74  ? 7.478   -0.691  4.601   1.000 10.900  0 113 ARG A CB  1 ? 
ATOM   617  C  CG  . ARG A 1 74  ? 8.100   -0.878  3.232   1.000 11.481  0 113 ARG A CG  1 ? 
ATOM   618  C  CD  . ARG A 1 74  ? 7.702   0.221   2.290   1.000 10.797  0 113 ARG A CD  1 ? 
ATOM   619  N  NE  . ARG A 1 74  ? 8.483   0.120   1.059   1.000 10.832  0 113 ARG A NE  1 ? 
ATOM   620  C  CZ  . ARG A 1 74  ? 8.561   1.058   0.141   1.000 10.996  0 113 ARG A CZ  1 ? 
ATOM   621  N  NH1 . ARG A 1 74  ? 7.825   2.166   0.186   1.000 13.671  0 113 ARG A NH1 1 ? 
ATOM   622  N  NH2 . ARG A 1 74  ? 9.407   0.925   -0.876  1.000 13.310  0 113 ARG A NH2 1 ? 
ATOM   623  N  N   . LEU A 1 75  ? 6.369   -1.562  7.488   1.000 11.988  0 114 LEU A N   1 ? 
ATOM   624  C  CA  . LEU A 1 75  ? 6.038   -1.170  8.852   1.000 13.017  0 114 LEU A CA  1 ? 
ATOM   625  C  C   . LEU A 1 75  ? 6.670   -2.148  9.836   1.000 13.296  0 114 LEU A C   1 ? 
ATOM   626  O  O   . LEU A 1 75  ? 7.241   -1.698  10.855  1.000 16.020  0 114 LEU A O   1 ? 
ATOM   627  C  CB  . LEU A 1 75  ? 4.527   -1.112  9.049   1.000 12.487  0 114 LEU A CB  1 ? 
ATOM   628  C  CG  . LEU A 1 75  ? 3.905   0.121   8.409   1.000 12.249  0 114 LEU A CG  1 ? 
ATOM   629  C  CD1 . LEU A 1 75  ? 2.389   -0.071  8.335   1.000 12.522  0 114 LEU A CD1 1 ? 
ATOM   630  C  CD2 . LEU A 1 75  ? 4.221   1.415   9.164   1.000 12.157  0 114 LEU A CD2 1 ? 
ATOM   631  N  N   . GLU A 1 76  ? 6.586   -3.459  9.579   1.000 15.414  0 115 GLU A N   1 ? 
ATOM   632  C  CA  . GLU A 1 76  ? 7.032   -4.483  10.528  1.000 16.666  0 115 GLU A CA  1 ? 
ATOM   633  C  C   . GLU A 1 76  ? 8.544   -4.516  10.587  1.000 19.090  0 115 GLU A C   1 ? 
ATOM   634  O  O   . GLU A 1 76  ? 9.076   -4.805  11.658  1.000 22.461  0 115 GLU A O   1 ? 
ATOM   635  C  CB  . GLU A 1 76  ? 6.488   -5.844  10.142  1.000 18.852  0 115 GLU A CB  1 ? 
ATOM   636  C  CG  . GLU A 1 76  ? 4.995   -5.914  10.387  1.000 20.884  0 115 GLU A CG  1 ? 
ATOM   637  C  CD  . GLU A 1 76  ? 4.376   -7.236  10.008  1.000 24.403  0 115 GLU A CD  1 ? 
ATOM   638  O  OE1 . GLU A 1 76  ? 5.035   -8.036  9.380   1.000 28.417  0 115 GLU A OE1 1 ? 
ATOM   639  O  OE2 . GLU A 1 76  ? 3.227   -7.405  10.313  1.000 29.547  0 115 GLU A OE2 1 ? 
ATOM   640  N  N   . ASN A 1 77  ? 9.229   -4.200  9.478   1.000 19.478  0 116 ASN A N   1 ? 
ATOM   641  C  CA  . ASN A 1 77  ? 10.678  -4.246  9.501   1.000 21.707  0 116 ASN A CA  1 ? 
ATOM   642  C  C   . ASN A 1 77  ? 11.239  -2.838  9.454   1.000 19.497  0 116 ASN A C   1 ? 
ATOM   643  O  O   . ASN A 1 77  ? 12.343  -2.657  8.937   1.000 29.925  0 116 ASN A O   1 ? 
ATOM   644  C  CB  . ASN A 1 77  ? 11.242  -5.135  8.385   1.000 28.769  0 116 ASN A CB  1 ? 
ATOM   645  C  CG  . ASN A 1 77  ? 10.613  -6.512  8.398   1.000 39.727  0 116 ASN A CG  1 ? 
ATOM   646  O  OD1 . ASN A 1 77  ? 11.013  -7.368  9.189   1.000 52.454  0 116 ASN A OD1 1 ? 
ATOM   647  N  ND2 . ASN A 1 77  ? 9.602   -6.730  7.569   1.000 44.044  0 116 ASN A ND2 1 ? 
ATOM   648  N  N   A ASN A 1 78  ? 10.691  -1.946  10.263  0.500 17.786  0 117 ASN A N   1 ? 
ATOM   649  N  N   B ASN A 1 78  ? 10.503  -1.867  10.004  0.500 19.721  0 117 ASN A N   1 ? 
ATOM   650  C  CA  A ASN A 1 78  ? 10.621  -0.515  10.055  0.500 16.278  0 117 ASN A CA  1 ? 
ATOM   651  C  CA  B ASN A 1 78  ? 10.967  -0.508  10.206  0.500 17.799  0 117 ASN A CA  1 ? 
ATOM   652  C  C   A ASN A 1 78  ? 11.608  0.080   9.071   0.500 17.119  0 117 ASN A C   1 ? 
ATOM   653  C  C   B ASN A 1 78  ? 11.742  -0.024  8.977   0.500 16.697  0 117 ASN A C   1 ? 
ATOM   654  O  O   A ASN A 1 78  ? 12.737  0.485   9.370   0.500 18.764  0 117 ASN A O   1 ? 
ATOM   655  O  O   B ASN A 1 78  ? 12.961  0.121   8.971   0.500 14.072  0 117 ASN A O   1 ? 
ATOM   656  C  CB  A ASN A 1 78  ? 10.639  0.331   11.298  0.500 16.003  0 117 ASN A CB  1 ? 
ATOM   657  C  CB  B ASN A 1 78  ? 11.711  -0.441  11.544  0.500 21.347  0 117 ASN A CB  1 ? 
ATOM   658  C  CG  A ASN A 1 78  ? 10.386  1.776   10.927  0.500 15.205  0 117 ASN A CG  1 ? 
ATOM   659  C  CG  B ASN A 1 78  ? 10.889  -1.045  12.666  0.500 23.427  0 117 ASN A CG  1 ? 
ATOM   660  O  OD1 A ASN A 1 78  ? 9.495   2.113   10.137  0.500 15.043  0 117 ASN A OD1 1 ? 
ATOM   661  O  OD1 B ASN A 1 78  ? 10.042  -0.370  13.243  0.500 25.686  0 117 ASN A OD1 1 ? 
ATOM   662  N  ND2 A ASN A 1 78  ? 11.149  2.680   11.498  0.500 15.586  0 117 ASN A ND2 1 ? 
ATOM   663  N  ND2 B ASN A 1 78  ? 11.112  -2.321  12.972  0.500 20.836  0 117 ASN A ND2 1 ? 
ATOM   664  N  N   . TYR A 1 79  ? 11.013  0.338   7.932   1.000 14.382  0 118 TYR A N   1 ? 
ATOM   665  C  CA  . TYR A 1 79  ? 11.639  0.911   6.767   1.000 13.102  0 118 TYR A CA  1 ? 
ATOM   666  C  C   . TYR A 1 79  ? 11.598  2.425   6.775   1.000 11.786  0 118 TYR A C   1 ? 
ATOM   667  O  O   . TYR A 1 79  ? 12.320  3.057   6.026   1.000 12.131  0 118 TYR A O   1 ? 
ATOM   668  C  CB  . TYR A 1 79  ? 10.966  0.285   5.555   1.000 13.549  0 118 TYR A CB  1 ? 
ATOM   669  C  CG  . TYR A 1 79  ? 11.457  0.777   4.238   1.000 12.522  0 118 TYR A CG  1 ? 
ATOM   670  C  CD1 . TYR A 1 79  ? 12.621  0.281   3.678   1.000 12.867  0 118 TYR A CD1 1 ? 
ATOM   671  C  CD2 . TYR A 1 79  ? 10.749  1.725   3.496   1.000 12.869  0 118 TYR A CD2 1 ? 
ATOM   672  C  CE1 . TYR A 1 79  ? 13.083  0.720   2.456   1.000 13.725  0 118 TYR A CE1 1 ? 
ATOM   673  C  CE2 . TYR A 1 79  ? 11.175  2.182   2.286   1.000 13.904  0 118 TYR A CE2 1 ? 
ATOM   674  C  CZ  . TYR A 1 79  ? 12.318  1.631   1.723   1.000 13.935  0 118 TYR A CZ  1 ? 
ATOM   675  O  OH  . TYR A 1 79  ? 12.757  2.084   0.528   1.000 16.938  0 118 TYR A OH  1 ? 
ATOM   676  N  N   . TYR A 1 80  ? 10.580  2.967   7.448   1.000 12.551  0 119 TYR A N   1 ? 
ATOM   677  C  CA  . TYR A 1 80  ? 10.244  4.360   7.267   1.000 13.086  0 119 TYR A CA  1 ? 
ATOM   678  C  C   . TYR A 1 80  ? 10.957  5.256   8.256   1.000 13.347  0 119 TYR A C   1 ? 
ATOM   679  O  O   . TYR A 1 80  ? 11.376  4.788   9.334   1.000 15.688  0 119 TYR A O   1 ? 
ATOM   680  C  CB  . TYR A 1 80  ? 8.748   4.521   7.505   1.000 12.746  0 119 TYR A CB  1 ? 
ATOM   681  C  CG  . TYR A 1 80  ? 7.869   3.805   6.520   1.000 11.747  0 119 TYR A CG  1 ? 
ATOM   682  C  CD1 . TYR A 1 80  ? 7.861   4.160   5.185   1.000 11.939  0 119 TYR A CD1 1 ? 
ATOM   683  C  CD2 . TYR A 1 80  ? 7.062   2.765   6.953   1.000 11.952  0 119 TYR A CD2 1 ? 
ATOM   684  C  CE1 . TYR A 1 80  ? 6.991   3.560   4.285   1.000 11.356  0 119 TYR A CE1 1 ? 
ATOM   685  C  CE2 . TYR A 1 80  ? 6.170   2.179   6.076   1.000 12.051  0 119 TYR A CE2 1 ? 
ATOM   686  C  CZ  . TYR A 1 80  ? 6.135   2.575   4.765   1.000 11.453  0 119 TYR A CZ  1 ? 
ATOM   687  O  OH  . TYR A 1 80  ? 5.236   1.979   3.930   1.000 12.741  0 119 TYR A OH  1 ? 
ATOM   688  N  N   . TRP A 1 81  ? 11.084  6.511   7.848   1.000 13.292  0 120 TRP A N   1 ? 
ATOM   689  C  CA  . TRP A 1 81  ? 11.509  7.572   8.757   1.000 13.429  0 120 TRP A CA  1 ? 
ATOM   690  C  C   . TRP A 1 81  ? 10.302  8.293   9.346   1.000 13.629  0 120 TRP A C   1 ? 
ATOM   691  O  O   . TRP A 1 81  ? 10.342  8.735   10.497  1.000 13.882  0 120 TRP A O   1 ? 
ATOM   692  C  CB  . TRP A 1 81  ? 12.386  8.594   8.035   1.000 13.731  0 120 TRP A CB  1 ? 
ATOM   693  C  CG  . TRP A 1 81  ? 12.999  9.640   8.944   1.000 14.788  0 120 TRP A CG  1 ? 
ATOM   694  C  CD1 . TRP A 1 81  ? 12.533  10.922  9.124   1.000 16.288  0 120 TRP A CD1 1 ? 
ATOM   695  C  CD2 . TRP A 1 81  ? 14.109  9.471   9.827   1.000 13.709  0 120 TRP A CD2 1 ? 
ATOM   696  N  NE1 . TRP A 1 81  ? 13.323  11.543  10.056  1.000 15.776  0 120 TRP A NE1 1 ? 
ATOM   697  C  CE2 . TRP A 1 81  ? 14.291  10.701  10.509  1.000 14.498  0 120 TRP A CE2 1 ? 
ATOM   698  C  CE3 . TRP A 1 81  ? 14.995  8.429   10.115  1.000 13.701  0 120 TRP A CE3 1 ? 
ATOM   699  C  CZ2 . TRP A 1 81  ? 15.296  10.900  11.448  1.000 14.851  0 120 TRP A CZ2 1 ? 
ATOM   700  C  CZ3 . TRP A 1 81  ? 15.993  8.633   11.048  1.000 13.985  0 120 TRP A CZ3 1 ? 
ATOM   701  C  CH2 . TRP A 1 81  ? 16.132  9.864   11.723  1.000 15.108  0 120 TRP A CH2 1 ? 
ATOM   702  N  N   . ASN A 1 82  ? 9.229   8.446   8.572   1.000 13.477  0 121 ASN A N   1 ? 
ATOM   703  C  CA  . ASN A 1 82  ? 8.094   9.182   9.120   1.000 13.140  0 121 ASN A CA  1 ? 
ATOM   704  C  C   . ASN A 1 82  ? 6.794   8.634   8.555   1.000 13.113  0 121 ASN A C   1 ? 
ATOM   705  O  O   . ASN A 1 82  ? 6.753   7.784   7.641   1.000 13.562  0 121 ASN A O   1 ? 
ATOM   706  C  CB  . ASN A 1 82  ? 8.198   10.695  8.853   1.000 13.533  0 121 ASN A CB  1 ? 
ATOM   707  C  CG  . ASN A 1 82  ? 8.228   11.033  7.395   1.000 12.853  0 121 ASN A CG  1 ? 
ATOM   708  O  OD1 . ASN A 1 82  ? 7.525   10.405  6.597   1.000 14.534  0 121 ASN A OD1 1 ? 
ATOM   709  N  ND2 . ASN A 1 82  ? 8.984   12.028  6.976   1.000 14.898  0 121 ASN A ND2 1 ? 
ATOM   710  N  N   . ALA A 1 83  ? 5.702   9.066   9.156   1.000 13.309  0 122 ALA A N   1 ? 
ATOM   711  C  CA  . ALA A 1 83  ? 4.392   8.557   8.791   1.000 13.925  0 122 ALA A CA  1 ? 
ATOM   712  C  C   . ALA A 1 83  ? 4.047   9.032   7.410   1.000 12.051  0 122 ALA A C   1 ? 
ATOM   713  O  O   . ALA A 1 83  ? 3.296   8.326   6.711   1.000 12.863  0 122 ALA A O   1 ? 
ATOM   714  C  CB  . ALA A 1 83  ? 3.366   9.063   9.785   1.000 17.091  0 122 ALA A CB  1 ? 
ATOM   715  N  N   . GLN A 1 84  ? 4.467   10.190  6.942   1.000 12.635  0 123 GLN A N   1 ? 
ATOM   716  C  CA  . GLN A 1 84  ? 4.135   10.677  5.625   1.000 13.817  0 123 GLN A CA  1 ? 
ATOM   717  C  C   . GLN A 1 84  ? 4.574   9.673   4.568   1.000 11.233  0 123 GLN A C   1 ? 
ATOM   718  O  O   . GLN A 1 84  ? 3.879   9.517   3.570   1.000 12.455  0 123 GLN A O   1 ? 
ATOM   719  C  CB  . GLN A 1 84  ? 4.734   12.048  5.308   1.000 15.403  0 123 GLN A CB  1 ? 
ATOM   720  C  CG  . GLN A 1 84  ? 4.204   12.654  3.989   1.000 21.727  0 123 GLN A CG  1 ? 
ATOM   721  C  CD  . GLN A 1 84  ? 2.712   12.420  3.758   0.500 21.813  0 123 GLN A CD  1 ? 
ATOM   722  O  OE1 . GLN A 1 84  ? 2.276   11.710  2.826   0.500 23.793  0 123 GLN A OE1 1 ? 
ATOM   723  N  NE2 . GLN A 1 84  ? 1.900   12.917  4.677   0.500 25.360  0 123 GLN A NE2 1 ? 
ATOM   724  N  N   . GLU A 1 85  ? 5.746   9.062   4.733   1.000 11.286  0 124 GLU A N   1 ? 
ATOM   725  C  CA  . GLU A 1 85  ? 6.229   8.116   3.731   1.000 11.674  0 124 GLU A CA  1 ? 
ATOM   726  C  C   . GLU A 1 85  ? 5.224   6.959   3.624   1.000 11.046  0 124 GLU A C   1 ? 
ATOM   727  O  O   . GLU A 1 85  ? 4.966   6.443   2.522   1.000 11.330  0 124 GLU A O   1 ? 
ATOM   728  C  CB  . GLU A 1 85  ? 7.590   7.513   4.140   1.000 11.488  0 124 GLU A CB  1 ? 
ATOM   729  C  CG  . GLU A 1 85  ? 8.795   8.475   4.029   1.000 12.695  0 124 GLU A CG  1 ? 
ATOM   730  C  CD  . GLU A 1 85  ? 9.998   7.683   4.579   1.000 14.323  0 124 GLU A CD  1 ? 
ATOM   731  O  OE1 . GLU A 1 85  ? 10.705  7.023   3.812   1.000 19.859  0 124 GLU A OE1 1 ? 
ATOM   732  O  OE2 . GLU A 1 85  ? 10.068  7.533   5.740   1.000 19.705  0 124 GLU A OE2 1 ? 
ATOM   733  N  N   . CYS A 1 86  ? 4.719   6.489   4.726   1.000 10.243  0 125 CYS A N   1 ? 
ATOM   734  C  CA  . CYS A 1 86  ? 3.829   5.331   4.739   1.000 11.207  0 125 CYS A CA  1 ? 
ATOM   735  C  C   . CYS A 1 86  ? 2.457   5.731   4.206   1.000 10.967  0 125 CYS A C   1 ? 
ATOM   736  O  O   . CYS A 1 86  ? 1.867   5.019   3.417   1.000 10.705  0 125 CYS A O   1 ? 
ATOM   737  C  CB  . CYS A 1 86  ? 3.738   4.821   6.168   1.000 12.525  0 125 CYS A CB  1 ? 
ATOM   738  S  SG  . CYS A 1 86  ? 2.574   3.467   6.327   1.000 13.747  0 125 CYS A SG  1 ? 
ATOM   739  N  N   . ILE A 1 87  ? 1.939   6.893   4.628   1.000 11.040  0 126 ILE A N   1 ? 
ATOM   740  C  CA  . ILE A 1 87  ? 0.696   7.398   4.073   1.000 11.171  0 126 ILE A CA  1 ? 
ATOM   741  C  C   . ILE A 1 87  ? 0.805   7.549   2.581   1.000 11.053  0 126 ILE A C   1 ? 
ATOM   742  O  O   . ILE A 1 87  ? -0.141  7.182   1.863   1.000 12.000  0 126 ILE A O   1 ? 
ATOM   743  C  CB  . ILE A 1 87  ? 0.362   8.740   4.754   1.000 11.958  0 126 ILE A CB  1 ? 
ATOM   744  C  CG1 . ILE A 1 87  ? -0.032  8.460   6.197   1.000 13.678  0 126 ILE A CG1 1 ? 
ATOM   745  C  CG2 . ILE A 1 87  ? -0.765  9.485   4.032   1.000 13.151  0 126 ILE A CG2 1 ? 
ATOM   746  C  CD1 . ILE A 1 87  ? -0.074  9.695   7.118   1.000 14.228  0 126 ILE A CD1 1 ? 
ATOM   747  N  N   . GLN A 1 88  ? 1.921   8.008   2.081   1.000 11.303  0 127 GLN A N   1 ? 
ATOM   748  C  CA  . GLN A 1 88  ? 2.090   8.134   0.659   1.000 12.178  0 127 GLN A CA  1 ? 
ATOM   749  C  C   . GLN A 1 88  ? 2.031   6.756   0.005   1.000 10.445  0 127 GLN A C   1 ? 
ATOM   750  O  O   . GLN A 1 88  ? 1.472   6.642   -1.076  1.000 11.409  0 127 GLN A O   1 ? 
ATOM   751  C  CB  . GLN A 1 88  ? 3.443   8.782   0.348   1.000 13.976  0 127 GLN A CB  1 ? 
ATOM   752  C  CG  . GLN A 1 88  ? 3.733   8.813   -1.151  1.000 21.441  0 127 GLN A CG  1 ? 
ATOM   753  C  CD  . GLN A 1 88  ? 2.651   9.573   -1.875  1.000 28.510  0 127 GLN A CD  1 ? 
ATOM   754  O  OE1 . GLN A 1 88  ? 1.820   9.026   -2.625  1.000 32.067  0 127 GLN A OE1 1 ? 
ATOM   755  N  NE2 . GLN A 1 88  ? 2.610   10.865  -1.604  1.000 28.534  0 127 GLN A NE2 1 ? 
ATOM   756  N  N   . ASP A 1 89  ? 2.563   5.705   0.632   1.000 10.546  0 128 ASP A N   1 ? 
ATOM   757  C  CA  . ASP A 1 89  ? 2.451   4.372   0.045   1.000 10.235  0 128 ASP A CA  1 ? 
ATOM   758  C  C   . ASP A 1 89  ? 0.993   3.959   -0.064  1.000 10.192  0 128 ASP A C   1 ? 
ATOM   759  O  O   . ASP A 1 89  ? 0.598   3.399   -1.072  1.000 10.378  0 128 ASP A O   1 ? 
ATOM   760  C  CB  . ASP A 1 89  ? 3.255   3.360   0.856   1.000 10.377  0 128 ASP A CB  1 ? 
ATOM   761  C  CG  . ASP A 1 89  ? 4.786   3.482   0.671   1.000 10.912  0 128 ASP A CG  1 ? 
ATOM   762  O  OD1 . ASP A 1 89  ? 5.210   4.107   -0.314  1.000 12.851  0 128 ASP A OD1 1 ? 
ATOM   763  O  OD2 . ASP A 1 89  ? 5.478   2.902   1.530   1.000 12.362  0 128 ASP A OD2 1 ? 
ATOM   764  N  N   . PHE A 1 90  ? 0.215   4.152   0.996   1.000 10.032  0 129 PHE A N   1 ? 
ATOM   765  C  CA  . PHE A 1 90  ? -1.207  3.835   0.871   1.000 10.409  0 129 PHE A CA  1 ? 
ATOM   766  C  C   . PHE A 1 90  ? -1.845  4.623   -0.255  1.000 10.671  0 129 PHE A C   1 ? 
ATOM   767  O  O   . PHE A 1 90  ? -2.603  4.063   -1.050  1.000 10.975  0 129 PHE A O   1 ? 
ATOM   768  C  CB  . PHE A 1 90  ? -1.931  4.106   2.180   1.000 11.357  0 129 PHE A CB  1 ? 
ATOM   769  C  CG  . PHE A 1 90  ? -1.809  3.050   3.202   1.000 11.108  0 129 PHE A CG  1 ? 
ATOM   770  C  CD1 . PHE A 1 90  ? -2.624  1.926   3.153   1.000 12.368  0 129 PHE A CD1 1 ? 
ATOM   771  C  CD2 . PHE A 1 90  ? -0.906  3.191   4.248   1.000 12.686  0 129 PHE A CD2 1 ? 
ATOM   772  C  CE1 . PHE A 1 90  ? -2.522  0.971   4.145   1.000 12.821  0 129 PHE A CE1 1 ? 
ATOM   773  C  CE2 . PHE A 1 90  ? -0.850  2.237   5.244   1.000 12.729  0 129 PHE A CE2 1 ? 
ATOM   774  C  CZ  . PHE A 1 90  ? -1.653  1.125   5.202   1.000 14.504  0 129 PHE A CZ  1 ? 
ATOM   775  N  N   . ASN A 1 91  ? -1.593  5.917   -0.336  1.000 11.214  0 130 ASN A N   1 ? 
ATOM   776  C  CA  . ASN A 1 91  ? -2.202  6.737   -1.358  1.000 12.554  0 130 ASN A CA  1 ? 
ATOM   777  C  C   . ASN A 1 91  ? -1.766  6.269   -2.734  1.000 11.858  0 130 ASN A C   1 ? 
ATOM   778  O  O   . ASN A 1 91  ? -2.569  6.266   -3.667  1.000 12.740  0 130 ASN A O   1 ? 
ATOM   779  C  CB  . ASN A 1 91  ? -1.914  8.211   -1.129  1.000 14.052  0 130 ASN A CB  1 ? 
ATOM   780  C  CG  . ASN A 1 91  ? -2.818  8.692   0.000   1.000 19.701  0 130 ASN A CG  1 ? 
ATOM   781  O  OD1 . ASN A 1 91  ? -3.956  8.228   0.134   1.000 24.576  0 130 ASN A OD1 1 ? 
ATOM   782  N  ND2 . ASN A 1 91  ? -2.318  9.535   0.855   1.000 22.835  0 130 ASN A ND2 1 ? 
ATOM   783  N  N   . THR A 1 92  ? -0.516  5.873   -2.890  1.000 11.214  0 131 THR A N   1 ? 
ATOM   784  C  CA  . THR A 1 92  ? -0.041  5.352   -4.168  1.000 11.812  0 131 THR A CA  1 ? 
ATOM   785  C  C   . THR A 1 92  ? -0.832  4.096   -4.532  1.000 10.536  0 131 THR A C   1 ? 
ATOM   786  O  O   . THR A 1 92  ? -1.256  3.954   -5.687  1.000 11.335  0 131 THR A O   1 ? 
ATOM   787  C  CB  . THR A 1 92  ? 1.446   5.027   -4.077  1.000 11.407  0 131 THR A CB  1 ? 
ATOM   788  O  OG1 . THR A 1 92  ? 2.112   6.277   -3.913  1.000 14.807  0 131 THR A OG1 1 ? 
ATOM   789  C  CG2 . THR A 1 92  ? 1.973   4.337   -5.321  1.000 13.023  0 131 THR A CG2 1 ? 
ATOM   790  N  N   . MET A 1 93  ? -0.994  3.183   -3.584  1.000 9.974   0 132 MET A N   1 ? 
ATOM   791  C  CA  . MET A 1 93  ? -1.749  1.962   -3.838  1.000 10.364  0 132 MET A CA  1 ? 
ATOM   792  C  C   . MET A 1 93  ? -3.156  2.276   -4.322  1.000 10.838  0 132 MET A C   1 ? 
ATOM   793  O  O   . MET A 1 93  ? -3.633  1.732   -5.321  1.000 10.984  0 132 MET A O   1 ? 
ATOM   794  C  CB  . MET A 1 93  ? -1.822  1.168   -2.566  1.000 10.006  0 132 MET A CB  1 ? 
ATOM   795  C  CG  . MET A 1 93  ? -2.635  -0.118  -2.696  1.000 12.039  0 132 MET A CG  1 ? 
ATOM   796  S  SD  . MET A 1 93  ? -2.739  -0.984  -1.155  1.000 12.142  0 132 MET A SD  1 ? 
ATOM   797  C  CE  . MET A 1 93  ? -4.028  -0.017  -0.359  1.000 16.169  0 132 MET A CE  1 ? 
ATOM   798  N  N   . PHE A 1 94  ? -3.838  3.208   -3.655  1.000 10.060  0 133 PHE A N   1 ? 
ATOM   799  C  CA  . PHE A 1 94  ? -5.204  3.514   -4.088  1.000 11.416  0 133 PHE A CA  1 ? 
ATOM   800  C  C   . PHE A 1 94  ? -5.187  4.144   -5.462  1.000 11.443  0 133 PHE A C   1 ? 
ATOM   801  O  O   . PHE A 1 94  ? -5.989  3.775   -6.334  1.000 11.931  0 133 PHE A O   1 ? 
ATOM   802  C  CB  . PHE A 1 94  ? -5.870  4.486   -3.105  1.000 12.081  0 133 PHE A CB  1 ? 
ATOM   803  C  CG  . PHE A 1 94  ? -6.075  3.894   -1.738  1.000 11.797  0 133 PHE A CG  1 ? 
ATOM   804  C  CD1 . PHE A 1 94  ? -6.642  2.644   -1.575  1.000 14.202  0 133 PHE A CD1 1 ? 
ATOM   805  C  CD2 . PHE A 1 94  ? -5.702  4.550   -0.576  1.000 12.684  0 133 PHE A CD2 1 ? 
ATOM   806  C  CE1 . PHE A 1 94  ? -6.848  2.078   -0.325  1.000 17.200  0 133 PHE A CE1 1 ? 
ATOM   807  C  CE2 . PHE A 1 94  ? -5.874  3.955   0.669   1.000 14.278  0 133 PHE A CE2 1 ? 
ATOM   808  C  CZ  . PHE A 1 94  ? -6.464  2.742   0.797   1.000 16.427  0 133 PHE A CZ  1 ? 
ATOM   809  N  N   . THR A 1 95  ? -4.307  5.113   -5.689  1.000 12.095  0 134 THR A N   1 ? 
ATOM   810  C  CA  A THR A 1 95  ? -4.295  5.814   -6.959  0.500 13.618  0 134 THR A CA  1 ? 
ATOM   811  C  CA  B THR A 1 95  ? -4.187  5.830   -6.954  0.500 12.189  0 134 THR A CA  1 ? 
ATOM   812  C  C   . THR A 1 95  ? -3.926  4.854   -8.085  1.000 12.979  0 134 THR A C   1 ? 
ATOM   813  O  O   . THR A 1 95  ? -4.481  4.972   -9.174  1.000 13.648  0 134 THR A O   1 ? 
ATOM   814  C  CB  A THR A 1 95  ? -3.549  7.144   -6.839  0.500 14.659  0 134 THR A CB  1 ? 
ATOM   815  C  CB  B THR A 1 95  ? -3.046  6.858   -6.953  0.500 11.307  0 134 THR A CB  1 ? 
ATOM   816  O  OG1 A THR A 1 95  ? -2.336  6.685   -6.271  0.500 19.690  0 134 THR A OG1 1 ? 
ATOM   817  O  OG1 B THR A 1 95  ? -3.412  7.802   -5.950  0.500 12.788  0 134 THR A OG1 1 ? 
ATOM   818  C  CG2 A THR A 1 95  ? -4.195  8.043   -5.812  0.500 15.564  0 134 THR A CG2 1 ? 
ATOM   819  C  CG2 B THR A 1 95  ? -2.933  7.623   -8.252  0.500 12.648  0 134 THR A CG2 1 ? 
ATOM   820  N  N   . ASN A 1 96  ? -3.052  3.889   -7.860  1.000 12.323  0 135 ASN A N   1 ? 
ATOM   821  C  CA  . ASN A 1 96  ? -2.772  2.949   -8.919  1.000 11.950  0 135 ASN A CA  1 ? 
ATOM   822  C  C   . ASN A 1 96  ? -4.053  2.250   -9.370  1.000 11.515  0 135 ASN A C   1 ? 
ATOM   823  O  O   . ASN A 1 96  ? -4.256  2.023   -10.555 1.000 11.853  0 135 ASN A O   1 ? 
ATOM   824  C  CB  . ASN A 1 96  ? -1.822  1.873   -8.437  1.000 13.234  0 135 ASN A CB  1 ? 
ATOM   825  C  CG  . ASN A 1 96  ? -0.407  2.351   -8.178  1.000 14.301  0 135 ASN A CG  1 ? 
ATOM   826  O  OD1 . ASN A 1 96  ? -0.039  3.430   -8.650  1.000 16.041  0 135 ASN A OD1 1 ? 
ATOM   827  N  ND2 . ASN A 1 96  ? 0.263   1.437   -7.506  1.000 17.447  0 135 ASN A ND2 1 ? 
ATOM   828  N  N   . CYS A 1 97  ? -4.859  1.882   -8.397  1.000 10.617  0 136 CYS A N   1 ? 
ATOM   829  C  CA  . CYS A 1 97  ? -6.080  1.164   -8.721  1.000 10.912  0 136 CYS A CA  1 ? 
ATOM   830  C  C   . CYS A 1 97  ? -7.022  2.054   -9.526  1.000 11.453  0 136 CYS A C   1 ? 
ATOM   831  O  O   . CYS A 1 97  ? -7.600  1.630   -10.509 1.000 12.078  0 136 CYS A O   1 ? 
ATOM   832  C  CB  . CYS A 1 97  ? -6.720  0.752   -7.425  1.000 11.571  0 136 CYS A CB  1 ? 
ATOM   833  S  SG  . CYS A 1 97  ? -8.193  -0.245  -7.644  1.000 14.915  0 136 CYS A SG  1 ? 
ATOM   834  N  N   . TYR A 1 98  ? -7.114  3.313   -9.124  1.000 11.235  0 137 TYR A N   1 ? 
ATOM   835  C  CA  . TYR A 1 98  ? -8.020  4.234   -9.783  1.000 13.018  0 137 TYR A CA  1 ? 
ATOM   836  C  C   . TYR A 1 98  ? -7.508  4.607   -11.159 1.000 13.931  0 137 TYR A C   1 ? 
ATOM   837  O  O   . TYR A 1 98  ? -8.316  4.904   -12.051 1.000 16.139  0 137 TYR A O   1 ? 
ATOM   838  C  CB  . TYR A 1 98  ? -8.208  5.503   -8.960  1.000 13.093  0 137 TYR A CB  1 ? 
ATOM   839  C  CG  . TYR A 1 98  ? -8.698  5.207   -7.575  1.000 12.363  0 137 TYR A CG  1 ? 
ATOM   840  C  CD1 . TYR A 1 98  ? -9.505  4.124   -7.270  1.000 12.842  0 137 TYR A CD1 1 ? 
ATOM   841  C  CD2 . TYR A 1 98  ? -8.328  6.028   -6.534  1.000 12.982  0 137 TYR A CD2 1 ? 
ATOM   842  C  CE1 . TYR A 1 98  ? -9.948  3.882   -5.988  1.000 13.743  0 137 TYR A CE1 1 ? 
ATOM   843  C  CE2 . TYR A 1 98  ? -8.750  5.813   -5.256  1.000 13.759  0 137 TYR A CE2 1 ? 
ATOM   844  C  CZ  . TYR A 1 98  ? -9.555  4.723   -4.966  1.000 13.226  0 137 TYR A CZ  1 ? 
ATOM   845  O  OH  . TYR A 1 98  ? -9.974  4.475   -3.679  1.000 15.691  0 137 TYR A OH  1 ? 
ATOM   846  N  N   . ILE A 1 99  ? -6.199  4.622   -11.379 1.000 13.101  0 138 ILE A N   1 ? 
ATOM   847  C  CA  . ILE A 1 99  ? -5.665  4.958   -12.692 1.000 14.106  0 138 ILE A CA  1 ? 
ATOM   848  C  C   . ILE A 1 99  ? -5.853  3.773   -13.627 1.000 13.757  0 138 ILE A C   1 ? 
ATOM   849  O  O   . ILE A 1 99  ? -6.200  3.992   -14.786 1.000 16.595  0 138 ILE A O   1 ? 
ATOM   850  C  CB  . ILE A 1 99  ? -4.176  5.338   -12.546 1.000 16.905  0 138 ILE A CB  1 ? 
ATOM   851  C  CG1 . ILE A 1 99  ? -4.063  6.720   -11.898 1.000 18.696  0 138 ILE A CG1 1 ? 
ATOM   852  C  CG2 . ILE A 1 99  ? -3.428  5.281   -13.878 1.000 19.075  0 138 ILE A CG2 1 ? 
ATOM   853  C  CD1 . ILE A 1 99  ? -2.670  7.100   -11.529 1.000 28.050  0 138 ILE A CD1 1 ? 
ATOM   854  N  N   . TYR A 1 100 ? -5.593  2.559   -13.166 1.000 12.851  0 139 TYR A N   1 ? 
ATOM   855  C  CA  . TYR A 1 100 ? -5.564  1.424   -14.078 1.000 12.994  0 139 TYR A CA  1 ? 
ATOM   856  C  C   . TYR A 1 100 ? -6.972  0.975   -14.457 1.000 14.009  0 139 TYR A C   1 ? 
ATOM   857  O  O   . TYR A 1 100 ? -7.193  0.486   -15.555 1.000 14.817  0 139 TYR A O   1 ? 
ATOM   858  C  CB  . TYR A 1 100 ? -4.729  0.280   -13.501 1.000 13.340  0 139 TYR A CB  1 ? 
ATOM   859  C  CG  . TYR A 1 100 ? -4.617  -0.870  -14.463 1.000 12.618  0 139 TYR A CG  1 ? 
ATOM   860  C  CD1 . TYR A 1 100 ? -3.749  -0.776  -15.538 1.000 13.197  0 139 TYR A CD1 1 ? 
ATOM   861  C  CD2 . TYR A 1 100 ? -5.410  -1.987  -14.328 1.000 13.336  0 139 TYR A CD2 1 ? 
ATOM   862  C  CE1 . TYR A 1 100 ? -3.667  -1.805  -16.446 1.000 13.926  0 139 TYR A CE1 1 ? 
ATOM   863  C  CE2 . TYR A 1 100 ? -5.318  -3.034  -15.222 1.000 14.167  0 139 TYR A CE2 1 ? 
ATOM   864  C  CZ  . TYR A 1 100 ? -4.469  -2.918  -16.315 1.000 14.305  0 139 TYR A CZ  1 ? 
ATOM   865  O  OH  . TYR A 1 100 ? -4.399  -3.939  -17.227 1.000 16.928  0 139 TYR A OH  1 ? 
ATOM   866  N  N   . ASN A 1 101 ? -7.911  1.078   -13.527 1.000 13.146  0 140 ASN A N   1 ? 
ATOM   867  C  CA  . ASN A 1 101 ? -9.220  0.443   -13.684 1.000 13.797  0 140 ASN A CA  1 ? 
ATOM   868  C  C   . ASN A 1 101 ? -10.289 1.478   -13.960 1.000 15.503  0 140 ASN A C   1 ? 
ATOM   869  O  O   . ASN A 1 101 ? -10.174 2.642   -13.591 1.000 19.652  0 140 ASN A O   1 ? 
ATOM   870  C  CB  . ASN A 1 101 ? -9.566  -0.323  -12.419 1.000 12.729  0 140 ASN A CB  1 ? 
ATOM   871  C  CG  . ASN A 1 101 ? -8.571  -1.414  -12.153 1.000 13.324  0 140 ASN A CG  1 ? 
ATOM   872  O  OD1 . ASN A 1 101 ? -8.644  -2.456  -12.795 1.000 14.120  0 140 ASN A OD1 1 ? 
ATOM   873  N  ND2 . ASN A 1 101 ? -7.690  -1.214  -11.204 1.000 13.464  0 140 ASN A ND2 1 ? 
ATOM   874  N  N   . LYS A 1 102 ? -11.407 1.040   -14.527 1.000 16.806  0 141 LYS A N   1 ? 
ATOM   875  C  CA  . LYS A 1 102 ? -12.553 1.897   -14.827 1.000 17.436  0 141 LYS A CA  1 ? 
ATOM   876  C  C   . LYS A 1 102 ? -13.290 2.264   -13.558 1.000 15.867  0 141 LYS A C   1 ? 
ATOM   877  O  O   . LYS A 1 102 ? -13.492 1.460   -12.657 1.000 16.414  0 141 LYS A O   1 ? 
ATOM   878  C  CB  . LYS A 1 102 ? -13.497 1.115   -15.732 1.000 19.719  0 141 LYS A CB  1 ? 
ATOM   879  C  CG  . LYS A 1 102 ? -12.984 1.031   -17.168 1.000 28.709  0 141 LYS A CG  1 ? 
ATOM   880  C  CD  . LYS A 1 102 ? -14.122 0.834   -18.143 0.500 31.631  0 141 LYS A CD  1 ? 
ATOM   881  C  CE  . LYS A 1 102 ? -13.675 0.794   -19.588 0.500 36.497  0 141 LYS A CE  1 ? 
ATOM   882  N  NZ  . LYS A 1 102 ? -13.395 -0.595  -20.020 1.000 43.253  0 141 LYS A NZ  1 ? 
ATOM   883  N  N   . PRO A 1 103 ? -13.827 3.491   -13.462 1.000 17.989  0 142 PRO A N   1 ? 
ATOM   884  C  CA  . PRO A 1 103 ? -14.563 3.877   -12.273 1.000 18.449  0 142 PRO A CA  1 ? 
ATOM   885  C  C   . PRO A 1 103 ? -15.749 2.929   -12.120 1.000 19.731  0 142 PRO A C   1 ? 
ATOM   886  O  O   . PRO A 1 103 ? -16.350 2.496   -13.096 1.000 21.353  0 142 PRO A O   1 ? 
ATOM   887  C  CB  . PRO A 1 103 ? -15.006 5.324   -12.570 1.000 20.927  0 142 PRO A CB  1 ? 
ATOM   888  C  CG  . PRO A 1 103 ? -14.800 5.506   -14.050 1.000 24.889  0 142 PRO A CG  1 ? 
ATOM   889  C  CD  . PRO A 1 103 ? -13.669 4.585   -14.450 1.000 19.098  0 142 PRO A CD  1 ? 
ATOM   890  N  N   . GLY A 1 104 ? -16.083 2.594   -10.889 1.000 21.744  0 143 GLY A N   1 ? 
ATOM   891  C  CA  . GLY A 1 104 ? -17.205 1.670   -10.755 1.000 22.753  0 143 GLY A CA  1 ? 
ATOM   892  C  C   . GLY A 1 104 ? -16.876 0.178   -10.973 1.000 20.547  0 143 GLY A C   1 ? 
ATOM   893  O  O   . GLY A 1 104 ? -17.706 -0.682  -10.620 1.000 21.201  0 143 GLY A O   1 ? 
ATOM   894  N  N   . ASP A 1 105 ? -15.698 -0.177  -11.537 1.000 18.383  0 144 ASP A N   1 ? 
ATOM   895  C  CA  . ASP A 1 105 ? -15.274 -1.572  -11.551 1.000 17.161  0 144 ASP A CA  1 ? 
ATOM   896  C  C   . ASP A 1 105 ? -15.185 -2.113  -10.124 1.000 15.464  0 144 ASP A C   1 ? 
ATOM   897  O  O   . ASP A 1 105 ? -14.928 -1.375  -9.168  1.000 14.839  0 144 ASP A O   1 ? 
ATOM   898  C  CB  . ASP A 1 105 ? -13.852 -1.760  -12.101 1.000 18.680  0 144 ASP A CB  1 ? 
ATOM   899  C  CG  . ASP A 1 105 ? -13.714 -1.793  -13.607 1.000 25.688  0 144 ASP A CG  1 ? 
ATOM   900  O  OD1 . ASP A 1 105 ? -14.766 -1.743  -14.282 1.000 27.092  0 144 ASP A OD1 1 ? 
ATOM   901  O  OD2 . ASP A 1 105 ? -12.555 -1.849  -14.068 1.000 25.361  0 144 ASP A OD2 1 ? 
ATOM   902  N  N   . ASP A 1 106 ? -15.384 -3.430  -9.952  1.000 14.775  0 145 ASP A N   1 ? 
ATOM   903  C  CA  . ASP A 1 106 ? -15.353 -4.005  -8.627  1.000 13.690  0 145 ASP A CA  1 ? 
ATOM   904  C  C   . ASP A 1 106 ? -14.085 -3.638  -7.873  1.000 13.747  0 145 ASP A C   1 ? 
ATOM   905  O  O   . ASP A 1 106 ? -14.181 -3.299  -6.720  1.000 13.623  0 145 ASP A O   1 ? 
ATOM   906  C  CB  . ASP A 1 106 ? -15.446 -5.517  -8.714  1.000 14.370  0 145 ASP A CB  1 ? 
ATOM   907  C  CG  . ASP A 1 106 ? -16.851 -6.026  -9.000  1.000 15.907  0 145 ASP A CG  1 ? 
ATOM   908  O  OD1 . ASP A 1 106 ? -17.804 -5.263  -8.909  1.000 17.171  0 145 ASP A OD1 1 ? 
ATOM   909  O  OD2 . ASP A 1 106 ? -16.930 -7.238  -9.355  1.000 17.423  0 145 ASP A OD2 1 ? 
ATOM   910  N  N   . ILE A 1 107 ? -12.931 -3.739  -8.512  1.000 13.231  0 146 ILE A N   1 ? 
ATOM   911  C  CA  . ILE A 1 107 ? -11.700 -3.500  -7.766  1.000 13.660  0 146 ILE A CA  1 ? 
ATOM   912  C  C   . ILE A 1 107 ? -11.667 -2.032  -7.286  1.000 12.040  0 146 ILE A C   1 ? 
ATOM   913  O  O   . ILE A 1 107 ? -11.108 -1.752  -6.233  1.000 11.896  0 146 ILE A O   1 ? 
ATOM   914  C  CB  . ILE A 1 107 ? -10.495 -3.873  -8.631  1.000 14.640  0 146 ILE A CB  1 ? 
ATOM   915  C  CG1 . ILE A 1 107 ? -9.216  -3.856  -7.807  1.000 17.284  0 146 ILE A CG1 1 ? 
ATOM   916  C  CG2 . ILE A 1 107 ? -10.298 -2.995  -9.841  1.000 14.450  0 146 ILE A CG2 1 ? 
ATOM   917  C  CD1 . ILE A 1 107 ? -9.137  -4.970  -6.878  1.000 19.298  0 146 ILE A CD1 1 ? 
ATOM   918  N  N   . VAL A 1 108 ? -12.227 -1.125  -8.082  1.000 11.776  0 147 VAL A N   1 ? 
ATOM   919  C  CA  . VAL A 1 108 ? -12.272 0.264   -7.669  1.000 12.071  0 147 VAL A CA  1 ? 
ATOM   920  C  C   . VAL A 1 108 ? -13.179 0.442   -6.471  1.000 12.045  0 147 VAL A C   1 ? 
ATOM   921  O  O   . VAL A 1 108 ? -12.865 1.166   -5.543  1.000 12.651  0 147 VAL A O   1 ? 
ATOM   922  C  CB  . VAL A 1 108 ? -12.691 1.145   -8.839  1.000 12.356  0 147 VAL A CB  1 ? 
ATOM   923  C  CG1 . VAL A 1 108 ? -12.944 2.576   -8.427  1.000 13.419  0 147 VAL A CG1 1 ? 
ATOM   924  C  CG2 . VAL A 1 108 ? -11.651 1.097   -9.924  1.000 13.280  0 147 VAL A CG2 1 ? 
ATOM   925  N  N   . LEU A 1 109 ? -14.353 -0.235  -6.479  1.000 12.155  0 148 LEU A N   1 ? 
ATOM   926  C  CA  . LEU A 1 109 ? -15.227 -0.099  -5.328  1.000 12.451  0 148 LEU A CA  1 ? 
ATOM   927  C  C   . LEU A 1 109 ? -14.517 -0.648  -4.101  1.000 12.475  0 148 LEU A C   1 ? 
ATOM   928  O  O   . LEU A 1 109 ? -14.684 -0.158  -2.993  1.000 12.854  0 148 LEU A O   1 ? 
ATOM   929  C  CB  . LEU A 1 109 ? -16.512 -0.882  -5.590  1.000 14.632  0 148 LEU A CB  1 ? 
ATOM   930  C  CG  . LEU A 1 109 ? -17.367 -0.317  -6.730  1.000 16.509  0 148 LEU A CG  1 ? 
ATOM   931  C  CD1 . LEU A 1 109 ? -18.470 -1.330  -7.070  1.000 19.507  0 148 LEU A CD1 1 ? 
ATOM   932  C  CD2 . LEU A 1 109 ? -17.914 1.051   -6.366  1.000 21.735  0 148 LEU A CD2 1 ? 
ATOM   933  N  N   . MET A 1 110 ? -13.749 -1.724  -4.265  1.000 12.194  0 149 MET A N   1 ? 
ATOM   934  C  CA  . MET A 1 110 ? -13.051 -2.311  -3.130  1.000 11.569  0 149 MET A CA  1 ? 
ATOM   935  C  C   . MET A 1 110 ? -11.991 -1.354  -2.598  1.000 10.891  0 149 MET A C   1 ? 
ATOM   936  O  O   . MET A 1 110 ? -11.927 -1.129  -1.403  1.000 11.788  0 149 MET A O   1 ? 
ATOM   937  C  CB  . MET A 1 110 ? -12.399 -3.617  -3.572  1.000 11.851  0 149 MET A CB  1 ? 
ATOM   938  C  CG  . MET A 1 110 ? -13.452 -4.677  -3.911  1.000 12.607  0 149 MET A CG  1 ? 
ATOM   939  S  SD  . MET A 1 110 ? -12.794 -6.086  -4.811  1.000 14.585  0 149 MET A SD  1 ? 
ATOM   940  C  CE  . MET A 1 110 ? -12.310 -6.976  -3.376  1.000 15.486  0 149 MET A CE  1 ? 
ATOM   941  N  N   . ALA A 1 111 ? -11.231 -0.763  -3.521  1.000 10.585  0 150 ALA A N   1 ? 
ATOM   942  C  CA  . ALA A 1 111 ? -10.248 0.233   -3.115  1.000 10.733  0 150 ALA A CA  1 ? 
ATOM   943  C  C   . ALA A 1 111 ? -10.918 1.401   -2.417  1.000 11.554  0 150 ALA A C   1 ? 
ATOM   944  O  O   . ALA A 1 111 ? -10.389 1.900   -1.416  1.000 12.529  0 150 ALA A O   1 ? 
ATOM   945  C  CB  . ALA A 1 111 ? -9.441  0.696   -4.307  1.000 11.833  0 150 ALA A CB  1 ? 
ATOM   946  N  N   . GLU A 1 112 ? -12.028 1.880   -2.965  1.000 11.731  0 151 GLU A N   1 ? 
ATOM   947  C  CA  . GLU A 1 112 ? -12.702 3.002   -2.366  1.000 12.877  0 151 GLU A CA  1 ? 
ATOM   948  C  C   . GLU A 1 112 ? -13.188 2.697   -0.966  1.000 12.989  0 151 GLU A C   1 ? 
ATOM   949  O  O   . GLU A 1 112 ? -13.133 3.587   -0.110  1.000 13.661  0 151 GLU A O   1 ? 
ATOM   950  C  CB  . GLU A 1 112 ? -13.873 3.462   -3.212  1.000 14.701  0 151 GLU A CB  1 ? 
ATOM   951  C  CG  . GLU A 1 112 ? -13.416 4.197   -4.450  1.000 16.999  0 151 GLU A CG  1 ? 
ATOM   952  C  CD  . GLU A 1 112 ? -14.471 4.530   -5.469  1.000 21.861  0 151 GLU A CD  1 ? 
ATOM   953  O  OE1 . GLU A 1 112 ? -15.480 3.810   -5.514  1.000 25.912  0 151 GLU A OE1 1 ? 
ATOM   954  O  OE2 . GLU A 1 112 ? -14.210 5.437   -6.257  1.000 27.364  0 151 GLU A OE2 1 ? 
ATOM   955  N  N   . ALA A 1 113 ? -13.636 1.472   -0.676  1.000 12.962  0 152 ALA A N   1 ? 
ATOM   956  C  CA  . ALA A 1 113 ? -14.040 1.110   0.657   1.000 13.229  0 152 ALA A CA  1 ? 
ATOM   957  C  C   . ALA A 1 113 ? -12.849 1.133   1.592   1.000 14.126  0 152 ALA A C   1 ? 
ATOM   958  O  O   . ALA A 1 113 ? -12.967 1.620   2.723   1.000 13.438  0 152 ALA A O   1 ? 
ATOM   959  C  CB  . ALA A 1 113 ? -14.737 -0.224  0.690   1.000 14.136  0 152 ALA A CB  1 ? 
ATOM   960  N  N   . LEU A 1 114 ? -11.707 0.584   1.156   1.000 12.395  0 153 LEU A N   1 ? 
ATOM   961  C  CA  . LEU A 1 114 ? -10.526 0.675   2.006   1.000 12.479  0 153 LEU A CA  1 ? 
ATOM   962  C  C   . LEU A 1 114 ? -10.065 2.109   2.185   1.000 11.300  0 153 LEU A C   1 ? 
ATOM   963  O  O   . LEU A 1 114 ? -9.621  2.435   3.272   1.000 12.044  0 153 LEU A O   1 ? 
ATOM   964  C  CB  . LEU A 1 114 ? -9.403  -0.141  1.364   1.000 13.224  0 153 LEU A CB  1 ? 
ATOM   965  C  CG  . LEU A 1 114 ? -9.672  -1.644  1.245   1.000 17.246  0 153 LEU A CG  1 ? 
ATOM   966  C  CD1 . LEU A 1 114 ? -8.689  -2.336  0.337   1.000 19.056  0 153 LEU A CD1 1 ? 
ATOM   967  C  CD2 . LEU A 1 114 ? -9.739  -2.320  2.581   1.000 20.517  0 153 LEU A CD2 1 ? 
ATOM   968  N  N   . GLU A 1 115 ? -10.125 2.902   1.146   1.000 11.962  0 154 GLU A N   1 ? 
ATOM   969  C  CA  . GLU A 1 115 ? -9.684  4.292   1.282   1.000 12.664  0 154 GLU A CA  1 ? 
ATOM   970  C  C   . GLU A 1 115 ? -10.571 5.070   2.252   1.000 13.488  0 154 GLU A C   1 ? 
ATOM   971  O  O   . GLU A 1 115 ? -10.073 5.929   2.986   1.000 13.272  0 154 GLU A O   1 ? 
ATOM   972  C  CB  . GLU A 1 115 ? -9.704  4.952   -0.065  1.000 12.855  0 154 GLU A CB  1 ? 
ATOM   973  C  CG  . GLU A 1 115 ? -9.076  6.352   0.003   1.000 15.870  0 154 GLU A CG  1 ? 
ATOM   974  C  CD  . GLU A 1 115 ? -8.996  7.063   -1.303  1.000 18.625  0 154 GLU A CD  1 ? 
ATOM   975  O  OE1 . GLU A 1 115 ? -9.735  6.710   -2.218  1.000 19.745  0 154 GLU A OE1 1 ? 
ATOM   976  O  OE2 . GLU A 1 115 ? -8.246  8.074   -1.327  1.000 27.237  0 154 GLU A OE2 1 ? 
ATOM   977  N  N   . LYS A 1 116 ? -11.875 4.784   2.251   1.000 12.582  0 155 LYS A N   1 ? 
ATOM   978  C  CA  . LYS A 1 116 ? -12.746 5.486   3.173   1.000 13.464  0 155 LYS A CA  1 ? 
ATOM   979  C  C   . LYS A 1 116 ? -12.306 5.155   4.586   1.000 12.744  0 155 LYS A C   1 ? 
ATOM   980  O  O   . LYS A 1 116 ? -12.289 6.036   5.457   1.000 13.678  0 155 LYS A O   1 ? 
ATOM   981  C  CB  . LYS A 1 116 ? -14.177 4.997   2.943   1.000 14.394  0 155 LYS A CB  1 ? 
ATOM   982  C  CG  . LYS A 1 116 ? -15.166 5.664   3.865   1.000 17.120  0 155 LYS A CG  1 ? 
ATOM   983  C  CD  . LYS A 1 116 ? -16.588 5.372   3.501   1.000 19.926  0 155 LYS A CD  1 ? 
ATOM   984  C  CE  . LYS A 1 116 ? -17.547 6.201   4.336   1.000 23.322  0 155 LYS A CE  1 ? 
ATOM   985  N  NZ  . LYS A 1 116 ? -18.944 5.788   4.083   1.000 35.499  0 155 LYS A NZ  1 ? 
ATOM   986  N  N   . LEU A 1 117 ? -12.038 3.880   4.871   1.000 12.802  0 156 LEU A N   1 ? 
ATOM   987  C  CA  . LEU A 1 117 ? -11.618 3.456   6.176   1.000 14.129  0 156 LEU A CA  1 ? 
ATOM   988  C  C   . LEU A 1 117 ? -10.283 4.151   6.488   1.000 13.864  0 156 LEU A C   1 ? 
ATOM   989  O  O   . LEU A 1 117 ? -10.028 4.639   7.610   1.000 14.216  0 156 LEU A O   1 ? 
ATOM   990  C  CB  . LEU A 1 117 ? -11.508 1.924   6.195   1.000 16.042  0 156 LEU A CB  1 ? 
ATOM   991  C  CG  . LEU A 1 117 ? -11.261 1.233   7.526   1.000 22.731  0 156 LEU A CG  1 ? 
ATOM   992  C  CD1 . LEU A 1 117 ? -12.358 1.631   8.526   1.000 24.997  0 156 LEU A CD1 1 ? 
ATOM   993  C  CD2 . LEU A 1 117 ? -11.214 -0.290  7.348   1.000 25.616  0 156 LEU A CD2 1 ? 
ATOM   994  N  N   . PHE A 1 118 ? -9.351  4.105   5.522   1.000 13.050  0 157 PHE A N   1 ? 
ATOM   995  C  CA  . PHE A 1 118 ? -8.039  4.720   5.694   1.000 12.221  0 157 PHE A CA  1 ? 
ATOM   996  C  C   . PHE A 1 118 ? -8.207  6.178   6.092   1.000 12.544  0 157 PHE A C   1 ? 
ATOM   997  O  O   . PHE A 1 118 ? -7.497  6.603   7.019   1.000 13.276  0 157 PHE A O   1 ? 
ATOM   998  C  CB  . PHE A 1 118 ? -7.268  4.555   4.375   1.000 12.690  0 157 PHE A CB  1 ? 
ATOM   999  C  CG  . PHE A 1 118 ? -5.903  5.204   4.415   1.000 12.755  0 157 PHE A CG  1 ? 
ATOM   1000 C  CD1 . PHE A 1 118 ? -4.872  4.608   5.102   1.000 13.604  0 157 PHE A CD1 1 ? 
ATOM   1001 C  CD2 . PHE A 1 118 ? -5.709  6.371   3.726   1.000 15.777  0 157 PHE A CD2 1 ? 
ATOM   1002 C  CE1 . PHE A 1 118 ? -3.602  5.198   5.144   1.000 14.435  0 157 PHE A CE1 1 ? 
ATOM   1003 C  CE2 . PHE A 1 118 ? -4.429  6.926   3.707   1.000 19.813  0 157 PHE A CE2 1 ? 
ATOM   1004 C  CZ  . PHE A 1 118 ? -3.436  6.350   4.448   1.000 17.598  0 157 PHE A CZ  1 ? 
ATOM   1005 N  N   . LEU A 1 119 ? -8.998  6.935   5.365   1.000 12.587  0 158 LEU A N   1 ? 
ATOM   1006 C  CA  . LEU A 1 119 ? -9.140  8.368   5.645   1.000 14.562  0 158 LEU A CA  1 ? 
ATOM   1007 C  C   . LEU A 1 119 ? -9.651  8.596   7.069   1.000 13.578  0 158 LEU A C   1 ? 
ATOM   1008 O  O   . LEU A 1 119 ? -9.162  9.475   7.802   1.000 15.133  0 158 LEU A O   1 ? 
ATOM   1009 C  CB  . LEU A 1 119 ? -10.052 9.017   4.601   1.000 18.090  0 158 LEU A CB  1 ? 
ATOM   1010 C  CG  . LEU A 1 119 ? -10.335 10.514  4.761   1.000 23.047  0 158 LEU A CG  1 ? 
ATOM   1011 C  CD1 . LEU A 1 119 ? -9.043  11.299  4.886   1.000 26.355  0 158 LEU A CD1 1 ? 
ATOM   1012 C  CD2 . LEU A 1 119 ? -11.172 11.030  3.591   1.000 24.634  0 158 LEU A CD2 1 ? 
ATOM   1013 N  N   . GLN A 1 120 ? -10.593 7.778   7.502   1.000 14.030  0 159 GLN A N   1 ? 
ATOM   1014 C  CA  . GLN A 1 120 ? -11.152 7.937   8.835   1.000 15.906  0 159 GLN A CA  1 ? 
ATOM   1015 C  C   . GLN A 1 120 ? -10.006 7.762   9.816   1.000 15.924  0 159 GLN A C   1 ? 
ATOM   1016 O  O   . GLN A 1 120 ? -9.892  8.535   10.792  1.000 17.578  0 159 GLN A O   1 ? 
ATOM   1017 C  CB  . GLN A 1 120 ? -12.144 6.797   9.084   1.000 18.348  0 159 GLN A CB  1 ? 
ATOM   1018 C  CG  . GLN A 1 120 ? -13.528 6.886   8.441   1.000 28.235  0 159 GLN A CG  1 ? 
ATOM   1019 C  CD  . GLN A 1 120 ? -14.346 5.637   8.702   0.500 26.079  0 159 GLN A CD  1 ? 
ATOM   1020 O  OE1 . GLN A 1 120 ? -14.042 4.820   9.578   0.500 30.314  0 159 GLN A OE1 1 ? 
ATOM   1021 N  NE2 . GLN A 1 120 ? -15.432 5.478   7.955   0.500 26.439  0 159 GLN A NE2 1 ? 
ATOM   1022 N  N   . LYS A 1 121 ? -9.182  6.724   9.630   1.000 14.753  0 160 LYS A N   1 ? 
ATOM   1023 C  CA  . LYS A 1 121 ? -8.113  6.488   10.586  1.000 15.939  0 160 LYS A CA  1 ? 
ATOM   1024 C  C   . LYS A 1 121 ? -7.019  7.527   10.508  1.000 16.474  0 160 LYS A C   1 ? 
ATOM   1025 O  O   . LYS A 1 121 ? -6.462  7.893   11.549  1.000 17.088  0 160 LYS A O   1 ? 
ATOM   1026 C  CB  . LYS A 1 121 ? -7.466  5.127   10.322  1.000 18.127  0 160 LYS A CB  1 ? 
ATOM   1027 C  CG  . LYS A 1 121 ? -8.387  3.939   10.505  1.000 22.636  0 160 LYS A CG  1 ? 
ATOM   1028 C  CD  . LYS A 1 121 ? -9.044  3.956   11.856  1.000 27.403  0 160 LYS A CD  1 ? 
ATOM   1029 C  CE  . LYS A 1 121 ? -9.621  2.592   12.139  1.000 30.604  0 160 LYS A CE  1 ? 
ATOM   1030 N  NZ  . LYS A 1 121 ? -10.703 2.692   13.147  1.000 32.659  0 160 LYS A NZ  1 ? 
ATOM   1031 N  N   . ILE A 1 122 ? -6.713  8.050   9.317   1.000 15.438  0 161 ILE A N   1 ? 
ATOM   1032 C  CA  . ILE A 1 122 ? -5.631  9.025   9.223   1.000 15.774  0 161 ILE A CA  1 ? 
ATOM   1033 C  C   . ILE A 1 122 ? -6.068  10.374  9.796   1.000 15.596  0 161 ILE A C   1 ? 
ATOM   1034 O  O   . ILE A 1 122 ? -5.259  11.141  10.286  1.000 17.013  0 161 ILE A O   1 ? 
ATOM   1035 C  CB  . ILE A 1 122 ? -5.143  9.159   7.776   1.000 18.332  0 161 ILE A CB  1 ? 
ATOM   1036 C  CG1 . ILE A 1 122 ? -4.395  7.896   7.358   1.000 22.314  0 161 ILE A CG1 1 ? 
ATOM   1037 C  CG2 . ILE A 1 122 ? -4.288  10.409  7.623   1.000 25.780  0 161 ILE A CG2 1 ? 
ATOM   1038 C  CD1 . ILE A 1 122 ? -3.234  7.563   8.242   1.000 21.436  0 161 ILE A CD1 1 ? 
ATOM   1039 N  N   . ASN A 1 123 ? -7.363  10.673  9.729   1.000 16.212  0 162 ASN A N   1 ? 
ATOM   1040 C  CA  . ASN A 1 123 ? -7.849  11.883  10.364  1.000 16.565  0 162 ASN A CA  1 ? 
ATOM   1041 C  C   . ASN A 1 123 ? -7.559  11.836  11.861  1.000 17.317  0 162 ASN A C   1 ? 
ATOM   1042 O  O   . ASN A 1 123 ? -7.487  12.904  12.465  1.000 18.476  0 162 ASN A O   1 ? 
ATOM   1043 C  CB  . ASN A 1 123 ? -9.338  12.085  10.053  1.000 20.623  0 162 ASN A CB  1 ? 
ATOM   1044 C  CG  . ASN A 1 123 ? -9.557  12.583  8.636   1.000 18.746  0 162 ASN A CG  1 ? 
ATOM   1045 O  OD1 . ASN A 1 123 ? -8.655  13.078  7.976   1.000 23.727  0 162 ASN A OD1 1 ? 
ATOM   1046 N  ND2 . ASN A 1 123 ? -10.787 12.507  8.157   1.000 23.580  0 162 ASN A ND2 1 ? 
ATOM   1047 N  N   . GLU A 1 124 ? -7.415  10.657  12.466  1.000 16.691  0 163 GLU A N   1 ? 
ATOM   1048 C  CA  . GLU A 1 124 ? -7.100  10.494  13.886  1.000 18.916  0 163 GLU A CA  1 ? 
ATOM   1049 C  C   . GLU A 1 124 ? -5.635  10.137  14.161  1.000 19.785  0 163 GLU A C   1 ? 
ATOM   1050 O  O   . GLU A 1 124 ? -5.247  9.815   15.283  1.000 21.259  0 163 GLU A O   1 ? 
ATOM   1051 C  CB  . GLU A 1 124 ? -7.980  9.425   14.532  1.000 21.894  0 163 GLU A CB  1 ? 
ATOM   1052 C  CG  . GLU A 1 124 ? -9.453  9.856   14.588  1.000 25.866  0 163 GLU A CG  1 ? 
ATOM   1053 C  CD  . GLU A 1 124 ? -9.800  10.913  15.630  1.000 27.334  0 163 GLU A CD  1 ? 
ATOM   1054 O  OE1 . GLU A 1 124 ? -8.888  11.366  16.340  1.000 28.191  0 163 GLU A OE1 1 ? 
ATOM   1055 O  OE2 . GLU A 1 124 ? -11.001 11.276  15.748  1.000 32.282  0 163 GLU A OE2 1 ? 
ATOM   1056 N  N   . LEU A 1 125 ? -4.800  10.250  13.136  1.000 17.224  0 164 LEU A N   1 ? 
ATOM   1057 C  CA  . LEU A 1 125 ? -3.381  10.016  13.292  1.000 16.983  0 164 LEU A CA  1 ? 
ATOM   1058 C  C   . LEU A 1 125 ? -2.937  10.891  14.448  1.000 16.701  0 164 LEU A C   1 ? 
ATOM   1059 O  O   . LEU A 1 125 ? -3.124  12.116  14.431  1.000 16.507  0 164 LEU A O   1 ? 
ATOM   1060 C  CB  . LEU A 1 125 ? -2.667  10.403  12.001  1.000 17.493  0 164 LEU A CB  1 ? 
ATOM   1061 C  CG  . LEU A 1 125 ? -1.153  10.180  12.037  1.000 15.909  0 164 LEU A CG  1 ? 
ATOM   1062 C  CD1 . LEU A 1 125 ? -0.862  8.683   11.900  1.000 19.113  0 164 LEU A CD1 1 ? 
ATOM   1063 C  CD2 . LEU A 1 125 ? -0.480  10.974  10.931  1.000 18.030  0 164 LEU A CD2 1 ? 
ATOM   1064 N  N   . PRO A 1 126 ? -2.340  10.298  15.499  1.000 18.311  0 165 PRO A N   1 ? 
ATOM   1065 C  CA  . PRO A 1 126 ? -2.023  11.071  16.671  1.000 19.234  0 165 PRO A CA  1 ? 
ATOM   1066 C  C   . PRO A 1 126 ? -0.953  12.080  16.371  1.000 16.897  0 165 PRO A C   1 ? 
ATOM   1067 O  O   . PRO A 1 126 ? -0.068  11.981  15.508  1.000 17.292  0 165 PRO A O   1 ? 
ATOM   1068 C  CB  . PRO A 1 126 ? -1.401  10.066  17.648  1.000 20.698  0 165 PRO A CB  1 ? 
ATOM   1069 C  CG  . PRO A 1 126 ? -0.914  8.955   16.752  1.000 24.946  0 165 PRO A CG  1 ? 
ATOM   1070 C  CD  . PRO A 1 126 ? -1.963  8.885   15.655  1.000 20.689  0 165 PRO A CD  1 ? 
ATOM   1071 N  N   . THR A 1 127 ? -1.043  13.120  17.189  1.000 19.296  0 166 THR A N   1 ? 
ATOM   1072 C  CA  . THR A 1 127 ? 0.005   14.091  17.193  1.000 20.246  0 166 THR A CA  1 ? 
ATOM   1073 C  C   . THR A 1 127 ? 1.352   13.399  17.459  1.000 20.599  0 166 THR A C   1 ? 
ATOM   1074 O  O   . THR A 1 127 ? 1.438   12.502  18.304  1.000 21.703  0 166 THR A O   1 ? 
ATOM   1075 C  CB  . THR A 1 127 ? -0.277  15.053  18.357  1.000 24.066  0 166 THR A CB  1 ? 
ATOM   1076 O  OG1 . THR A 1 127 ? -1.649  15.482  18.273  1.000 25.926  0 166 THR A OG1 1 ? 
ATOM   1077 C  CG2 . THR A 1 127 ? 0.753   16.157  18.448  1.000 27.227  0 166 THR A CG2 1 ? 
ATOM   1078 N  N   . GLU A 1 128 ? 2.363   13.791  16.682  1.000 19.446  0 167 GLU A N   1 ? 
ATOM   1079 C  CA  . GLU A 1 128 ? 3.683   13.181  16.825  1.000 24.982  0 167 GLU A CA  1 ? 
ATOM   1080 C  C   . GLU A 1 128 ? 4.287   13.592  18.164  1.000 29.070  0 167 GLU A C   1 ? 
ATOM   1081 O  O   . GLU A 1 128 ? 4.386   14.777  18.457  1.000 29.561  0 167 GLU A O   1 ? 
ATOM   1082 C  CB  . GLU A 1 128 ? 4.643   13.619  15.706  1.000 24.675  0 167 GLU A CB  1 ? 
ATOM   1083 C  CG  . GLU A 1 128 ? 6.083   13.136  15.858  1.000 31.032  0 167 GLU A CG  1 ? 
ATOM   1084 C  CD  . GLU A 1 128 ? 6.922   13.339  14.608  1.000 38.271  0 167 GLU A CD  1 ? 
ATOM   1085 O  OE1 . GLU A 1 128 ? 6.467   14.072  13.714  1.000 39.804  0 167 GLU A OE1 1 ? 
ATOM   1086 O  OE2 . GLU A 1 128 ? 8.045   12.791  14.541  1.000 38.120  0 167 GLU A OE2 1 ? 
ATOM   1087 N  N   . GLU A 1 129 ? 4.667   12.603  18.976  1.000 31.052  0 168 GLU A N   1 ? 
ATOM   1088 C  CA  . GLU A 1 129 ? 5.231   12.896  20.284  1.000 36.890  0 168 GLU A CA  1 ? 
ATOM   1089 C  C   . GLU A 1 129 ? 6.695   12.447  20.270  1.000 48.108  0 168 GLU A C   1 ? 
ATOM   1090 O  O   . GLU A 1 129 ? 7.255   12.205  19.190  1.000 54.876  0 168 GLU A O   1 ? 
ATOM   1091 C  CB  . GLU A 1 129 ? 4.383   12.254  21.384  1.000 43.700  0 168 GLU A CB  1 ? 
ATOM   1092 C  CG  . GLU A 1 129 ? 4.720   10.792  21.613  1.000 51.314  0 168 GLU A CG  1 ? 
ATOM   1093 C  CD  . GLU A 1 129 ? 3.555   9.870   21.917  1.000 55.042  0 168 GLU A CD  1 ? 
ATOM   1094 O  OE1 . GLU A 1 129 ? 2.398   10.358  21.973  1.000 59.727  0 168 GLU A OE1 1 ? 
ATOM   1095 O  OE2 . GLU A 1 129 ? 3.811   8.657   22.100  1.000 60.340  0 168 GLU A OE2 1 ? 
ATOM   1096 O  OXT . GLU A 1 129 ? 7.332   12.333  21.314  1.000 47.888  0 168 GLU A OXT 1 ? 
HETATM 1097 C  C1  . GOL B 2 .   ? 1.460   5.598   -12.599 1.000 24.657  0 201 GOL A C1  1 ? 
HETATM 1098 O  O1  . GOL B 2 .   ? 2.779   5.458   -13.110 1.000 21.974  0 201 GOL A O1  1 ? 
HETATM 1099 C  C2  . GOL B 2 .   ? 1.426   5.485   -11.093 1.000 22.819  0 201 GOL A C2  1 ? 
HETATM 1100 O  O2  . GOL B 2 .   ? 1.919   4.198   -10.659 1.000 17.654  0 201 GOL A O2  1 ? 
HETATM 1101 C  C3  . GOL B 2 .   ? 0.008   5.680   -10.604 1.000 25.473  0 201 GOL A C3  1 ? 
HETATM 1102 O  O3  . GOL B 2 .   ? -0.147  5.409   -9.212  1.000 30.201  0 201 GOL A O3  1 ? 
HETATM 1103 O  O8  . 1P8 C 3 .   ? -5.752  -2.909  -10.291 1.000 22.820  0 202 1P8 A O8  1 ? 
HETATM 1104 C  C7  . 1P8 C 3 .   ? -5.558  -4.098  -10.197 1.000 35.218  0 202 1P8 A C7  1 ? 
HETATM 1105 C  C6  . 1P8 C 3 .   ? -4.859  -4.778  -9.080  1.000 42.741  0 202 1P8 A C6  1 ? 
HETATM 1106 N  N9  . 1P8 C 3 .   ? -6.042  -5.075  -10.988 1.000 40.321  0 202 1P8 A N9  1 ? 
HETATM 1107 C  C10 . 1P8 C 3 .   ? -6.378  -6.174  -10.169 1.000 47.908  0 202 1P8 A C10 1 ? 
HETATM 1108 C  C11 . 1P8 C 3 .   ? -7.247  -7.234  -10.346 1.000 55.016  0 202 1P8 A C11 1 ? 
HETATM 1109 C  C2  . 1P8 C 3 .   ? -7.347  -8.139  -9.287  1.000 69.239  0 202 1P8 A C2  1 ? 
HETATM 1110 BR BR1 . 1P8 C 3 .   ? -8.499  -9.638  -9.436  1.000 106.609 0 202 1P8 A BR1 1 ? 
HETATM 1111 C  C5  . 1P8 C 3 .   ? -5.667  -6.028  -8.976  1.000 45.631  0 202 1P8 A C5  1 ? 
HETATM 1112 C  C4  . 1P8 C 3 .   ? -5.799  -6.932  -7.950  1.000 57.187  0 202 1P8 A C4  1 ? 
HETATM 1113 C  C3  . 1P8 C 3 .   ? -6.652  -8.015  -8.112  1.000 63.983  0 202 1P8 A C3  1 ? 
HETATM 1114 O  O   . HOH D 4 .   ? -12.797 -3.588  11.520  1.000 34.977  0 301 HOH A O   1 ? 
HETATM 1115 O  O   . HOH D 4 .   ? 6.537   -8.296  7.542   1.000 35.396  0 302 HOH A O   1 ? 
HETATM 1116 O  O   . HOH D 4 .   ? 3.876   13.510  10.815  1.000 41.774  0 303 HOH A O   1 ? 
HETATM 1117 O  O   . HOH D 4 .   ? 13.880  -4.498  9.624   1.000 34.286  0 304 HOH A O   1 ? 
HETATM 1118 O  O   . HOH D 4 .   ? -5.424  -1.472  -19.718 1.000 30.140  0 305 HOH A O   1 ? 
HETATM 1119 O  O   . HOH D 4 .   ? 25.536  2.684   5.406   1.000 40.782  0 306 HOH A O   1 ? 
HETATM 1120 O  O   . HOH D 4 .   ? -0.635  -12.165 -19.987 1.000 44.905  0 307 HOH A O   1 ? 
HETATM 1121 O  O   . HOH D 4 .   ? 4.008   -8.135  -15.646 1.000 21.901  0 308 HOH A O   1 ? 
HETATM 1122 O  O   . HOH D 4 .   ? -5.661  -7.203  10.483  1.000 37.776  0 309 HOH A O   1 ? 
HETATM 1123 O  O   . HOH D 4 .   ? -11.203 -3.790  -13.111 1.000 27.669  0 310 HOH A O   1 ? 
HETATM 1124 O  O   . HOH D 4 .   ? -0.222  5.668   -15.931 1.000 36.385  0 311 HOH A O   1 ? 
HETATM 1125 O  O   . HOH D 4 .   ? -3.878  -1.276  -9.046  1.000 19.970  0 312 HOH A O   1 ? 
HETATM 1126 O  O   . HOH D 4 .   ? -16.171 -1.011  4.508   1.000 33.166  0 313 HOH A O   1 ? 
HETATM 1127 O  O   . HOH D 4 .   ? 14.303  -0.275  11.323  1.000 29.271  0 314 HOH A O   1 ? 
HETATM 1128 O  O   . HOH D 4 .   ? -9.359  13.443  17.865  1.000 32.320  0 315 HOH A O   1 ? 
HETATM 1129 O  O   . HOH D 4 .   ? -3.056  -5.809  -20.747 1.000 27.408  0 316 HOH A O   1 ? 
HETATM 1130 O  O   . HOH D 4 .   ? -17.399 3.443   -3.749  1.000 30.168  0 317 HOH A O   1 ? 
HETATM 1131 O  O   . HOH D 4 .   ? 14.755  7.398   5.748   1.000 17.158  0 318 HOH A O   1 ? 
HETATM 1132 O  O   . HOH D 4 .   ? 6.954   0.989   -6.681  1.000 24.161  0 319 HOH A O   1 ? 
HETATM 1133 O  O   . HOH D 4 .   ? 8.563   -9.742  -8.576  1.000 28.639  0 320 HOH A O   1 ? 
HETATM 1134 O  O   . HOH D 4 .   ? -11.838 6.467   -6.830  1.000 31.611  0 321 HOH A O   1 ? 
HETATM 1135 O  O   . HOH D 4 .   ? 7.533   12.471  11.888  1.000 24.381  0 322 HOH A O   1 ? 
HETATM 1136 O  O   . HOH D 4 .   ? -3.311  -17.064 -14.909 1.000 27.055  0 323 HOH A O   1 ? 
HETATM 1137 O  O   . HOH D 4 .   ? -17.412 -5.163  2.342   1.000 34.386  0 324 HOH A O   1 ? 
HETATM 1138 O  O   . HOH D 4 .   ? -7.423  -10.280 -14.540 1.000 37.048  0 325 HOH A O   1 ? 
HETATM 1139 O  O   . HOH D 4 .   ? 2.192   -10.929 -5.912  1.000 22.384  0 326 HOH A O   1 ? 
HETATM 1140 O  O   . HOH D 4 .   ? -8.285  6.124   15.367  1.000 26.625  0 327 HOH A O   1 ? 
HETATM 1141 O  O   . HOH D 4 .   ? -0.095  -1.624  -7.663  1.000 17.891  0 328 HOH A O   1 ? 
HETATM 1142 O  O   . HOH D 4 .   ? -20.380 -5.958  -9.160  1.000 16.606  0 329 HOH A O   1 ? 
HETATM 1143 O  O   . HOH D 4 .   ? 15.023  -5.534  6.058   1.000 37.501  0 330 HOH A O   1 ? 
HETATM 1144 O  O   . HOH D 4 .   ? -2.114  -5.257  -4.956  1.000 15.727  0 331 HOH A O   1 ? 
HETATM 1145 O  O   . HOH D 4 .   ? -10.998 4.632   -11.806 1.000 19.811  0 332 HOH A O   1 ? 
HETATM 1146 O  O   . HOH D 4 .   ? -13.672 8.361   5.305   1.000 21.995  0 333 HOH A O   1 ? 
HETATM 1147 O  O   . HOH D 4 .   ? 7.352   -3.142  -8.041  1.000 16.109  0 334 HOH A O   1 ? 
HETATM 1148 O  O   . HOH D 4 .   ? -9.227  4.705   -15.081 1.000 33.611  0 335 HOH A O   1 ? 
HETATM 1149 O  O   . HOH D 4 .   ? -14.413 -10.850 0.703   1.000 33.939  0 336 HOH A O   1 ? 
HETATM 1150 O  O   . HOH D 4 .   ? -1.772  -2.599  -5.567  1.000 15.587  0 337 HOH A O   1 ? 
HETATM 1151 O  O   . HOH D 4 .   ? -16.186 3.902   -8.502  1.000 31.601  0 338 HOH A O   1 ? 
HETATM 1152 O  O   . HOH D 4 .   ? -2.146  18.148  18.012  1.000 30.671  0 339 HOH A O   1 ? 
HETATM 1153 O  O   . HOH D 4 .   ? -4.290  -12.153 -0.423  1.000 23.022  0 340 HOH A O   1 ? 
HETATM 1154 O  O   . HOH D 4 .   ? -14.794 -8.852  -9.880  1.000 28.776  0 341 HOH A O   1 ? 
HETATM 1155 O  O   . HOH D 4 .   ? -9.016  -9.507  4.644   1.000 28.136  0 342 HOH A O   1 ? 
HETATM 1156 O  O   . HOH D 4 .   ? 0.949   5.177   18.537  1.000 27.689  0 343 HOH A O   1 ? 
HETATM 1157 O  O   . HOH D 4 .   ? -19.097 -2.923  -9.868  1.000 28.236  0 344 HOH A O   1 ? 
HETATM 1158 O  O   . HOH D 4 .   ? 0.102   11.951  20.636  1.000 27.817  0 345 HOH A O   1 ? 
HETATM 1159 O  O   . HOH D 4 .   ? 4.597   5.424   -2.646  1.000 19.504  0 346 HOH A O   1 ? 
HETATM 1160 O  O   . HOH D 4 .   ? -11.022 -1.579  -16.333 1.000 31.414  0 347 HOH A O   1 ? 
HETATM 1161 O  O   . HOH D 4 .   ? 12.921  -5.412  -4.755  1.000 30.329  0 348 HOH A O   1 ? 
HETATM 1162 O  O   . HOH D 4 .   ? 5.885   10.222  11.933  1.000 16.155  0 349 HOH A O   1 ? 
HETATM 1163 O  O   . HOH D 4 .   ? -16.127 7.610   6.357   1.000 40.977  0 350 HOH A O   1 ? 
HETATM 1164 O  O   . HOH D 4 .   ? 1.772   15.692  14.776  1.000 30.826  0 351 HOH A O   1 ? 
HETATM 1165 O  O   . HOH D 4 .   ? -4.476  -7.804  -7.160  1.000 26.828  0 352 HOH A O   1 ? 
HETATM 1166 O  O   . HOH D 4 .   ? 10.830  -6.039  -1.236  1.000 24.370  0 353 HOH A O   1 ? 
HETATM 1167 O  O   . HOH D 4 .   ? -2.402  -8.660  -5.891  1.000 24.531  0 354 HOH A O   1 ? 
HETATM 1168 O  O   . HOH D 4 .   ? 7.359   0.980   11.553  1.000 27.058  0 355 HOH A O   1 ? 
HETATM 1169 O  O   . HOH D 4 .   ? 6.030   -7.076  -0.913  1.000 31.707  0 356 HOH A O   1 ? 
HETATM 1170 O  O   . HOH D 4 .   ? 4.355   -8.694  -9.253  1.000 16.889  0 357 HOH A O   1 ? 
HETATM 1171 O  O   . HOH D 4 .   ? -15.372 1.456   4.121   1.000 21.211  0 358 HOH A O   1 ? 
HETATM 1172 O  O   . HOH D 4 .   ? 3.530   -3.462  -5.465  1.000 14.020  0 359 HOH A O   1 ? 
HETATM 1173 O  O   . HOH D 4 .   ? -13.434 6.270   -0.848  1.000 20.034  0 360 HOH A O   1 ? 
HETATM 1174 O  O   . HOH D 4 .   ? -16.841 1.484   -2.292  1.000 21.719  0 361 HOH A O   1 ? 
HETATM 1175 O  O   . HOH D 4 .   ? -20.328 0.203   -10.189 1.000 30.798  0 362 HOH A O   1 ? 
HETATM 1176 O  O   . HOH D 4 .   ? -4.010  10.808  2.700   1.000 28.390  0 363 HOH A O   1 ? 
HETATM 1177 O  O   . HOH D 4 .   ? 6.269   -7.028  -8.029  1.000 16.736  0 364 HOH A O   1 ? 
HETATM 1178 O  O   . HOH D 4 .   ? 9.737   5.481   1.668   1.000 21.982  0 365 HOH A O   1 ? 
HETATM 1179 O  O   . HOH D 4 .   ? 7.126   5.875   0.747   1.000 18.158  0 366 HOH A O   1 ? 
HETATM 1180 O  O   . HOH D 4 .   ? -3.825  -0.912  -6.294  1.000 16.273  0 367 HOH A O   1 ? 
HETATM 1181 O  O   . HOH D 4 .   ? 0.632   -10.627 -18.263 1.000 28.380  0 368 HOH A O   1 ? 
HETATM 1182 O  O   . HOH D 4 .   ? 5.137   0.794   12.525  1.000 26.646  0 369 HOH A O   1 ? 
HETATM 1183 O  O   . HOH D 4 .   ? 13.381  -1.992  6.359   1.000 19.082  0 370 HOH A O   1 ? 
HETATM 1184 O  O   . HOH D 4 .   ? 0.143   10.963  0.816   1.000 31.782  0 371 HOH A O   1 ? 
HETATM 1185 O  O   . HOH D 4 .   ? -1.089  9.207   -5.079  1.000 41.657  0 372 HOH A O   1 ? 
HETATM 1186 O  O   . HOH D 4 .   ? 11.866  8.658   1.779   1.000 29.752  0 373 HOH A O   1 ? 
HETATM 1187 O  O   . HOH D 4 .   ? 14.073  -4.839  -0.357  1.000 22.137  0 374 HOH A O   1 ? 
HETATM 1188 O  O   . HOH D 4 .   ? 3.500   -8.671  3.936   1.000 26.404  0 375 HOH A O   1 ? 
HETATM 1189 O  O   . HOH D 4 .   ? -0.338  -12.810 -0.417  1.000 38.378  0 376 HOH A O   1 ? 
HETATM 1190 O  O   . HOH D 4 .   ? 1.406   -3.958  -7.160  1.000 18.472  0 377 HOH A O   1 ? 
HETATM 1191 O  O   . HOH D 4 .   ? -1.211  -4.784  12.104  1.000 34.163  0 378 HOH A O   1 ? 
HETATM 1192 O  O   . HOH D 4 .   ? 16.463  3.597   -0.307  1.000 28.997  0 379 HOH A O   1 ? 
HETATM 1193 O  O   . HOH D 4 .   ? -12.604 -5.135  -11.010 1.000 19.688  0 380 HOH A O   1 ? 
HETATM 1194 O  O   . HOH D 4 .   ? 0.547   8.252   20.068  1.000 30.420  0 381 HOH A O   1 ? 
HETATM 1195 O  O   . HOH D 4 .   ? 8.310   -12.071 -9.791  1.000 27.270  0 382 HOH A O   1 ? 
HETATM 1196 O  O   . HOH D 4 .   ? 2.795   -5.791  -16.776 1.000 22.861  0 383 HOH A O   1 ? 
HETATM 1197 O  O   . HOH D 4 .   ? 12.876  -7.321  3.174   1.000 38.364  0 384 HOH A O   1 ? 
HETATM 1198 O  O   . HOH D 4 .   ? 8.555   3.335   -2.362  1.000 28.472  0 385 HOH A O   1 ? 
HETATM 1199 O  O   . HOH D 4 .   ? -1.816  -10.401 -7.698  1.000 28.692  0 386 HOH A O   1 ? 
HETATM 1200 O  O   . HOH D 4 .   ? -7.000  -11.549 4.891   1.000 36.073  0 387 HOH A O   1 ? 
HETATM 1201 O  O   . HOH D 4 .   ? 11.887  4.830   0.058   1.000 27.495  0 388 HOH A O   1 ? 
HETATM 1202 O  O   . HOH D 4 .   ? -19.337 2.911   3.721   1.000 34.761  0 389 HOH A O   1 ? 
HETATM 1203 O  O   . HOH D 4 .   ? 10.562  13.912  8.564   1.000 17.635  0 390 HOH A O   1 ? 
HETATM 1204 O  O   . HOH D 4 .   ? 5.374   12.425  8.619   1.000 18.436  0 391 HOH A O   1 ? 
HETATM 1205 O  O   . HOH D 4 .   ? 8.426   12.954  4.243   1.000 26.762  0 392 HOH A O   1 ? 
HETATM 1206 O  O   . HOH D 4 .   ? -17.675 -1.362  -14.477 1.000 40.495  0 393 HOH A O   1 ? 
HETATM 1207 O  O   . HOH D 4 .   ? -10.649 0.866   15.459  1.000 29.246  0 394 HOH A O   1 ? 
HETATM 1208 O  O   . HOH D 4 .   ? 7.447   9.447   18.157  1.000 23.280  0 395 HOH A O   1 ? 
HETATM 1209 O  O   . HOH D 4 .   ? 12.390  14.275  10.708  1.000 17.357  0 396 HOH A O   1 ? 
HETATM 1210 O  O   . HOH D 4 .   ? -7.223  -9.911  -18.204 1.000 42.479  0 397 HOH A O   1 ? 
HETATM 1211 O  O   . HOH D 4 .   ? 18.879  -5.520  2.074   1.000 31.036  0 398 HOH A O   1 ? 
HETATM 1212 O  O   . HOH D 4 .   ? 13.353  1.615   13.185  1.000 25.350  0 399 HOH A O   1 ? 
HETATM 1213 O  O   . HOH D 4 .   ? -12.385 0.609   11.839  1.000 36.297  0 400 HOH A O   1 ? 
HETATM 1214 O  O   . HOH D 4 .   ? -2.585  14.653  21.002  1.000 37.817  0 401 HOH A O   1 ? 
HETATM 1215 O  O   . HOH D 4 .   ? -9.963  -9.779  2.052   1.000 22.902  0 402 HOH A O   1 ? 
HETATM 1216 O  O   . HOH D 4 .   ? -15.071 -5.798  6.035   1.000 27.434  0 403 HOH A O   1 ? 
HETATM 1217 O  O   . HOH D 4 .   ? 1.846   -16.910 -10.458 1.000 45.109  0 404 HOH A O   1 ? 
HETATM 1218 O  O   . HOH D 4 .   ? 11.018  0.967   -3.925  1.000 24.139  0 405 HOH A O   1 ? 
HETATM 1219 O  O   . HOH D 4 .   ? 21.791  -1.519  0.395   1.000 32.798  0 406 HOH A O   1 ? 
HETATM 1220 O  O   . HOH D 4 .   ? -4.754  8.454   -3.239  1.000 33.227  0 407 HOH A O   1 ? 
HETATM 1221 O  O   . HOH D 4 .   ? 13.809  5.181   16.505  1.000 27.660  0 408 HOH A O   1 ? 
HETATM 1222 O  O   . HOH D 4 .   ? -13.040 4.679   12.526  1.000 41.732  0 409 HOH A O   1 ? 
HETATM 1223 O  O   . HOH D 4 .   ? -11.880 13.902  5.578   1.000 34.720  0 410 HOH A O   1 ? 
HETATM 1224 O  O   . HOH D 4 .   ? -15.962 2.725   6.553   1.000 30.985  0 411 HOH A O   1 ? 
HETATM 1225 O  O   . HOH D 4 .   ? -13.347 -6.741  8.824   1.000 25.928  0 412 HOH A O   1 ? 
HETATM 1226 O  O   . HOH D 4 .   ? 8.971   15.051  16.622  1.000 47.871  0 413 HOH A O   1 ? 
HETATM 1227 O  O   . HOH D 4 .   ? 5.119   -4.649  -7.544  1.000 16.439  0 414 HOH A O   1 ? 
HETATM 1228 O  O   . HOH D 4 .   ? -13.103 10.591  6.863   1.000 33.426  0 415 HOH A O   1 ? 
HETATM 1229 O  O   . HOH D 4 .   ? 12.694  -0.382  -5.324  1.000 31.153  0 416 HOH A O   1 ? 
HETATM 1230 O  O   . HOH D 4 .   ? -1.457  12.651  2.153   1.000 43.027  0 417 HOH A O   1 ? 
HETATM 1231 O  O   . HOH D 4 .   ? 14.989  -1.478  -4.634  1.000 25.866  0 418 HOH A O   1 ? 
HETATM 1232 O  O   . HOH D 4 .   ? -12.460 8.130   0.963   1.000 21.399  0 419 HOH A O   1 ? 
HETATM 1233 O  O   . HOH D 4 .   ? 5.038   -9.402  5.957   1.000 44.891  0 420 HOH A O   1 ? 
HETATM 1234 O  O   . HOH D 4 .   ? -16.839 3.228   -0.049  1.000 22.619  0 421 HOH A O   1 ? 
HETATM 1235 O  O   . HOH D 4 .   ? -5.320  -12.930 -3.290  1.000 35.516  0 422 HOH A O   1 ? 
HETATM 1236 O  O   . HOH D 4 .   ? 10.379  15.286  12.494  1.000 30.661  0 423 HOH A O   1 ? 
HETATM 1237 O  O   . HOH D 4 .   ? -16.052 5.972   -0.456  1.000 24.648  0 424 HOH A O   1 ? 
HETATM 1238 O  O   . HOH D 4 .   ? 16.212  -4.017  -2.322  1.000 33.569  0 425 HOH A O   1 ? 
HETATM 1239 O  O   . HOH D 4 .   ? 13.377  -9.454  -13.374 1.000 30.237  0 426 HOH A O   1 ? 
HETATM 1240 O  O   . HOH D 4 .   ? -17.569 -4.727  5.204   1.000 46.041  0 427 HOH A O   1 ? 
HETATM 1241 O  O   . HOH D 4 .   ? 3.141   -9.603  -17.883 1.000 28.757  0 428 HOH A O   1 ? 
HETATM 1242 O  O   . HOH D 4 .   ? 8.677   -7.664  -1.014  1.000 33.317  0 429 HOH A O   1 ? 
HETATM 1243 O  O   . HOH D 4 .   ? 5.761   8.065   -2.238  1.000 38.534  0 430 HOH A O   1 ? 
HETATM 1244 O  O   . HOH D 4 .   ? -12.038 -10.964 9.884   1.000 27.390  0 431 HOH A O   1 ? 
HETATM 1245 O  O   . HOH D 4 .   ? -7.056  7.143   17.789  1.000 39.963  0 432 HOH A O   1 ? 
HETATM 1246 O  O   . HOH D 4 .   ? 6.663   4.307   -4.145  1.000 29.019  0 433 HOH A O   1 ? 
HETATM 1247 O  O   . HOH D 4 .   ? 6.587   -9.230  -6.441  1.000 26.267  0 434 HOH A O   1 ? 
HETATM 1248 O  O   . HOH D 4 .   ? 4.258   -10.898 -7.678  1.000 25.877  0 435 HOH A O   1 ? 
HETATM 1249 O  O   . HOH D 4 .   ? 5.098   -6.558  14.027  1.000 41.460  0 436 HOH A O   1 ? 
HETATM 1250 O  O   . HOH D 4 .   ? -0.328  -11.574 -23.642 1.000 33.618  0 437 HOH A O   1 ? 
HETATM 1251 O  O   . HOH D 4 .   ? -17.397 1.827   2.151   1.000 24.840  0 438 HOH A O   1 ? 
HETATM 1252 O  O   . HOH D 4 .   ? -16.309 9.138   10.381  1.000 52.384  0 439 HOH A O   1 ? 
HETATM 1253 O  O   . HOH D 4 .   ? -2.037  -6.979  9.628   1.000 44.068  0 440 HOH A O   1 ? 
HETATM 1254 O  O   . HOH D 4 .   ? -5.946  -10.321 -7.057  1.000 32.692  0 441 HOH A O   1 ? 
HETATM 1255 O  O   . HOH D 4 .   ? 21.475  -5.357  2.603   1.000 26.163  0 442 HOH A O   1 ? 
HETATM 1256 O  O   . HOH D 4 .   ? 3.100   -12.307 -3.633  1.000 38.175  0 443 HOH A O   1 ? 
HETATM 1257 O  O   . HOH D 4 .   ? 6.868   -9.965  -3.989  1.000 35.770  0 444 HOH A O   1 ? 
HETATM 1258 O  O   . HOH D 4 .   ? -18.324 -0.528  0.938   1.000 32.309  0 445 HOH A O   1 ? 
# 
